data_8KAP
#
_entry.id   8KAP
#
_cell.length_a   96.858
_cell.length_b   97.756
_cell.length_c   184.874
_cell.angle_alpha   90.000
_cell.angle_beta   90.000
_cell.angle_gamma   90.000
#
_symmetry.space_group_name_H-M   'P 21 21 21'
#
loop_
_entity.id
_entity.type
_entity.pdbx_description
1 polymer SGR_2426
2 non-polymer DI(HYDROXYETHYL)ETHER
3 non-polymer 2-[BIS-(2-HYDROXY-ETHYL)-AMINO]-2-HYDROXYMETHYL-PROPANE-1,3-DIOL
4 non-polymer 'TRIETHYLENE GLYCOL'
5 non-polymer 'PENTAETHYLENE GLYCOL'
6 water water
#
_entity_poly.entity_id   1
_entity_poly.type   'polypeptide(L)'
_entity_poly.pdbx_seq_one_letter_code
;MTHTPAWDQKTPVPFPEGFLWGASTAAHQIEGNNTDSDWWVKEHAAGTHIAEPSLDACDSYHRWPEDMDLLASLGFTDYR
FSVEWARIEPVEGHFSRAQLAHYRRMVEGAIERGLRPMVTLHHFTVPQWFEARGGWTAEGAVELFARYVAACAPVISEGV
SHVCTINEPNMIAVMAGQAKRGDNSFPPAGLPTPDDETTAAVIAAHHAAVKEVRALDAGIQVGWTIANQVYQALPGAEDV
TAAYRHPREDVFIEAARGDDWIGVQSYTRTRIGPEGPIPAADDVERTLTTWEYYPTAVGEALRHTAAVVGDVPLIVTENG
IATADDSRRVDYYAGALDEVASALADGLDIRGYLAWSALDNYEWGTYKATFGLIAIDWETFERTPRDSAKWLGSLGRTRE
LPRTAALEHHHHHH
;
_entity_poly.pdbx_strand_id   A,B,C,D
#
loop_
_chem_comp.id
_chem_comp.type
_chem_comp.name
_chem_comp.formula
1PE non-polymer 'PENTAETHYLENE GLYCOL' 'C10 H22 O6'
BTB non-polymer 2-[BIS-(2-HYDROXY-ETHYL)-AMINO]-2-HYDROXYMETHYL-PROPANE-1,3-DIOL 'C8 H19 N O5'
PEG non-polymer DI(HYDROXYETHYL)ETHER 'C4 H10 O3'
PGE non-polymer 'TRIETHYLENE GLYCOL' 'C6 H14 O4'
#
# COMPACT_ATOMS: atom_id res chain seq x y z
N LYS A 10 -13.92 -4.00 45.03
CA LYS A 10 -14.37 -4.21 46.44
C LYS A 10 -13.55 -5.33 47.07
N THR A 11 -13.42 -6.46 46.36
CA THR A 11 -12.70 -7.63 46.84
C THR A 11 -11.38 -7.74 46.08
N PRO A 12 -10.26 -8.15 46.74
CA PRO A 12 -8.98 -8.29 46.05
C PRO A 12 -9.03 -9.30 44.90
N VAL A 13 -8.35 -8.96 43.79
CA VAL A 13 -8.37 -9.75 42.57
C VAL A 13 -7.02 -10.47 42.44
N PRO A 14 -7.00 -11.82 42.39
CA PRO A 14 -5.73 -12.56 42.23
C PRO A 14 -5.11 -12.35 40.85
N PHE A 15 -3.78 -12.36 40.82
CA PHE A 15 -3.04 -12.35 39.56
C PHE A 15 -3.48 -13.54 38.71
N PRO A 16 -3.75 -13.34 37.40
CA PRO A 16 -3.73 -14.44 36.44
C PRO A 16 -2.39 -15.18 36.54
N GLU A 17 -2.37 -16.49 36.24
CA GLU A 17 -1.13 -17.23 36.24
C GLU A 17 -0.17 -16.62 35.22
N GLY A 18 1.12 -16.57 35.59
CA GLY A 18 2.16 -16.04 34.73
C GLY A 18 2.09 -14.52 34.59
N PHE A 19 1.30 -13.86 35.45
CA PHE A 19 1.08 -12.43 35.37
C PHE A 19 2.39 -11.69 35.63
N LEU A 20 2.77 -10.83 34.69
CA LEU A 20 3.97 -10.01 34.82
C LEU A 20 3.75 -8.99 35.93
N TRP A 21 4.72 -8.90 36.85
CA TRP A 21 4.68 -7.96 37.94
C TRP A 21 6.09 -7.41 38.20
N GLY A 22 6.27 -6.10 37.93
CA GLY A 22 7.59 -5.52 37.94
C GLY A 22 7.57 -4.01 37.72
N ALA A 23 8.65 -3.51 37.10
CA ALA A 23 8.83 -2.10 36.82
C ALA A 23 9.67 -1.94 35.57
N SER A 24 9.69 -0.73 35.01
CA SER A 24 10.28 -0.49 33.71
C SER A 24 11.34 0.62 33.78
N THR A 25 12.36 0.50 32.93
CA THR A 25 13.34 1.55 32.71
C THR A 25 13.59 1.70 31.20
N ALA A 26 14.37 2.73 30.84
CA ALA A 26 14.86 2.91 29.49
C ALA A 26 16.36 3.21 29.56
N ALA A 27 17.12 2.66 28.61
CA ALA A 27 18.57 2.66 28.66
C ALA A 27 19.11 4.09 28.83
N HIS A 28 18.64 5.03 27.99
CA HIS A 28 19.19 6.37 28.00
C HIS A 28 18.91 7.06 29.33
N GLN A 29 17.81 6.70 29.99
CA GLN A 29 17.35 7.44 31.17
C GLN A 29 18.09 6.96 32.43
N ILE A 30 18.75 5.79 32.37
CA ILE A 30 19.37 5.21 33.56
C ILE A 30 20.84 4.85 33.36
N GLU A 31 21.25 4.54 32.11
CA GLU A 31 22.52 3.85 31.90
C GLU A 31 23.71 4.79 32.14
N GLY A 32 23.63 6.02 31.62
CA GLY A 32 24.75 6.95 31.67
C GLY A 32 25.79 6.64 30.59
N ASN A 33 26.42 7.71 30.07
CA ASN A 33 27.45 7.60 29.05
C ASN A 33 26.91 6.88 27.82
N ASN A 34 25.70 7.28 27.40
CA ASN A 34 25.12 6.83 26.15
C ASN A 34 25.50 7.84 25.06
N THR A 35 26.80 7.89 24.75
CA THR A 35 27.40 9.07 24.15
C THR A 35 27.30 9.08 22.63
N ASP A 36 26.75 8.01 22.03
CA ASP A 36 26.61 7.93 20.59
C ASP A 36 25.13 8.04 20.19
N SER A 37 24.27 8.40 21.14
CA SER A 37 22.85 8.59 20.85
C SER A 37 22.64 9.99 20.28
N ASP A 38 21.45 10.20 19.69
CA ASP A 38 21.06 11.52 19.22
C ASP A 38 20.90 12.46 20.42
N TRP A 39 20.46 11.91 21.56
CA TRP A 39 20.20 12.74 22.73
C TRP A 39 21.49 13.25 23.36
N TRP A 40 22.57 12.44 23.35
CA TRP A 40 23.83 12.92 23.87
C TRP A 40 24.25 14.18 23.11
N VAL A 41 24.15 14.13 21.77
CA VAL A 41 24.55 15.24 20.92
C VAL A 41 23.65 16.44 21.19
N LYS A 42 22.33 16.24 21.21
CA LYS A 42 21.39 17.34 21.42
C LYS A 42 21.61 17.99 22.80
N GLU A 43 21.94 17.17 23.80
CA GLU A 43 22.14 17.65 25.16
C GLU A 43 23.32 18.60 25.26
N HIS A 44 24.30 18.47 24.34
CA HIS A 44 25.53 19.23 24.40
C HIS A 44 25.70 20.15 23.19
N ALA A 45 24.66 20.23 22.35
CA ALA A 45 24.73 21.01 21.12
C ALA A 45 24.69 22.50 21.44
N ALA A 46 25.37 23.30 20.61
CA ALA A 46 25.29 24.75 20.67
C ALA A 46 23.83 25.19 20.63
N GLY A 47 23.41 25.97 21.64
CA GLY A 47 22.08 26.56 21.67
C GLY A 47 21.00 25.58 22.08
N THR A 48 21.37 24.48 22.75
CA THR A 48 20.43 23.45 23.16
C THR A 48 19.48 24.02 24.22
N HIS A 49 18.18 23.69 24.08
CA HIS A 49 17.16 24.12 25.01
C HIS A 49 16.97 23.09 26.13
N ILE A 50 17.78 22.03 26.11
CA ILE A 50 17.65 20.93 27.05
C ILE A 50 18.27 21.37 28.38
N ALA A 51 17.43 21.37 29.43
CA ALA A 51 17.73 22.03 30.70
C ALA A 51 19.07 21.54 31.25
N GLU A 52 19.20 20.22 31.39
CA GLU A 52 20.42 19.62 31.93
C GLU A 52 20.71 18.33 31.16
N PRO A 53 22.01 17.98 31.00
CA PRO A 53 22.40 16.77 30.27
C PRO A 53 22.27 15.47 31.07
N SER A 54 22.38 14.34 30.37
CA SER A 54 22.13 13.03 30.95
C SER A 54 23.35 12.55 31.73
N LEU A 55 24.55 12.72 31.14
CA LEU A 55 25.81 12.36 31.79
C LEU A 55 25.72 10.91 32.30
N ASP A 56 25.91 10.71 33.61
CA ASP A 56 26.09 9.39 34.20
C ASP A 56 24.74 8.77 34.58
N ALA A 57 23.70 9.61 34.72
CA ALA A 57 22.39 9.14 35.14
C ALA A 57 22.54 8.25 36.37
N CYS A 58 22.03 7.01 36.32
CA CYS A 58 22.09 6.10 37.45
C CYS A 58 23.33 5.20 37.35
N ASP A 59 24.08 5.31 36.24
CA ASP A 59 25.17 4.42 35.92
C ASP A 59 24.71 2.97 36.01
N SER A 60 23.54 2.70 35.42
CA SER A 60 23.00 1.35 35.36
C SER A 60 23.75 0.52 34.31
N TYR A 61 24.58 1.19 33.49
CA TYR A 61 25.45 0.48 32.58
C TYR A 61 26.32 -0.50 33.37
N HIS A 62 26.76 -0.08 34.57
CA HIS A 62 27.57 -0.92 35.44
C HIS A 62 26.72 -1.58 36.52
N ARG A 63 25.62 -0.92 36.92
CA ARG A 63 24.95 -1.23 38.18
C ARG A 63 23.57 -1.84 37.94
N TRP A 64 23.32 -2.37 36.73
CA TRP A 64 22.09 -3.09 36.45
C TRP A 64 22.02 -4.37 37.30
N PRO A 65 23.15 -5.02 37.67
CA PRO A 65 23.10 -6.17 38.58
C PRO A 65 22.49 -5.79 39.94
N GLU A 66 22.79 -4.58 40.42
CA GLU A 66 22.27 -4.10 41.69
C GLU A 66 20.78 -3.76 41.54
N ASP A 67 20.42 -3.10 40.43
CA ASP A 67 19.05 -2.78 40.12
C ASP A 67 18.17 -4.03 40.21
N MET A 68 18.69 -5.13 39.64
CA MET A 68 17.94 -6.36 39.49
C MET A 68 17.87 -7.12 40.81
N ASP A 69 18.99 -7.16 41.54
CA ASP A 69 19.03 -7.68 42.89
C ASP A 69 17.95 -7.01 43.74
N LEU A 70 17.87 -5.67 43.66
CA LEU A 70 16.95 -4.91 44.49
C LEU A 70 15.49 -5.26 44.14
N LEU A 71 15.21 -5.41 42.84
CA LEU A 71 13.86 -5.71 42.39
C LEU A 71 13.42 -7.10 42.85
N ALA A 72 14.31 -8.09 42.73
CA ALA A 72 14.02 -9.44 43.18
C ALA A 72 13.81 -9.47 44.70
N SER A 73 14.66 -8.70 45.40
CA SER A 73 14.61 -8.61 46.85
C SER A 73 13.28 -8.03 47.33
N LEU A 74 12.73 -7.09 46.54
CA LEU A 74 11.49 -6.40 46.91
C LEU A 74 10.28 -7.29 46.65
N GLY A 75 10.45 -8.32 45.81
CA GLY A 75 9.38 -9.28 45.54
C GLY A 75 8.90 -9.25 44.09
N PHE A 76 9.33 -8.25 43.32
CA PHE A 76 8.97 -8.16 41.90
C PHE A 76 9.48 -9.39 41.17
N THR A 77 8.79 -9.75 40.08
CA THR A 77 9.05 -10.98 39.34
C THR A 77 9.44 -10.69 37.89
N ASP A 78 9.50 -9.40 37.52
CA ASP A 78 9.65 -9.02 36.12
C ASP A 78 10.39 -7.68 36.04
N TYR A 79 11.17 -7.50 34.96
CA TYR A 79 11.87 -6.24 34.73
C TYR A 79 11.87 -5.91 33.24
N ARG A 80 11.24 -4.80 32.89
CA ARG A 80 11.31 -4.24 31.54
C ARG A 80 12.44 -3.22 31.48
N PHE A 81 13.43 -3.50 30.63
CA PHE A 81 14.48 -2.54 30.33
C PHE A 81 14.65 -2.50 28.81
N SER A 82 15.40 -1.50 28.32
CA SER A 82 15.62 -1.36 26.89
C SER A 82 17.08 -1.66 26.55
N VAL A 83 17.28 -1.97 25.26
CA VAL A 83 18.58 -2.27 24.69
C VAL A 83 18.87 -1.19 23.65
N GLU A 84 20.09 -0.64 23.66
CA GLU A 84 20.36 0.62 22.98
C GLU A 84 21.00 0.38 21.61
N TRP A 85 20.27 0.81 20.58
CA TRP A 85 20.76 0.81 19.20
C TRP A 85 22.06 1.62 19.10
N ALA A 86 22.08 2.81 19.72
CA ALA A 86 23.23 3.71 19.66
C ALA A 86 24.52 3.01 20.07
N ARG A 87 24.44 2.05 21.00
CA ARG A 87 25.60 1.30 21.44
C ARG A 87 25.87 0.12 20.52
N ILE A 88 24.79 -0.59 20.15
CA ILE A 88 24.89 -1.80 19.37
C ILE A 88 25.40 -1.49 17.96
N GLU A 89 24.93 -0.37 17.40
CA GLU A 89 25.38 0.07 16.09
C GLU A 89 25.85 1.52 16.20
N PRO A 90 27.05 1.76 16.77
CA PRO A 90 27.54 3.11 17.04
C PRO A 90 27.99 3.85 15.78
N VAL A 91 28.32 3.06 14.74
CA VAL A 91 28.57 3.57 13.41
C VAL A 91 27.79 2.69 12.44
N GLU A 92 27.21 3.30 11.40
CA GLU A 92 26.30 2.59 10.50
C GLU A 92 27.01 1.36 9.94
N GLY A 93 26.39 0.19 10.13
CA GLY A 93 26.86 -1.06 9.56
C GLY A 93 28.01 -1.69 10.33
N HIS A 94 28.32 -1.15 11.52
CA HIS A 94 29.38 -1.68 12.37
C HIS A 94 28.78 -2.15 13.68
N PHE A 95 28.31 -3.39 13.70
CA PHE A 95 27.60 -3.94 14.84
C PHE A 95 28.60 -4.39 15.91
N SER A 96 28.39 -3.91 17.14
CA SER A 96 29.25 -4.22 18.26
C SER A 96 28.83 -5.54 18.90
N ARG A 97 29.66 -6.57 18.72
CA ARG A 97 29.49 -7.84 19.42
C ARG A 97 29.67 -7.63 20.92
N ALA A 98 30.52 -6.66 21.29
CA ALA A 98 30.78 -6.34 22.68
C ALA A 98 29.49 -5.87 23.37
N GLN A 99 28.73 -4.99 22.71
CA GLN A 99 27.54 -4.41 23.32
C GLN A 99 26.38 -5.41 23.26
N LEU A 100 26.35 -6.28 22.25
CA LEU A 100 25.34 -7.32 22.17
C LEU A 100 25.54 -8.30 23.32
N ALA A 101 26.81 -8.62 23.61
CA ALA A 101 27.17 -9.48 24.73
C ALA A 101 26.77 -8.82 26.05
N HIS A 102 26.99 -7.51 26.16
CA HIS A 102 26.63 -6.75 27.35
C HIS A 102 25.14 -6.92 27.64
N TYR A 103 24.31 -6.75 26.61
CA TYR A 103 22.86 -6.75 26.77
C TYR A 103 22.36 -8.20 26.91
N ARG A 104 23.09 -9.16 26.37
CA ARG A 104 22.78 -10.56 26.61
C ARG A 104 23.04 -10.91 28.07
N ARG A 105 24.13 -10.37 28.63
CA ARG A 105 24.46 -10.60 30.02
C ARG A 105 23.38 -10.00 30.93
N MET A 106 22.71 -8.94 30.48
CA MET A 106 21.59 -8.35 31.22
C MET A 106 20.43 -9.36 31.28
N VAL A 107 20.09 -9.95 30.12
CA VAL A 107 19.00 -10.90 30.02
C VAL A 107 19.29 -12.08 30.93
N GLU A 108 20.44 -12.72 30.71
CA GLU A 108 20.88 -13.86 31.49
C GLU A 108 20.86 -13.52 32.98
N GLY A 109 21.40 -12.34 33.31
CA GLY A 109 21.54 -11.90 34.69
C GLY A 109 20.19 -11.66 35.36
N ALA A 110 19.19 -11.24 34.58
CA ALA A 110 17.84 -11.08 35.09
C ALA A 110 17.27 -12.45 35.48
N ILE A 111 17.55 -13.48 34.68
CA ILE A 111 17.03 -14.82 34.92
C ILE A 111 17.74 -15.42 36.14
N GLU A 112 19.04 -15.16 36.29
CA GLU A 112 19.82 -15.70 37.40
C GLU A 112 19.37 -15.07 38.73
N ARG A 113 18.70 -13.92 38.67
CA ARG A 113 18.24 -13.22 39.86
C ARG A 113 16.73 -13.40 40.05
N GLY A 114 16.13 -14.32 39.27
CA GLY A 114 14.74 -14.69 39.44
C GLY A 114 13.77 -13.64 38.90
N LEU A 115 14.22 -12.86 37.91
CA LEU A 115 13.37 -11.90 37.20
C LEU A 115 13.14 -12.40 35.78
N ARG A 116 11.92 -12.22 35.28
CA ARG A 116 11.61 -12.48 33.89
C ARG A 116 11.82 -11.18 33.09
N PRO A 117 12.83 -11.11 32.20
CA PRO A 117 13.13 -9.89 31.46
C PRO A 117 12.25 -9.66 30.24
N MET A 118 11.45 -8.58 30.26
CA MET A 118 10.85 -8.05 29.04
C MET A 118 11.83 -7.06 28.43
N VAL A 119 12.08 -7.19 27.12
CA VAL A 119 13.12 -6.42 26.44
C VAL A 119 12.48 -5.41 25.49
N THR A 120 12.90 -4.15 25.60
CA THR A 120 12.56 -3.11 24.65
C THR A 120 13.75 -2.89 23.72
N LEU A 121 13.52 -2.99 22.42
CA LEU A 121 14.60 -2.90 21.44
C LEU A 121 14.93 -1.44 21.12
N HIS A 122 13.91 -0.57 21.19
CA HIS A 122 14.10 0.84 20.89
C HIS A 122 13.21 1.66 21.82
N HIS A 123 13.82 2.69 22.45
CA HIS A 123 13.11 3.55 23.36
C HIS A 123 13.54 5.00 23.09
N PHE A 124 12.99 5.56 22.00
CA PHE A 124 13.15 6.96 21.64
C PHE A 124 14.52 7.22 21.01
N THR A 125 15.59 7.05 21.79
CA THR A 125 16.93 7.37 21.33
C THR A 125 17.29 6.54 20.11
N VAL A 126 17.96 7.20 19.15
CA VAL A 126 18.52 6.55 17.99
C VAL A 126 20.03 6.80 17.98
N PRO A 127 20.82 6.02 17.22
CA PRO A 127 22.22 6.37 16.97
C PRO A 127 22.29 7.74 16.30
N GLN A 128 23.35 8.51 16.61
CA GLN A 128 23.47 9.88 16.13
C GLN A 128 23.46 9.89 14.60
N TRP A 129 24.17 8.94 13.98
CA TRP A 129 24.28 8.90 12.52
C TRP A 129 22.91 8.68 11.89
N PHE A 130 22.00 8.03 12.62
CA PHE A 130 20.65 7.78 12.12
C PHE A 130 19.86 9.09 12.09
N GLU A 131 20.07 9.96 13.09
CA GLU A 131 19.54 11.32 13.07
C GLU A 131 20.18 12.11 11.92
N ALA A 132 21.50 11.96 11.77
CA ALA A 132 22.28 12.78 10.86
C ALA A 132 21.83 12.58 9.41
N ARG A 133 21.43 11.34 9.07
CA ARG A 133 21.04 10.99 7.72
C ARG A 133 19.57 11.35 7.46
N GLY A 134 18.85 11.83 8.49
CA GLY A 134 17.51 12.38 8.31
C GLY A 134 16.42 11.62 9.07
N GLY A 135 16.81 10.65 9.92
CA GLY A 135 15.89 10.07 10.88
C GLY A 135 14.93 9.05 10.25
N TRP A 136 13.69 9.05 10.76
CA TRP A 136 12.73 7.98 10.50
C TRP A 136 12.15 8.07 9.09
N THR A 137 12.09 9.29 8.55
CA THR A 137 11.43 9.53 7.26
C THR A 137 12.45 9.45 6.13
N ALA A 138 13.73 9.24 6.46
CA ALA A 138 14.78 9.11 5.46
C ALA A 138 14.60 7.77 4.73
N GLU A 139 14.94 7.75 3.44
CA GLU A 139 15.00 6.51 2.68
C GLU A 139 15.93 5.53 3.39
N GLY A 140 15.44 4.31 3.63
CA GLY A 140 16.25 3.24 4.19
C GLY A 140 16.15 3.12 5.70
N ALA A 141 15.32 3.96 6.32
CA ALA A 141 15.19 4.01 7.77
C ALA A 141 14.59 2.70 8.29
N VAL A 142 13.54 2.22 7.60
CA VAL A 142 12.85 0.99 7.95
C VAL A 142 13.81 -0.20 7.82
N GLU A 143 14.65 -0.19 6.78
CA GLU A 143 15.56 -1.30 6.53
C GLU A 143 16.66 -1.31 7.59
N LEU A 144 17.14 -0.12 7.99
CA LEU A 144 18.14 0.01 9.03
C LEU A 144 17.61 -0.58 10.35
N PHE A 145 16.36 -0.25 10.69
CA PHE A 145 15.77 -0.68 11.95
C PHE A 145 15.61 -2.20 11.96
N ALA A 146 15.11 -2.76 10.85
CA ALA A 146 14.87 -4.19 10.75
C ALA A 146 16.18 -4.96 10.89
N ARG A 147 17.26 -4.43 10.30
CA ARG A 147 18.58 -5.04 10.37
C ARG A 147 19.08 -5.02 11.82
N TYR A 148 18.84 -3.91 12.53
CA TYR A 148 19.24 -3.77 13.92
C TYR A 148 18.48 -4.79 14.78
N VAL A 149 17.18 -4.97 14.50
CA VAL A 149 16.38 -5.92 15.26
C VAL A 149 16.92 -7.33 15.02
N ALA A 150 17.26 -7.65 13.76
CA ALA A 150 17.84 -8.93 13.41
C ALA A 150 19.16 -9.13 14.15
N ALA A 151 19.94 -8.05 14.30
CA ALA A 151 21.25 -8.12 14.92
C ALA A 151 21.13 -8.40 16.42
N CYS A 152 19.96 -8.11 17.00
CA CYS A 152 19.71 -8.30 18.42
C CYS A 152 19.32 -9.74 18.75
N ALA A 153 19.33 -10.63 17.74
CA ALA A 153 18.92 -12.02 17.92
C ALA A 153 19.67 -12.68 19.07
N PRO A 154 21.02 -12.60 19.15
CA PRO A 154 21.76 -13.18 20.27
C PRO A 154 21.30 -12.71 21.66
N VAL A 155 20.63 -11.56 21.73
CA VAL A 155 20.11 -11.04 22.99
C VAL A 155 18.81 -11.75 23.36
N ILE A 156 17.90 -11.92 22.39
CA ILE A 156 16.53 -12.32 22.68
C ILE A 156 16.24 -13.76 22.24
N SER A 157 17.25 -14.45 21.70
CA SER A 157 17.12 -15.84 21.25
C SER A 157 16.45 -16.71 22.31
N GLU A 158 16.97 -16.65 23.54
CA GLU A 158 16.58 -17.53 24.63
C GLU A 158 16.28 -16.70 25.88
N GLY A 159 15.38 -17.21 26.72
CA GLY A 159 15.14 -16.64 28.04
C GLY A 159 14.20 -15.44 28.03
N VAL A 160 13.74 -15.02 26.84
CA VAL A 160 12.93 -13.82 26.71
C VAL A 160 11.60 -14.21 26.06
N SER A 161 10.50 -13.86 26.73
CA SER A 161 9.16 -14.25 26.30
C SER A 161 8.40 -13.05 25.75
N HIS A 162 8.75 -11.84 26.21
CA HIS A 162 8.08 -10.62 25.79
C HIS A 162 9.12 -9.63 25.24
N VAL A 163 8.89 -9.18 24.00
CA VAL A 163 9.73 -8.16 23.38
C VAL A 163 8.84 -7.01 22.89
N CYS A 164 9.28 -5.79 23.17
CA CYS A 164 8.70 -4.58 22.61
C CYS A 164 9.63 -4.04 21.53
N THR A 165 9.08 -3.76 20.34
CA THR A 165 9.86 -3.28 19.21
C THR A 165 10.20 -1.80 19.41
N ILE A 166 9.15 -0.97 19.49
CA ILE A 166 9.29 0.48 19.50
C ILE A 166 8.37 1.03 20.58
N ASN A 167 8.95 1.76 21.54
CA ASN A 167 8.20 2.35 22.64
C ASN A 167 7.48 3.60 22.17
N GLU A 168 6.19 3.70 22.50
CA GLU A 168 5.37 4.88 22.23
C GLU A 168 5.68 5.45 20.84
N PRO A 169 5.32 4.74 19.74
CA PRO A 169 5.52 5.27 18.39
C PRO A 169 4.72 6.53 18.11
N ASN A 170 3.59 6.70 18.83
CA ASN A 170 2.77 7.89 18.65
C ASN A 170 3.52 9.13 19.12
N MET A 171 4.35 8.99 20.16
CA MET A 171 5.14 10.11 20.67
C MET A 171 6.26 10.48 19.70
N ILE A 172 6.91 9.47 19.11
CA ILE A 172 7.90 9.70 18.07
C ILE A 172 7.24 10.53 16.96
N ALA A 173 6.03 10.13 16.59
CA ALA A 173 5.30 10.74 15.49
C ALA A 173 4.90 12.18 15.84
N VAL A 174 4.49 12.40 17.10
CA VAL A 174 4.09 13.72 17.55
C VAL A 174 5.30 14.65 17.60
N MET A 175 6.43 14.12 18.08
CA MET A 175 7.64 14.92 18.24
C MET A 175 8.25 15.24 16.86
N ALA A 176 8.05 14.33 15.90
CA ALA A 176 8.51 14.52 14.53
C ALA A 176 7.86 15.77 13.94
N GLY A 177 6.58 16.00 14.29
CA GLY A 177 5.86 17.18 13.86
C GLY A 177 6.51 18.47 14.35
N GLN A 178 6.94 18.48 15.62
CA GLN A 178 7.54 19.65 16.23
C GLN A 178 8.87 19.99 15.55
N ALA A 179 9.72 18.98 15.32
CA ALA A 179 11.02 19.17 14.72
C ALA A 179 10.86 19.73 13.30
N LYS A 180 9.95 19.12 12.54
CA LYS A 180 9.56 19.58 11.21
C LYS A 180 9.26 21.08 11.24
N ARG A 181 8.35 21.47 12.14
CA ARG A 181 7.83 22.84 12.19
C ARG A 181 8.75 23.74 13.02
N GLY A 182 9.77 23.16 13.66
CA GLY A 182 10.78 23.93 14.36
C GLY A 182 10.26 24.61 15.64
N ASP A 183 9.19 24.07 16.24
CA ASP A 183 8.71 24.55 17.52
C ASP A 183 9.43 23.79 18.64
N ASN A 184 10.12 24.53 19.52
CA ASN A 184 10.73 23.97 20.71
C ASN A 184 9.73 23.98 21.86
N SER A 185 8.56 24.58 21.61
CA SER A 185 7.52 24.76 22.62
C SER A 185 6.61 23.53 22.68
N PHE A 186 5.46 23.65 23.35
CA PHE A 186 4.54 22.55 23.57
C PHE A 186 3.20 23.11 24.00
N PRO A 187 2.04 22.57 23.55
CA PRO A 187 0.74 23.15 23.89
C PRO A 187 0.40 22.97 25.36
N PRO A 188 -0.45 23.86 25.95
CA PRO A 188 -0.86 23.72 27.35
C PRO A 188 -1.55 22.40 27.65
N ALA A 189 -2.23 21.84 26.63
CA ALA A 189 -2.82 20.51 26.73
C ALA A 189 -2.88 19.88 25.34
N GLY A 190 -3.03 18.55 25.29
CA GLY A 190 -3.02 17.81 24.06
C GLY A 190 -1.60 17.56 23.56
N LEU A 191 -1.48 17.03 22.34
CA LEU A 191 -0.20 16.79 21.70
C LEU A 191 -0.15 17.54 20.37
N PRO A 192 1.05 17.97 19.91
CA PRO A 192 1.22 18.48 18.55
C PRO A 192 0.73 17.51 17.49
N THR A 193 0.23 18.07 16.37
CA THR A 193 -0.19 17.29 15.22
C THR A 193 0.93 16.34 14.83
N PRO A 194 0.69 15.00 14.79
CA PRO A 194 1.72 14.04 14.40
C PRO A 194 2.11 14.15 12.92
N ASP A 195 3.39 13.88 12.64
CA ASP A 195 3.86 13.79 11.27
C ASP A 195 3.34 12.50 10.64
N ASP A 196 2.60 12.63 9.54
CA ASP A 196 2.03 11.50 8.83
C ASP A 196 3.14 10.60 8.27
N GLU A 197 4.25 11.21 7.84
CA GLU A 197 5.32 10.49 7.17
C GLU A 197 6.03 9.59 8.18
N THR A 198 6.21 10.10 9.40
CA THR A 198 6.88 9.37 10.47
C THR A 198 5.97 8.26 10.97
N THR A 199 4.68 8.56 11.07
CA THR A 199 3.66 7.59 11.44
C THR A 199 3.78 6.33 10.58
N ALA A 200 3.81 6.50 9.25
CA ALA A 200 3.89 5.38 8.33
C ALA A 200 5.24 4.66 8.45
N ALA A 201 6.30 5.43 8.71
CA ALA A 201 7.63 4.87 8.82
C ALA A 201 7.71 3.93 10.03
N VAL A 202 7.20 4.38 11.18
CA VAL A 202 7.34 3.62 12.42
C VAL A 202 6.41 2.42 12.40
N ILE A 203 5.25 2.53 11.74
CA ILE A 203 4.34 1.40 11.57
C ILE A 203 5.04 0.35 10.71
N ALA A 204 5.61 0.76 9.57
CA ALA A 204 6.33 -0.16 8.70
C ALA A 204 7.49 -0.80 9.45
N ALA A 205 8.22 0.02 10.23
CA ALA A 205 9.39 -0.44 10.97
C ALA A 205 8.98 -1.49 12.00
N HIS A 206 7.80 -1.30 12.60
CA HIS A 206 7.29 -2.18 13.64
C HIS A 206 6.94 -3.56 13.08
N HIS A 207 6.26 -3.59 11.92
CA HIS A 207 5.83 -4.84 11.32
C HIS A 207 7.04 -5.64 10.84
N ALA A 208 8.01 -4.95 10.25
CA ALA A 208 9.24 -5.57 9.78
C ALA A 208 10.01 -6.14 10.99
N ALA A 209 9.92 -5.43 12.12
CA ALA A 209 10.56 -5.84 13.36
C ALA A 209 9.88 -7.08 13.94
N VAL A 210 8.54 -7.06 13.96
CA VAL A 210 7.75 -8.18 14.44
C VAL A 210 8.11 -9.44 13.64
N LYS A 211 8.25 -9.29 12.31
CA LYS A 211 8.62 -10.39 11.44
C LYS A 211 9.97 -10.98 11.85
N GLU A 212 10.95 -10.12 12.13
CA GLU A 212 12.31 -10.54 12.43
C GLU A 212 12.35 -11.34 13.73
N VAL A 213 11.54 -10.93 14.72
CA VAL A 213 11.55 -11.52 16.04
C VAL A 213 10.85 -12.88 16.01
N ARG A 214 9.69 -12.93 15.34
CA ARG A 214 8.94 -14.17 15.17
C ARG A 214 9.75 -15.17 14.33
N ALA A 215 10.59 -14.66 13.42
CA ALA A 215 11.40 -15.49 12.55
C ALA A 215 12.44 -16.28 13.34
N LEU A 216 12.75 -15.85 14.57
CA LEU A 216 13.69 -16.56 15.42
C LEU A 216 13.10 -17.91 15.85
N ASP A 217 11.77 -18.02 15.84
CA ASP A 217 11.07 -19.26 16.11
C ASP A 217 11.34 -19.68 17.55
N ALA A 218 11.40 -18.68 18.45
CA ALA A 218 11.67 -18.90 19.86
C ALA A 218 10.38 -18.79 20.68
N GLY A 219 9.26 -18.52 20.00
CA GLY A 219 7.97 -18.39 20.66
C GLY A 219 7.85 -17.07 21.42
N ILE A 220 8.56 -16.05 20.93
CA ILE A 220 8.56 -14.73 21.56
C ILE A 220 7.22 -14.06 21.24
N GLN A 221 6.67 -13.38 22.26
CA GLN A 221 5.50 -12.55 22.09
C GLN A 221 5.96 -11.12 21.77
N VAL A 222 5.72 -10.67 20.53
CA VAL A 222 6.15 -9.35 20.10
C VAL A 222 4.95 -8.40 20.09
N GLY A 223 5.26 -7.11 20.30
CA GLY A 223 4.31 -6.03 20.10
C GLY A 223 5.01 -4.69 20.28
N TRP A 224 4.22 -3.63 20.51
CA TRP A 224 4.77 -2.35 20.92
C TRP A 224 3.85 -1.69 21.93
N THR A 225 4.23 -0.50 22.42
CA THR A 225 3.54 0.14 23.52
C THR A 225 3.03 1.50 23.07
N ILE A 226 1.89 1.91 23.66
CA ILE A 226 1.18 3.11 23.26
C ILE A 226 1.23 4.12 24.40
N ALA A 227 1.52 5.39 24.07
CA ALA A 227 1.31 6.49 24.98
C ALA A 227 -0.18 6.82 25.02
N ASN A 228 -0.92 6.16 25.92
CA ASN A 228 -2.34 6.41 26.06
C ASN A 228 -2.56 7.75 26.77
N GLN A 229 -3.48 8.55 26.23
CA GLN A 229 -3.67 9.92 26.68
C GLN A 229 -4.95 10.06 27.50
N VAL A 230 -5.86 9.08 27.40
CA VAL A 230 -7.12 9.11 28.12
C VAL A 230 -7.81 10.43 27.79
N TYR A 231 -8.06 10.65 26.50
CA TYR A 231 -8.83 11.79 26.04
C TYR A 231 -10.29 11.55 26.39
N GLN A 232 -10.85 12.44 27.22
CA GLN A 232 -12.25 12.38 27.61
C GLN A 232 -12.99 13.54 26.94
N ALA A 233 -13.96 13.20 26.09
CA ALA A 233 -14.83 14.20 25.48
C ALA A 233 -15.75 14.78 26.55
N LEU A 234 -15.75 16.11 26.68
CA LEU A 234 -16.79 16.79 27.44
C LEU A 234 -18.13 16.41 26.81
N PRO A 235 -19.26 16.44 27.56
CA PRO A 235 -20.53 15.95 27.05
C PRO A 235 -20.97 16.63 25.74
N GLY A 236 -20.32 17.75 25.41
CA GLY A 236 -20.49 18.42 24.13
C GLY A 236 -20.18 17.51 22.94
N ALA A 237 -18.91 17.50 22.51
CA ALA A 237 -18.53 16.94 21.23
C ALA A 237 -17.61 15.74 21.41
N GLU A 238 -18.12 14.55 21.05
CA GLU A 238 -17.34 13.32 21.01
C GLU A 238 -16.65 13.20 19.65
N ASP A 239 -17.15 13.94 18.66
CA ASP A 239 -16.65 13.85 17.30
C ASP A 239 -15.31 14.56 17.20
N VAL A 240 -15.16 15.68 17.93
CA VAL A 240 -13.91 16.41 18.00
C VAL A 240 -12.87 15.55 18.71
N THR A 241 -13.28 14.87 19.79
CA THR A 241 -12.38 14.04 20.58
C THR A 241 -11.80 12.91 19.73
N ALA A 242 -12.67 12.13 19.08
CA ALA A 242 -12.26 10.96 18.32
C ALA A 242 -11.39 11.36 17.14
N ALA A 243 -11.73 12.49 16.50
CA ALA A 243 -10.94 13.05 15.41
C ALA A 243 -9.56 13.43 15.91
N TYR A 244 -9.51 14.03 17.11
CA TYR A 244 -8.26 14.45 17.71
C TYR A 244 -7.42 13.24 18.11
N ARG A 245 -8.09 12.24 18.69
CA ARG A 245 -7.45 11.08 19.28
C ARG A 245 -6.87 10.16 18.20
N HIS A 246 -7.53 10.08 17.04
CA HIS A 246 -7.27 9.05 16.05
C HIS A 246 -5.78 9.02 15.67
N PRO A 247 -5.19 10.11 15.13
CA PRO A 247 -3.80 10.07 14.69
C PRO A 247 -2.78 10.12 15.83
N ARG A 248 -3.23 10.54 17.02
CA ARG A 248 -2.37 10.66 18.18
C ARG A 248 -2.31 9.35 18.96
N GLU A 249 -3.25 8.43 18.71
CA GLU A 249 -3.33 7.21 19.51
C GLU A 249 -3.81 6.03 18.67
N ASP A 250 -5.06 6.07 18.22
CA ASP A 250 -5.77 4.88 17.78
C ASP A 250 -5.10 4.21 16.58
N VAL A 251 -4.51 5.00 15.67
CA VAL A 251 -3.92 4.44 14.46
C VAL A 251 -2.78 3.49 14.82
N PHE A 252 -2.09 3.76 15.94
CA PHE A 252 -0.98 2.94 16.38
C PHE A 252 -1.50 1.67 17.05
N ILE A 253 -2.67 1.77 17.72
CA ILE A 253 -3.31 0.62 18.32
C ILE A 253 -3.88 -0.27 17.21
N GLU A 254 -4.49 0.36 16.20
CA GLU A 254 -5.08 -0.35 15.07
C GLU A 254 -4.00 -1.20 14.40
N ALA A 255 -2.78 -0.65 14.32
CA ALA A 255 -1.67 -1.29 13.65
C ALA A 255 -1.11 -2.47 14.45
N ALA A 256 -1.58 -2.64 15.70
CA ALA A 256 -1.07 -3.69 16.57
C ALA A 256 -2.05 -4.86 16.69
N ARG A 257 -3.05 -4.90 15.81
CA ARG A 257 -4.17 -5.84 15.96
C ARG A 257 -3.75 -7.26 15.61
N GLY A 258 -2.60 -7.42 14.95
CA GLY A 258 -2.08 -8.74 14.60
C GLY A 258 -0.80 -9.08 15.36
N ASP A 259 -0.57 -8.38 16.48
CA ASP A 259 0.61 -8.61 17.31
C ASP A 259 0.26 -9.57 18.44
N ASP A 260 1.30 -10.08 19.10
CA ASP A 260 1.17 -11.06 20.16
C ASP A 260 0.66 -10.40 21.44
N TRP A 261 0.98 -9.11 21.62
CA TRP A 261 0.54 -8.37 22.80
C TRP A 261 0.63 -6.88 22.51
N ILE A 262 0.09 -6.06 23.42
CA ILE A 262 0.21 -4.61 23.31
C ILE A 262 0.38 -4.01 24.69
N GLY A 263 1.23 -2.98 24.77
CA GLY A 263 1.54 -2.30 26.02
C GLY A 263 0.72 -1.04 26.20
N VAL A 264 0.11 -0.92 27.39
CA VAL A 264 -0.64 0.26 27.78
C VAL A 264 0.25 1.11 28.68
N GLN A 265 0.43 2.38 28.34
CA GLN A 265 1.27 3.29 29.10
C GLN A 265 0.48 4.56 29.41
N SER A 266 0.04 4.69 30.67
CA SER A 266 -0.93 5.69 31.08
C SER A 266 -0.45 6.41 32.35
N TYR A 267 -0.78 7.70 32.43
CA TYR A 267 -0.35 8.54 33.55
C TYR A 267 -1.46 9.50 33.95
N THR A 268 -2.00 10.25 32.98
CA THR A 268 -2.98 11.29 33.26
C THR A 268 -4.08 11.27 32.19
N ARG A 269 -5.01 12.22 32.32
CA ARG A 269 -6.12 12.38 31.38
C ARG A 269 -6.09 13.81 30.83
N THR A 270 -6.77 14.00 29.69
CA THR A 270 -6.93 15.31 29.08
C THR A 270 -8.37 15.44 28.59
N ARG A 271 -9.03 16.54 28.97
CA ARG A 271 -10.41 16.79 28.57
C ARG A 271 -10.42 17.56 27.26
N ILE A 272 -11.42 17.26 26.41
CA ILE A 272 -11.54 17.88 25.10
C ILE A 272 -12.94 18.47 24.96
N GLY A 273 -13.00 19.73 24.48
CA GLY A 273 -14.24 20.43 24.20
C GLY A 273 -14.38 20.72 22.71
N PRO A 274 -15.39 21.53 22.30
CA PRO A 274 -15.60 21.82 20.87
C PRO A 274 -14.40 22.48 20.19
N GLU A 275 -13.66 23.30 20.94
CA GLU A 275 -12.55 24.07 20.38
C GLU A 275 -11.31 23.18 20.29
N GLY A 276 -11.08 22.36 21.31
CA GLY A 276 -9.95 21.45 21.33
C GLY A 276 -9.59 21.00 22.75
N PRO A 277 -8.36 20.51 23.00
CA PRO A 277 -7.95 20.08 24.34
C PRO A 277 -8.05 21.20 25.37
N ILE A 278 -8.62 20.86 26.53
CA ILE A 278 -8.80 21.82 27.62
C ILE A 278 -7.76 21.52 28.69
N PRO A 279 -6.93 22.50 29.09
CA PRO A 279 -5.94 22.29 30.15
C PRO A 279 -6.64 22.17 31.50
N ALA A 280 -6.04 21.39 32.41
CA ALA A 280 -6.59 21.22 33.74
C ALA A 280 -6.70 22.57 34.43
N ALA A 281 -7.74 22.72 35.27
CA ALA A 281 -7.96 23.97 35.99
C ALA A 281 -6.80 24.24 36.93
N ASP A 282 -6.71 25.49 37.42
CA ASP A 282 -5.53 25.96 38.14
C ASP A 282 -5.56 25.50 39.60
N ASP A 283 -6.71 25.01 40.07
CA ASP A 283 -6.87 24.62 41.47
C ASP A 283 -6.96 23.10 41.61
N VAL A 284 -6.61 22.36 40.55
CA VAL A 284 -6.66 20.91 40.58
C VAL A 284 -5.24 20.42 40.90
N GLU A 285 -5.14 19.22 41.49
CA GLU A 285 -3.86 18.71 41.96
C GLU A 285 -2.98 18.36 40.76
N ARG A 286 -1.66 18.54 40.96
CA ARG A 286 -0.67 18.37 39.90
C ARG A 286 0.44 17.44 40.36
N THR A 287 1.19 16.93 39.38
CA THR A 287 2.43 16.20 39.62
C THR A 287 3.59 17.12 39.22
N LEU A 288 4.82 16.60 39.28
CA LEU A 288 6.00 17.41 38.99
C LEU A 288 6.18 17.63 37.49
N THR A 289 5.48 16.86 36.66
CA THR A 289 5.50 17.05 35.21
C THR A 289 4.47 18.09 34.77
N THR A 290 3.71 18.64 35.73
CA THR A 290 2.68 19.65 35.46
C THR A 290 1.35 18.98 35.14
N TRP A 291 1.34 17.63 35.06
CA TRP A 291 0.14 16.89 34.71
C TRP A 291 -0.84 16.92 35.88
N GLU A 292 -2.11 16.67 35.58
CA GLU A 292 -3.13 16.46 36.58
C GLU A 292 -2.92 15.10 37.24
N TYR A 293 -2.98 15.09 38.59
CA TYR A 293 -3.06 13.87 39.37
C TYR A 293 -4.35 13.14 39.02
N TYR A 294 -4.23 11.91 38.49
CA TYR A 294 -5.38 11.12 38.10
C TYR A 294 -5.02 9.64 38.23
N PRO A 295 -5.11 9.06 39.45
CA PRO A 295 -4.80 7.64 39.66
C PRO A 295 -5.50 6.63 38.74
N THR A 296 -6.69 6.98 38.24
CA THR A 296 -7.58 6.02 37.61
C THR A 296 -7.44 6.02 36.09
N ALA A 297 -6.39 6.68 35.56
CA ALA A 297 -6.22 6.83 34.13
C ALA A 297 -6.06 5.46 33.45
N VAL A 298 -5.29 4.58 34.09
CA VAL A 298 -4.89 3.31 33.48
C VAL A 298 -6.11 2.42 33.25
N GLY A 299 -7.17 2.63 34.04
CA GLY A 299 -8.43 1.94 33.83
C GLY A 299 -9.04 2.25 32.47
N GLU A 300 -9.15 3.55 32.16
CA GLU A 300 -9.69 4.02 30.89
C GLU A 300 -8.75 3.67 29.75
N ALA A 301 -7.43 3.67 30.01
CA ALA A 301 -6.43 3.38 29.00
C ALA A 301 -6.54 1.92 28.55
N LEU A 302 -6.63 1.02 29.53
CA LEU A 302 -6.80 -0.40 29.27
C LEU A 302 -8.06 -0.66 28.46
N ARG A 303 -9.15 0.03 28.80
CA ARG A 303 -10.46 -0.25 28.24
C ARG A 303 -10.54 0.23 26.80
N HIS A 304 -10.04 1.43 26.52
CA HIS A 304 -10.06 1.98 25.18
C HIS A 304 -9.15 1.16 24.25
N THR A 305 -7.99 0.73 24.77
CA THR A 305 -7.07 -0.09 24.01
C THR A 305 -7.73 -1.41 23.64
N ALA A 306 -8.34 -2.09 24.62
CA ALA A 306 -9.00 -3.37 24.40
C ALA A 306 -10.07 -3.23 23.31
N ALA A 307 -10.86 -2.16 23.40
CA ALA A 307 -11.93 -1.90 22.45
C ALA A 307 -11.38 -1.80 21.02
N VAL A 308 -10.19 -1.22 20.86
CA VAL A 308 -9.64 -0.96 19.54
C VAL A 308 -8.86 -2.17 19.04
N VAL A 309 -8.08 -2.83 19.92
CA VAL A 309 -7.10 -3.81 19.49
C VAL A 309 -7.73 -5.19 19.37
N GLY A 310 -8.99 -5.34 19.80
CA GLY A 310 -9.67 -6.63 19.76
C GLY A 310 -9.18 -7.55 20.88
N ASP A 311 -8.72 -8.76 20.50
CA ASP A 311 -8.43 -9.81 21.45
C ASP A 311 -6.93 -9.92 21.74
N VAL A 312 -6.13 -8.94 21.31
CA VAL A 312 -4.71 -8.94 21.61
C VAL A 312 -4.52 -8.73 23.11
N PRO A 313 -3.65 -9.52 23.78
CA PRO A 313 -3.39 -9.35 25.21
C PRO A 313 -2.81 -7.99 25.58
N LEU A 314 -3.26 -7.45 26.71
CA LEU A 314 -2.82 -6.15 27.21
C LEU A 314 -1.76 -6.36 28.30
N ILE A 315 -0.71 -5.53 28.25
CA ILE A 315 0.24 -5.43 29.34
C ILE A 315 0.42 -3.95 29.66
N VAL A 316 0.21 -3.55 30.91
CA VAL A 316 0.58 -2.21 31.34
C VAL A 316 2.10 -2.19 31.51
N THR A 317 2.77 -1.51 30.59
CA THR A 317 4.23 -1.50 30.54
C THR A 317 4.79 -0.25 31.21
N GLU A 318 3.93 0.76 31.42
CA GLU A 318 4.30 1.96 32.16
C GLU A 318 3.09 2.51 32.91
N ASN A 319 3.29 2.83 34.19
CA ASN A 319 2.30 3.47 35.02
C ASN A 319 2.98 4.01 36.28
N GLY A 320 2.86 5.32 36.52
CA GLY A 320 3.52 5.93 37.66
C GLY A 320 3.19 7.41 37.84
N ILE A 321 4.04 8.11 38.61
CA ILE A 321 3.81 9.50 38.96
C ILE A 321 5.13 10.15 39.35
N ALA A 322 5.31 11.40 38.90
CA ALA A 322 6.44 12.22 39.31
C ALA A 322 6.07 13.03 40.55
N THR A 323 6.78 12.79 41.66
CA THR A 323 6.47 13.43 42.93
C THR A 323 7.61 13.25 43.91
N ALA A 324 7.69 14.16 44.88
CA ALA A 324 8.65 14.08 45.98
C ALA A 324 7.99 13.48 47.22
N ASP A 325 6.68 13.19 47.10
CA ASP A 325 5.88 12.70 48.21
C ASP A 325 5.51 11.24 47.91
N ASP A 326 6.26 10.30 48.50
CA ASP A 326 6.09 8.89 48.19
C ASP A 326 4.77 8.39 48.76
N SER A 327 4.22 9.10 49.74
CA SER A 327 2.91 8.77 50.29
C SER A 327 1.83 9.02 49.22
N ARG A 328 2.05 10.05 48.40
CA ARG A 328 1.12 10.37 47.32
C ARG A 328 1.33 9.40 46.15
N ARG A 329 2.56 8.90 46.01
CA ARG A 329 2.84 7.84 45.04
C ARG A 329 2.05 6.59 45.41
N VAL A 330 1.95 6.30 46.73
CA VAL A 330 1.21 5.14 47.20
C VAL A 330 -0.28 5.29 46.84
N ASP A 331 -0.83 6.51 47.01
CA ASP A 331 -2.25 6.75 46.77
C ASP A 331 -2.54 6.66 45.26
N TYR A 332 -1.59 7.11 44.43
CA TYR A 332 -1.72 7.01 42.99
C TYR A 332 -1.87 5.55 42.57
N TYR A 333 -0.96 4.70 43.08
CA TYR A 333 -0.90 3.31 42.67
C TYR A 333 -2.11 2.54 43.22
N ALA A 334 -2.59 2.93 44.41
CA ALA A 334 -3.77 2.31 45.00
C ALA A 334 -4.96 2.49 44.07
N GLY A 335 -5.16 3.73 43.59
CA GLY A 335 -6.20 4.02 42.62
C GLY A 335 -6.00 3.26 41.32
N ALA A 336 -4.74 3.18 40.86
CA ALA A 336 -4.39 2.54 39.61
C ALA A 336 -4.65 1.04 39.67
N LEU A 337 -4.16 0.39 40.74
CA LEU A 337 -4.27 -1.05 40.90
C LEU A 337 -5.74 -1.47 41.03
N ASP A 338 -6.57 -0.57 41.59
CA ASP A 338 -8.01 -0.79 41.68
C ASP A 338 -8.61 -0.92 40.28
N GLU A 339 -8.11 -0.10 39.34
CA GLU A 339 -8.63 -0.04 37.99
C GLU A 339 -8.17 -1.25 37.18
N VAL A 340 -6.91 -1.67 37.36
CA VAL A 340 -6.42 -2.88 36.74
C VAL A 340 -7.26 -4.05 37.24
N ALA A 341 -7.50 -4.08 38.56
CA ALA A 341 -8.31 -5.11 39.19
C ALA A 341 -9.71 -5.13 38.58
N SER A 342 -10.31 -3.94 38.46
CA SER A 342 -11.65 -3.80 37.90
C SER A 342 -11.69 -4.33 36.47
N ALA A 343 -10.65 -4.01 35.69
CA ALA A 343 -10.59 -4.38 34.28
C ALA A 343 -10.45 -5.90 34.13
N LEU A 344 -9.69 -6.54 35.04
CA LEU A 344 -9.52 -7.98 35.02
C LEU A 344 -10.85 -8.67 35.38
N ALA A 345 -11.59 -8.09 36.32
CA ALA A 345 -12.86 -8.64 36.76
C ALA A 345 -13.93 -8.45 35.67
N ASP A 346 -13.78 -7.40 34.87
CA ASP A 346 -14.69 -7.13 33.76
C ASP A 346 -14.31 -7.99 32.55
N GLY A 347 -13.17 -8.69 32.63
CA GLY A 347 -12.87 -9.78 31.71
C GLY A 347 -11.90 -9.39 30.60
N LEU A 348 -11.22 -8.24 30.75
CA LEU A 348 -10.16 -7.85 29.83
C LEU A 348 -8.97 -8.79 30.00
N ASP A 349 -8.33 -9.14 28.89
CA ASP A 349 -7.20 -10.04 28.88
C ASP A 349 -5.92 -9.23 29.14
N ILE A 350 -5.61 -9.05 30.43
CA ILE A 350 -4.45 -8.31 30.89
C ILE A 350 -3.46 -9.30 31.47
N ARG A 351 -2.23 -9.35 30.92
CA ARG A 351 -1.28 -10.39 31.26
C ARG A 351 -0.10 -9.85 32.08
N GLY A 352 -0.14 -8.58 32.50
CA GLY A 352 0.98 -8.01 33.23
C GLY A 352 0.75 -6.57 33.71
N TYR A 353 1.63 -6.14 34.63
CA TYR A 353 1.65 -4.78 35.14
C TYR A 353 3.07 -4.40 35.51
N LEU A 354 3.57 -3.32 34.89
CA LEU A 354 4.93 -2.84 35.12
C LEU A 354 4.88 -1.33 35.39
N ALA A 355 5.37 -0.93 36.57
CA ALA A 355 5.34 0.46 36.98
C ALA A 355 6.48 1.23 36.32
N TRP A 356 6.24 2.51 36.04
CA TRP A 356 7.30 3.44 35.69
C TRP A 356 7.57 4.35 36.90
N SER A 357 8.78 4.34 37.46
CA SER A 357 9.92 3.56 36.99
C SER A 357 10.57 2.86 38.19
N ALA A 358 11.43 1.87 37.89
CA ALA A 358 12.21 1.19 38.92
C ALA A 358 13.07 2.21 39.65
N LEU A 359 13.73 3.09 38.88
CA LEU A 359 14.67 4.06 39.42
C LEU A 359 14.20 5.47 39.10
N ASP A 360 14.62 6.44 39.92
CA ASP A 360 14.71 7.82 39.49
C ASP A 360 15.62 7.86 38.27
N ASN A 361 15.26 8.66 37.27
CA ASN A 361 15.96 8.61 35.99
C ASN A 361 15.92 9.97 35.30
N TYR A 362 16.64 10.08 34.19
CA TYR A 362 16.68 11.28 33.38
C TYR A 362 15.35 11.43 32.64
N GLU A 363 14.55 12.44 33.05
CA GLU A 363 13.26 12.70 32.45
C GLU A 363 13.46 13.64 31.26
N TRP A 364 14.14 13.13 30.23
CA TRP A 364 14.30 13.81 28.95
C TRP A 364 14.50 15.32 29.15
N GLY A 365 15.54 15.66 29.92
CA GLY A 365 15.97 17.04 30.06
C GLY A 365 16.10 17.49 31.52
N THR A 366 15.49 16.75 32.46
CA THR A 366 15.54 17.12 33.87
C THR A 366 15.64 15.88 34.75
N TYR A 367 16.34 16.04 35.88
CA TYR A 367 16.46 15.01 36.91
C TYR A 367 15.50 15.31 38.06
N LYS A 368 14.74 16.42 37.95
CA LYS A 368 13.89 16.88 39.03
C LYS A 368 12.63 16.02 39.15
N ALA A 369 12.05 15.63 38.00
CA ALA A 369 10.82 14.85 38.00
C ALA A 369 11.13 13.40 38.33
N THR A 370 10.96 13.06 39.62
CA THR A 370 11.33 11.76 40.16
C THR A 370 10.14 10.80 40.05
N PHE A 371 10.26 9.80 39.17
CA PHE A 371 9.21 8.82 38.94
C PHE A 371 9.49 7.51 39.66
N GLY A 372 10.67 7.42 40.31
CA GLY A 372 11.23 6.14 40.72
C GLY A 372 10.55 5.54 41.95
N LEU A 373 10.49 4.21 41.97
CA LEU A 373 10.18 3.46 43.18
C LEU A 373 11.43 3.41 44.06
N ILE A 374 12.61 3.40 43.42
CA ILE A 374 13.89 3.39 44.10
C ILE A 374 14.57 4.74 43.85
N ALA A 375 14.97 5.41 44.93
CA ALA A 375 15.63 6.71 44.83
C ALA A 375 17.08 6.53 44.41
N ILE A 376 17.62 7.55 43.73
CA ILE A 376 19.01 7.54 43.28
C ILE A 376 19.69 8.80 43.79
N ASP A 377 20.86 8.61 44.41
CA ASP A 377 21.80 9.68 44.68
C ASP A 377 22.69 9.83 43.44
N TRP A 378 22.66 11.02 42.82
CA TRP A 378 23.27 11.22 41.52
C TRP A 378 24.80 11.26 41.62
N GLU A 379 25.31 11.44 42.84
CA GLU A 379 26.74 11.62 43.07
C GLU A 379 27.39 10.28 43.44
N THR A 380 26.68 9.45 44.22
CA THR A 380 27.23 8.19 44.71
C THR A 380 26.65 7.00 43.95
N PHE A 381 25.45 7.18 43.36
CA PHE A 381 24.73 6.13 42.66
C PHE A 381 24.10 5.15 43.67
N GLU A 382 23.89 5.60 44.91
CA GLU A 382 23.29 4.77 45.94
C GLU A 382 21.80 4.60 45.65
N ARG A 383 21.31 3.37 45.80
CA ARG A 383 19.91 3.02 45.63
C ARG A 383 19.25 3.01 47.01
N THR A 384 18.08 3.65 47.12
CA THR A 384 17.28 3.59 48.34
C THR A 384 15.83 3.31 47.97
N PRO A 385 15.37 2.04 48.10
CA PRO A 385 13.95 1.71 47.87
C PRO A 385 13.02 2.56 48.73
N ARG A 386 12.01 3.14 48.10
CA ARG A 386 10.98 3.88 48.83
C ARG A 386 9.95 2.87 49.35
N ASP A 387 9.04 3.37 50.19
CA ASP A 387 7.99 2.56 50.79
C ASP A 387 7.03 2.07 49.70
N SER A 388 6.87 2.87 48.64
CA SER A 388 6.08 2.49 47.48
C SER A 388 6.65 1.23 46.85
N ALA A 389 7.98 1.15 46.75
CA ALA A 389 8.67 0.02 46.15
C ALA A 389 8.44 -1.24 47.00
N LYS A 390 8.51 -1.08 48.32
CA LYS A 390 8.38 -2.19 49.25
C LYS A 390 6.95 -2.71 49.23
N TRP A 391 5.97 -1.80 49.18
CA TRP A 391 4.56 -2.17 49.11
C TRP A 391 4.29 -2.89 47.78
N LEU A 392 4.51 -2.19 46.67
CA LEU A 392 4.24 -2.74 45.35
C LEU A 392 4.99 -4.06 45.16
N GLY A 393 6.26 -4.09 45.59
CA GLY A 393 7.09 -5.28 45.46
C GLY A 393 6.47 -6.51 46.12
N SER A 394 5.80 -6.31 47.27
CA SER A 394 5.28 -7.40 48.07
C SER A 394 4.13 -8.11 47.35
N LEU A 395 3.44 -7.39 46.45
CA LEU A 395 2.35 -7.95 45.67
C LEU A 395 2.89 -9.01 44.69
N GLY A 396 4.22 -9.00 44.46
CA GLY A 396 4.86 -10.01 43.64
C GLY A 396 4.81 -11.40 44.26
N ARG A 397 4.74 -11.46 45.60
CA ARG A 397 4.64 -12.72 46.33
C ARG A 397 3.17 -12.99 46.66
N THR A 398 2.46 -11.94 47.09
CA THR A 398 1.04 -11.98 47.38
C THR A 398 0.25 -12.45 46.15
N ARG A 399 0.52 -11.85 44.99
CA ARG A 399 -0.14 -12.18 43.74
C ARG A 399 -1.63 -11.84 43.86
N GLU A 400 -1.93 -10.56 44.18
CA GLU A 400 -3.29 -10.13 44.47
C GLU A 400 -3.36 -8.61 44.42
N LEU A 401 -4.35 -8.08 43.68
CA LEU A 401 -4.56 -6.64 43.54
C LEU A 401 -5.51 -6.16 44.64
N PRO A 402 -5.14 -5.15 45.46
CA PRO A 402 -6.07 -4.55 46.42
C PRO A 402 -7.02 -3.55 45.76
N ARG A 403 -8.07 -3.15 46.50
CA ARG A 403 -9.08 -2.24 46.00
C ARG A 403 -9.13 -1.00 46.88
N THR A 404 -9.94 -0.01 46.47
CA THR A 404 -10.12 1.23 47.20
C THR A 404 -11.48 1.20 47.91
N THR B 11 -37.51 -13.82 28.20
CA THR B 11 -38.12 -12.46 28.33
C THR B 11 -37.91 -11.68 27.03
N PRO B 12 -38.99 -11.15 26.39
CA PRO B 12 -38.89 -10.50 25.09
C PRO B 12 -38.06 -9.21 25.11
N VAL B 13 -37.36 -8.94 24.00
CA VAL B 13 -36.46 -7.81 23.89
C VAL B 13 -37.08 -6.75 22.98
N PRO B 14 -37.28 -5.50 23.48
CA PRO B 14 -37.78 -4.42 22.63
C PRO B 14 -36.81 -4.05 21.50
N PHE B 15 -37.38 -3.67 20.35
CA PHE B 15 -36.60 -3.06 19.28
C PHE B 15 -35.91 -1.81 19.81
N PRO B 16 -34.60 -1.62 19.55
CA PRO B 16 -34.00 -0.28 19.66
C PRO B 16 -34.79 0.71 18.80
N GLU B 17 -34.79 1.98 19.21
CA GLU B 17 -35.34 3.04 18.38
C GLU B 17 -34.70 2.97 16.99
N GLY B 18 -35.54 2.96 15.95
CA GLY B 18 -35.07 3.01 14.57
C GLY B 18 -34.54 1.67 14.05
N PHE B 19 -34.84 0.57 14.75
CA PHE B 19 -34.39 -0.76 14.37
C PHE B 19 -34.98 -1.12 13.01
N LEU B 20 -34.13 -1.58 12.08
CA LEU B 20 -34.61 -2.04 10.79
C LEU B 20 -35.36 -3.36 10.98
N TRP B 21 -36.49 -3.50 10.29
CA TRP B 21 -37.28 -4.71 10.32
C TRP B 21 -37.95 -4.91 8.95
N GLY B 22 -37.52 -5.93 8.22
CA GLY B 22 -38.04 -6.20 6.89
C GLY B 22 -37.48 -7.48 6.28
N ALA B 23 -37.29 -7.45 4.95
CA ALA B 23 -36.83 -8.60 4.19
C ALA B 23 -35.91 -8.12 3.05
N SER B 24 -35.28 -9.08 2.37
CA SER B 24 -34.23 -8.79 1.40
C SER B 24 -34.46 -9.50 0.08
N THR B 25 -34.09 -8.83 -1.02
CA THR B 25 -34.04 -9.42 -2.35
C THR B 25 -32.80 -8.94 -3.09
N ALA B 26 -32.51 -9.59 -4.22
CA ALA B 26 -31.47 -9.18 -5.15
C ALA B 26 -32.07 -9.12 -6.56
N ALA B 27 -31.62 -8.14 -7.36
CA ALA B 27 -32.28 -7.81 -8.62
C ALA B 27 -32.33 -9.03 -9.54
N HIS B 28 -31.18 -9.68 -9.76
CA HIS B 28 -31.11 -10.77 -10.72
C HIS B 28 -32.06 -11.91 -10.33
N GLN B 29 -32.33 -12.06 -9.03
CA GLN B 29 -33.06 -13.20 -8.52
C GLN B 29 -34.57 -12.97 -8.57
N ILE B 30 -35.02 -11.70 -8.66
CA ILE B 30 -36.46 -11.43 -8.63
C ILE B 30 -36.95 -10.71 -9.90
N GLU B 31 -36.10 -9.93 -10.57
CA GLU B 31 -36.57 -8.98 -11.58
C GLU B 31 -37.03 -9.69 -12.85
N GLY B 32 -36.22 -10.63 -13.34
CA GLY B 32 -36.46 -11.25 -14.63
C GLY B 32 -35.98 -10.37 -15.78
N ASN B 33 -35.61 -11.03 -16.88
CA ASN B 33 -35.19 -10.36 -18.10
C ASN B 33 -34.02 -9.41 -17.80
N ASN B 34 -33.10 -9.88 -16.95
CA ASN B 34 -31.85 -9.17 -16.69
C ASN B 34 -30.82 -9.67 -17.69
N THR B 35 -30.99 -9.27 -18.95
CA THR B 35 -30.40 -9.97 -20.09
C THR B 35 -29.01 -9.44 -20.44
N ASP B 36 -28.52 -8.43 -19.71
CA ASP B 36 -27.20 -7.86 -20.00
C ASP B 36 -26.22 -8.22 -18.89
N SER B 37 -26.68 -9.03 -17.92
CA SER B 37 -25.83 -9.52 -16.86
C SER B 37 -24.92 -10.63 -17.38
N ASP B 38 -23.90 -10.96 -16.59
CA ASP B 38 -22.99 -12.05 -16.90
C ASP B 38 -23.70 -13.37 -16.71
N TRP B 39 -24.67 -13.42 -15.77
CA TRP B 39 -25.37 -14.66 -15.47
C TRP B 39 -26.33 -15.03 -16.58
N TRP B 40 -26.99 -14.05 -17.20
CA TRP B 40 -27.85 -14.33 -18.34
C TRP B 40 -27.06 -15.06 -19.43
N VAL B 41 -25.83 -14.59 -19.69
CA VAL B 41 -24.98 -15.21 -20.69
C VAL B 41 -24.56 -16.61 -20.21
N LYS B 42 -24.08 -16.71 -18.97
CA LYS B 42 -23.72 -17.99 -18.38
C LYS B 42 -24.88 -18.97 -18.51
N GLU B 43 -26.10 -18.48 -18.24
CA GLU B 43 -27.30 -19.31 -18.16
C GLU B 43 -27.62 -19.97 -19.49
N HIS B 44 -27.21 -19.35 -20.61
CA HIS B 44 -27.57 -19.83 -21.93
C HIS B 44 -26.35 -20.21 -22.78
N ALA B 45 -25.14 -20.11 -22.20
CA ALA B 45 -23.93 -20.40 -22.94
C ALA B 45 -23.83 -21.90 -23.21
N ALA B 46 -23.12 -22.25 -24.28
CA ALA B 46 -22.84 -23.64 -24.63
C ALA B 46 -22.15 -24.34 -23.47
N GLY B 47 -22.72 -25.48 -23.04
CA GLY B 47 -22.08 -26.33 -22.05
C GLY B 47 -22.22 -25.79 -20.62
N THR B 48 -23.24 -24.97 -20.38
CA THR B 48 -23.48 -24.38 -19.07
C THR B 48 -23.90 -25.47 -18.08
N HIS B 49 -23.35 -25.39 -16.85
CA HIS B 49 -23.69 -26.32 -15.78
C HIS B 49 -24.88 -25.79 -15.00
N ILE B 50 -25.34 -24.58 -15.32
CA ILE B 50 -26.45 -23.95 -14.62
C ILE B 50 -27.72 -24.70 -14.99
N ALA B 51 -28.38 -25.28 -13.98
CA ALA B 51 -29.47 -26.23 -14.18
C ALA B 51 -30.66 -25.55 -14.85
N GLU B 52 -31.08 -24.40 -14.31
CA GLU B 52 -32.21 -23.64 -14.82
C GLU B 52 -31.76 -22.21 -15.13
N PRO B 53 -32.25 -21.58 -16.21
CA PRO B 53 -32.02 -20.16 -16.45
C PRO B 53 -33.02 -19.32 -15.65
N SER B 54 -32.72 -18.02 -15.48
CA SER B 54 -33.50 -17.14 -14.63
C SER B 54 -34.78 -16.69 -15.35
N LEU B 55 -34.66 -16.41 -16.66
CA LEU B 55 -35.77 -15.96 -17.48
C LEU B 55 -36.55 -14.86 -16.76
N ASP B 56 -37.82 -15.11 -16.39
CA ASP B 56 -38.71 -14.05 -15.93
C ASP B 56 -38.64 -13.87 -14.41
N ALA B 57 -38.03 -14.82 -13.70
CA ALA B 57 -38.04 -14.86 -12.25
C ALA B 57 -39.43 -14.47 -11.72
N CYS B 58 -39.51 -13.41 -10.91
CA CYS B 58 -40.77 -12.98 -10.32
C CYS B 58 -41.35 -11.79 -11.09
N ASP B 59 -40.65 -11.35 -12.14
CA ASP B 59 -40.97 -10.16 -12.89
C ASP B 59 -41.19 -8.99 -11.93
N SER B 60 -40.25 -8.83 -10.99
CA SER B 60 -40.28 -7.72 -10.04
C SER B 60 -39.80 -6.44 -10.73
N TYR B 61 -39.26 -6.55 -11.95
CA TYR B 61 -38.94 -5.38 -12.75
C TYR B 61 -40.23 -4.58 -12.96
N HIS B 62 -41.34 -5.29 -13.17
CA HIS B 62 -42.64 -4.68 -13.35
C HIS B 62 -43.40 -4.60 -12.03
N ARG B 63 -43.26 -5.64 -11.20
CA ARG B 63 -44.18 -5.88 -10.09
C ARG B 63 -43.50 -5.63 -8.74
N TRP B 64 -42.52 -4.71 -8.68
CA TRP B 64 -41.95 -4.31 -7.40
C TRP B 64 -42.97 -3.54 -6.56
N PRO B 65 -43.94 -2.79 -7.16
CA PRO B 65 -45.00 -2.17 -6.38
C PRO B 65 -45.82 -3.18 -5.60
N GLU B 66 -45.97 -4.38 -6.17
CA GLU B 66 -46.70 -5.48 -5.56
C GLU B 66 -45.95 -6.00 -4.36
N ASP B 67 -44.65 -6.28 -4.55
CA ASP B 67 -43.78 -6.74 -3.48
C ASP B 67 -43.85 -5.77 -2.30
N MET B 68 -43.83 -4.46 -2.61
CA MET B 68 -43.74 -3.42 -1.60
C MET B 68 -45.08 -3.24 -0.91
N ASP B 69 -46.17 -3.31 -1.67
CA ASP B 69 -47.52 -3.24 -1.09
C ASP B 69 -47.71 -4.37 -0.08
N LEU B 70 -47.17 -5.56 -0.38
CA LEU B 70 -47.30 -6.70 0.50
C LEU B 70 -46.49 -6.51 1.78
N LEU B 71 -45.23 -6.07 1.66
CA LEU B 71 -44.34 -5.96 2.81
C LEU B 71 -44.88 -4.95 3.82
N ALA B 72 -45.29 -3.77 3.31
CA ALA B 72 -45.89 -2.74 4.15
C ALA B 72 -47.14 -3.27 4.85
N SER B 73 -48.01 -3.89 4.05
CA SER B 73 -49.30 -4.41 4.51
C SER B 73 -49.11 -5.45 5.62
N LEU B 74 -48.03 -6.23 5.52
CA LEU B 74 -47.69 -7.23 6.52
C LEU B 74 -47.17 -6.56 7.80
N GLY B 75 -46.57 -5.38 7.67
CA GLY B 75 -46.18 -4.57 8.80
C GLY B 75 -44.68 -4.32 8.90
N PHE B 76 -43.90 -4.90 7.98
CA PHE B 76 -42.49 -4.60 7.87
C PHE B 76 -42.30 -3.13 7.53
N THR B 77 -41.19 -2.54 7.99
CA THR B 77 -40.93 -1.13 7.83
C THR B 77 -39.70 -0.88 6.96
N ASP B 78 -39.11 -1.95 6.42
CA ASP B 78 -37.85 -1.86 5.70
C ASP B 78 -37.82 -2.87 4.56
N TYR B 79 -37.12 -2.51 3.48
CA TYR B 79 -36.93 -3.42 2.36
C TYR B 79 -35.56 -3.19 1.76
N ARG B 80 -34.69 -4.22 1.84
CA ARG B 80 -33.41 -4.21 1.17
C ARG B 80 -33.60 -4.81 -0.22
N PHE B 81 -33.23 -4.02 -1.25
CA PHE B 81 -33.23 -4.51 -2.62
C PHE B 81 -31.94 -4.04 -3.30
N SER B 82 -31.65 -4.63 -4.47
CA SER B 82 -30.44 -4.31 -5.20
C SER B 82 -30.78 -3.56 -6.48
N VAL B 83 -29.83 -2.75 -6.95
CA VAL B 83 -29.95 -2.07 -8.23
C VAL B 83 -28.86 -2.61 -9.14
N GLU B 84 -29.19 -2.78 -10.42
CA GLU B 84 -28.46 -3.67 -11.30
C GLU B 84 -27.56 -2.88 -12.25
N TRP B 85 -26.25 -3.04 -12.06
CA TRP B 85 -25.22 -2.42 -12.87
C TRP B 85 -25.43 -2.76 -14.35
N ALA B 86 -25.79 -4.02 -14.61
CA ALA B 86 -25.95 -4.53 -15.97
C ALA B 86 -27.03 -3.75 -16.73
N ARG B 87 -28.04 -3.24 -16.02
CA ARG B 87 -29.08 -2.43 -16.64
C ARG B 87 -28.64 -0.97 -16.72
N ILE B 88 -28.00 -0.48 -15.65
CA ILE B 88 -27.64 0.93 -15.54
C ILE B 88 -26.52 1.26 -16.54
N GLU B 89 -25.60 0.31 -16.75
CA GLU B 89 -24.51 0.49 -17.70
C GLU B 89 -24.44 -0.74 -18.59
N PRO B 90 -25.40 -0.93 -19.53
CA PRO B 90 -25.51 -2.16 -20.30
C PRO B 90 -24.41 -2.29 -21.35
N VAL B 91 -23.79 -1.16 -21.70
CA VAL B 91 -22.58 -1.14 -22.50
C VAL B 91 -21.62 -0.15 -21.87
N GLU B 92 -20.31 -0.49 -21.89
CA GLU B 92 -19.30 0.24 -21.15
C GLU B 92 -19.35 1.73 -21.51
N GLY B 93 -19.53 2.57 -20.49
CA GLY B 93 -19.49 4.02 -20.65
C GLY B 93 -20.83 4.62 -21.09
N HIS B 94 -21.84 3.78 -21.27
CA HIS B 94 -23.15 4.24 -21.71
C HIS B 94 -24.17 4.02 -20.59
N PHE B 95 -24.35 5.06 -19.77
CA PHE B 95 -25.26 5.01 -18.63
C PHE B 95 -26.68 5.28 -19.09
N SER B 96 -27.61 4.42 -18.66
CA SER B 96 -29.02 4.56 -19.00
C SER B 96 -29.72 5.42 -17.94
N ARG B 97 -30.06 6.65 -18.32
CA ARG B 97 -30.86 7.53 -17.50
C ARG B 97 -32.22 6.91 -17.22
N ALA B 98 -32.72 6.13 -18.19
CA ALA B 98 -34.02 5.47 -18.06
C ALA B 98 -34.00 4.47 -16.91
N GLN B 99 -32.89 3.74 -16.78
CA GLN B 99 -32.75 2.70 -15.77
C GLN B 99 -32.45 3.33 -14.41
N LEU B 100 -31.74 4.45 -14.40
CA LEU B 100 -31.49 5.19 -13.16
C LEU B 100 -32.81 5.71 -12.61
N ALA B 101 -33.69 6.20 -13.49
CA ALA B 101 -35.01 6.67 -13.11
C ALA B 101 -35.87 5.51 -12.62
N HIS B 102 -35.68 4.33 -13.22
CA HIS B 102 -36.40 3.13 -12.82
C HIS B 102 -36.12 2.81 -11.35
N TYR B 103 -34.84 2.89 -10.97
CA TYR B 103 -34.41 2.50 -9.63
C TYR B 103 -34.67 3.64 -8.65
N ARG B 104 -34.69 4.87 -9.14
CA ARG B 104 -35.09 6.01 -8.33
C ARG B 104 -36.55 5.85 -7.91
N ARG B 105 -37.42 5.51 -8.89
CA ARG B 105 -38.84 5.35 -8.61
C ARG B 105 -39.07 4.20 -7.64
N MET B 106 -38.23 3.16 -7.68
CA MET B 106 -38.28 2.08 -6.71
C MET B 106 -38.11 2.65 -5.31
N VAL B 107 -37.08 3.51 -5.15
CA VAL B 107 -36.76 4.13 -3.88
C VAL B 107 -37.91 5.04 -3.44
N GLU B 108 -38.38 5.89 -4.36
CA GLU B 108 -39.49 6.78 -4.09
C GLU B 108 -40.73 5.95 -3.72
N GLY B 109 -40.88 4.80 -4.39
CA GLY B 109 -42.01 3.92 -4.21
C GLY B 109 -42.06 3.27 -2.82
N ALA B 110 -40.89 2.89 -2.29
CA ALA B 110 -40.79 2.29 -0.97
C ALA B 110 -41.21 3.30 0.09
N ILE B 111 -40.73 4.54 -0.05
CA ILE B 111 -41.00 5.61 0.92
C ILE B 111 -42.51 5.93 0.92
N GLU B 112 -43.11 6.02 -0.27
CA GLU B 112 -44.55 6.24 -0.40
C GLU B 112 -45.32 5.24 0.44
N ARG B 113 -44.88 3.97 0.41
CA ARG B 113 -45.61 2.88 1.02
C ARG B 113 -45.12 2.61 2.44
N GLY B 114 -44.32 3.53 3.00
CA GLY B 114 -43.92 3.48 4.40
C GLY B 114 -42.84 2.45 4.67
N LEU B 115 -41.96 2.23 3.67
CA LEU B 115 -40.81 1.35 3.81
C LEU B 115 -39.54 2.18 3.68
N ARG B 116 -38.60 1.99 4.62
CA ARG B 116 -37.26 2.54 4.49
C ARG B 116 -36.47 1.66 3.54
N PRO B 117 -36.05 2.17 2.36
CA PRO B 117 -35.27 1.38 1.41
C PRO B 117 -33.79 1.34 1.78
N MET B 118 -33.26 0.12 1.95
CA MET B 118 -31.82 -0.10 1.96
C MET B 118 -31.42 -0.58 0.58
N VAL B 119 -30.48 0.13 -0.05
CA VAL B 119 -30.11 -0.16 -1.44
C VAL B 119 -28.76 -0.86 -1.47
N THR B 120 -28.74 -2.04 -2.12
CA THR B 120 -27.51 -2.68 -2.54
C THR B 120 -27.15 -2.17 -3.93
N LEU B 121 -25.89 -1.77 -4.13
CA LEU B 121 -25.44 -1.29 -5.42
C LEU B 121 -24.91 -2.47 -6.26
N HIS B 122 -24.40 -3.52 -5.62
CA HIS B 122 -23.89 -4.67 -6.34
C HIS B 122 -24.26 -5.96 -5.60
N HIS B 123 -24.82 -6.92 -6.34
CA HIS B 123 -25.21 -8.20 -5.78
C HIS B 123 -24.85 -9.32 -6.76
N PHE B 124 -23.56 -9.65 -6.78
CA PHE B 124 -22.97 -10.76 -7.52
C PHE B 124 -22.90 -10.46 -9.02
N THR B 125 -24.04 -10.20 -9.67
CA THR B 125 -24.07 -10.01 -11.11
C THR B 125 -23.28 -8.77 -11.52
N VAL B 126 -22.73 -8.81 -12.74
CA VAL B 126 -22.04 -7.68 -13.35
C VAL B 126 -22.54 -7.55 -14.78
N PRO B 127 -22.35 -6.40 -15.45
CA PRO B 127 -22.56 -6.30 -16.89
C PRO B 127 -21.65 -7.30 -17.61
N GLN B 128 -22.19 -7.99 -18.62
CA GLN B 128 -21.46 -9.02 -19.35
C GLN B 128 -20.13 -8.45 -19.85
N TRP B 129 -20.14 -7.18 -20.27
CA TRP B 129 -18.93 -6.54 -20.79
C TRP B 129 -17.83 -6.47 -19.73
N PHE B 130 -18.22 -6.33 -18.45
CA PHE B 130 -17.26 -6.27 -17.36
C PHE B 130 -16.61 -7.64 -17.17
N GLU B 131 -17.39 -8.71 -17.36
CA GLU B 131 -16.87 -10.07 -17.31
C GLU B 131 -15.96 -10.32 -18.51
N ALA B 132 -16.47 -10.05 -19.71
CA ALA B 132 -15.76 -10.33 -20.96
C ALA B 132 -14.39 -9.66 -20.95
N ARG B 133 -14.33 -8.52 -20.27
CA ARG B 133 -13.13 -7.72 -20.10
C ARG B 133 -12.04 -8.47 -19.32
N GLY B 134 -12.48 -9.33 -18.38
CA GLY B 134 -11.57 -10.01 -17.48
C GLY B 134 -11.97 -9.87 -16.01
N GLY B 135 -13.05 -9.13 -15.74
CA GLY B 135 -13.71 -9.18 -14.44
C GLY B 135 -13.02 -8.31 -13.40
N TRP B 136 -13.02 -8.78 -12.15
CA TRP B 136 -12.62 -7.99 -10.99
C TRP B 136 -11.11 -7.78 -10.94
N THR B 137 -10.34 -8.70 -11.52
CA THR B 137 -8.88 -8.64 -11.42
C THR B 137 -8.28 -7.95 -12.64
N ALA B 138 -9.12 -7.39 -13.52
CA ALA B 138 -8.65 -6.67 -14.70
C ALA B 138 -8.30 -5.24 -14.32
N GLU B 139 -7.31 -4.67 -15.00
CA GLU B 139 -6.94 -3.28 -14.82
C GLU B 139 -8.16 -2.40 -15.14
N GLY B 140 -8.54 -1.54 -14.18
CA GLY B 140 -9.62 -0.59 -14.38
C GLY B 140 -10.92 -1.00 -13.67
N ALA B 141 -10.96 -2.24 -13.15
CA ALA B 141 -12.16 -2.80 -12.55
C ALA B 141 -12.67 -1.90 -11.42
N VAL B 142 -11.76 -1.48 -10.54
CA VAL B 142 -12.09 -0.66 -9.39
C VAL B 142 -12.64 0.69 -9.85
N GLU B 143 -11.99 1.27 -10.88
CA GLU B 143 -12.38 2.56 -11.39
C GLU B 143 -13.74 2.46 -12.09
N LEU B 144 -14.00 1.31 -12.73
CA LEU B 144 -15.28 1.06 -13.38
C LEU B 144 -16.39 0.99 -12.33
N PHE B 145 -16.12 0.33 -11.21
CA PHE B 145 -17.12 0.18 -10.15
C PHE B 145 -17.43 1.52 -9.51
N ALA B 146 -16.38 2.27 -9.15
CA ALA B 146 -16.54 3.55 -8.48
C ALA B 146 -17.32 4.51 -9.37
N ARG B 147 -17.10 4.42 -10.69
CA ARG B 147 -17.82 5.25 -11.65
C ARG B 147 -19.29 4.84 -11.68
N TYR B 148 -19.56 3.53 -11.68
CA TYR B 148 -20.92 3.03 -11.57
C TYR B 148 -21.58 3.59 -10.31
N VAL B 149 -20.85 3.56 -9.19
CA VAL B 149 -21.39 3.99 -7.90
C VAL B 149 -21.71 5.48 -7.96
N ALA B 150 -20.79 6.28 -8.51
CA ALA B 150 -21.01 7.71 -8.67
C ALA B 150 -22.24 7.97 -9.52
N ALA B 151 -22.43 7.15 -10.57
CA ALA B 151 -23.55 7.31 -11.48
C ALA B 151 -24.89 7.03 -10.79
N CYS B 152 -24.85 6.27 -9.68
CA CYS B 152 -26.04 5.93 -8.91
C CYS B 152 -26.45 7.06 -7.97
N ALA B 153 -25.70 8.18 -7.98
CA ALA B 153 -26.00 9.33 -7.14
C ALA B 153 -27.49 9.63 -7.11
N PRO B 154 -28.18 9.83 -8.27
CA PRO B 154 -29.58 10.26 -8.25
C PRO B 154 -30.59 9.24 -7.70
N VAL B 155 -30.21 7.96 -7.57
CA VAL B 155 -31.12 6.98 -7.00
C VAL B 155 -30.98 6.96 -5.47
N ILE B 156 -29.80 7.29 -4.93
CA ILE B 156 -29.55 7.10 -3.50
C ILE B 156 -29.40 8.43 -2.74
N SER B 157 -29.28 9.57 -3.44
CA SER B 157 -28.89 10.81 -2.78
C SER B 157 -30.02 11.38 -1.91
N GLU B 158 -31.25 10.86 -2.06
CA GLU B 158 -32.37 11.33 -1.26
C GLU B 158 -33.19 10.12 -0.79
N GLY B 159 -33.55 10.11 0.50
CA GLY B 159 -34.55 9.18 1.04
C GLY B 159 -33.98 7.82 1.43
N VAL B 160 -32.68 7.60 1.17
CA VAL B 160 -32.02 6.33 1.44
C VAL B 160 -31.07 6.52 2.61
N SER B 161 -31.27 5.77 3.70
CA SER B 161 -30.45 5.93 4.89
C SER B 161 -29.32 4.91 4.93
N HIS B 162 -29.50 3.75 4.28
CA HIS B 162 -28.46 2.73 4.25
C HIS B 162 -28.16 2.29 2.83
N VAL B 163 -26.87 2.05 2.57
CA VAL B 163 -26.41 1.59 1.27
C VAL B 163 -25.37 0.49 1.48
N CYS B 164 -25.58 -0.63 0.78
CA CYS B 164 -24.60 -1.70 0.68
C CYS B 164 -23.85 -1.55 -0.64
N THR B 165 -22.51 -1.49 -0.56
CA THR B 165 -21.69 -1.33 -1.75
C THR B 165 -21.63 -2.64 -2.51
N ILE B 166 -21.17 -3.70 -1.83
CA ILE B 166 -20.90 -4.99 -2.45
C ILE B 166 -21.38 -6.10 -1.51
N ASN B 167 -22.30 -6.94 -2.01
CA ASN B 167 -22.85 -8.04 -1.24
C ASN B 167 -21.85 -9.20 -1.23
N GLU B 168 -21.56 -9.72 -0.04
CA GLU B 168 -20.74 -10.91 0.15
C GLU B 168 -19.53 -10.91 -0.79
N PRO B 169 -18.59 -9.94 -0.66
CA PRO B 169 -17.33 -9.97 -1.41
C PRO B 169 -16.50 -11.24 -1.21
N ASN B 170 -16.64 -11.86 -0.03
CA ASN B 170 -15.91 -13.08 0.27
C ASN B 170 -16.37 -14.20 -0.66
N MET B 171 -17.65 -14.21 -1.03
CA MET B 171 -18.19 -15.25 -1.88
C MET B 171 -17.75 -15.00 -3.34
N ILE B 172 -17.53 -13.72 -3.69
CA ILE B 172 -17.00 -13.38 -5.01
C ILE B 172 -15.57 -13.91 -5.13
N ALA B 173 -14.77 -13.72 -4.07
CA ALA B 173 -13.37 -14.09 -4.07
C ALA B 173 -13.23 -15.61 -4.09
N VAL B 174 -14.10 -16.29 -3.33
CA VAL B 174 -14.15 -17.75 -3.31
C VAL B 174 -14.49 -18.27 -4.71
N MET B 175 -15.52 -17.68 -5.33
CA MET B 175 -15.95 -18.10 -6.66
C MET B 175 -14.85 -17.81 -7.69
N ALA B 176 -14.11 -16.71 -7.50
CA ALA B 176 -13.06 -16.32 -8.43
C ALA B 176 -11.93 -17.35 -8.41
N GLY B 177 -11.71 -17.96 -7.25
CA GLY B 177 -10.76 -19.05 -7.12
C GLY B 177 -11.16 -20.26 -7.96
N GLN B 178 -12.46 -20.57 -7.95
CA GLN B 178 -13.00 -21.69 -8.71
C GLN B 178 -12.89 -21.42 -10.20
N ALA B 179 -13.29 -20.21 -10.61
CA ALA B 179 -13.20 -19.79 -12.00
C ALA B 179 -11.77 -19.91 -12.52
N LYS B 180 -10.81 -19.45 -11.70
CA LYS B 180 -9.41 -19.36 -12.09
C LYS B 180 -8.81 -20.75 -12.28
N ARG B 181 -9.14 -21.68 -11.37
CA ARG B 181 -8.64 -23.04 -11.43
C ARG B 181 -9.40 -23.86 -12.48
N GLY B 182 -10.63 -23.42 -12.81
CA GLY B 182 -11.46 -24.11 -13.78
C GLY B 182 -12.27 -25.24 -13.15
N ASP B 183 -12.58 -25.09 -11.86
CA ASP B 183 -13.36 -26.06 -11.12
C ASP B 183 -14.83 -25.65 -11.13
N ASN B 184 -15.67 -26.49 -11.74
CA ASN B 184 -17.12 -26.32 -11.72
C ASN B 184 -17.71 -27.07 -10.52
N SER B 185 -16.84 -27.76 -9.76
CA SER B 185 -17.25 -28.51 -8.58
C SER B 185 -17.36 -27.56 -7.38
N PHE B 186 -17.74 -28.15 -6.24
CA PHE B 186 -17.72 -27.48 -4.95
C PHE B 186 -17.36 -28.51 -3.90
N PRO B 187 -16.46 -28.21 -2.92
CA PRO B 187 -16.10 -29.20 -1.91
C PRO B 187 -17.29 -29.56 -1.03
N PRO B 188 -17.31 -30.75 -0.41
CA PRO B 188 -18.47 -31.21 0.36
C PRO B 188 -18.74 -30.34 1.59
N ALA B 189 -17.71 -29.66 2.09
CA ALA B 189 -17.85 -28.71 3.18
C ALA B 189 -16.79 -27.63 3.08
N GLY B 190 -17.09 -26.47 3.68
CA GLY B 190 -16.22 -25.31 3.61
C GLY B 190 -16.37 -24.57 2.28
N LEU B 191 -15.44 -23.64 2.03
CA LEU B 191 -15.42 -22.85 0.82
C LEU B 191 -14.10 -23.11 0.09
N PRO B 192 -14.09 -23.13 -1.26
CA PRO B 192 -12.85 -23.13 -2.03
C PRO B 192 -11.92 -21.98 -1.64
N THR B 193 -10.60 -22.19 -1.82
CA THR B 193 -9.60 -21.20 -1.50
C THR B 193 -9.91 -19.89 -2.23
N PRO B 194 -10.11 -18.77 -1.51
CA PRO B 194 -10.28 -17.46 -2.15
C PRO B 194 -9.10 -17.07 -3.01
N ASP B 195 -9.39 -16.38 -4.13
CA ASP B 195 -8.37 -15.76 -4.95
C ASP B 195 -7.93 -14.46 -4.26
N ASP B 196 -6.61 -14.30 -4.10
CA ASP B 196 -6.04 -13.19 -3.36
C ASP B 196 -6.20 -11.89 -4.14
N GLU B 197 -6.07 -11.96 -5.46
CA GLU B 197 -6.05 -10.80 -6.32
C GLU B 197 -7.45 -10.18 -6.37
N THR B 198 -8.48 -11.04 -6.34
CA THR B 198 -9.87 -10.62 -6.34
C THR B 198 -10.22 -10.01 -4.99
N THR B 199 -9.71 -10.60 -3.91
CA THR B 199 -9.89 -10.10 -2.56
C THR B 199 -9.44 -8.65 -2.48
N ALA B 200 -8.19 -8.39 -2.90
CA ALA B 200 -7.63 -7.05 -2.93
C ALA B 200 -8.54 -6.12 -3.74
N ALA B 201 -9.02 -6.62 -4.89
CA ALA B 201 -9.77 -5.82 -5.84
C ALA B 201 -11.09 -5.36 -5.23
N VAL B 202 -11.83 -6.28 -4.58
CA VAL B 202 -13.17 -5.96 -4.11
C VAL B 202 -13.08 -5.08 -2.85
N ILE B 203 -12.01 -5.23 -2.07
CA ILE B 203 -11.76 -4.36 -0.92
C ILE B 203 -11.50 -2.94 -1.43
N ALA B 204 -10.62 -2.82 -2.45
CA ALA B 204 -10.31 -1.53 -3.04
C ALA B 204 -11.56 -0.89 -3.63
N ALA B 205 -12.39 -1.70 -4.30
CA ALA B 205 -13.63 -1.25 -4.90
C ALA B 205 -14.58 -0.72 -3.83
N HIS B 206 -14.64 -1.42 -2.69
CA HIS B 206 -15.52 -1.07 -1.58
C HIS B 206 -15.13 0.29 -1.02
N HIS B 207 -13.87 0.43 -0.60
CA HIS B 207 -13.36 1.70 -0.08
C HIS B 207 -13.69 2.82 -1.05
N ALA B 208 -13.37 2.62 -2.33
CA ALA B 208 -13.63 3.60 -3.37
C ALA B 208 -15.11 3.97 -3.38
N ALA B 209 -15.97 2.95 -3.24
CA ALA B 209 -17.41 3.14 -3.31
C ALA B 209 -17.91 3.89 -2.08
N VAL B 210 -17.38 3.54 -0.91
CA VAL B 210 -17.72 4.20 0.35
C VAL B 210 -17.38 5.69 0.24
N LYS B 211 -16.20 6.00 -0.32
CA LYS B 211 -15.78 7.39 -0.49
C LYS B 211 -16.80 8.15 -1.35
N GLU B 212 -17.30 7.50 -2.41
CA GLU B 212 -18.22 8.14 -3.34
C GLU B 212 -19.57 8.41 -2.70
N VAL B 213 -20.04 7.47 -1.87
CA VAL B 213 -21.37 7.56 -1.28
C VAL B 213 -21.36 8.62 -0.17
N ARG B 214 -20.27 8.67 0.61
CA ARG B 214 -20.08 9.69 1.62
C ARG B 214 -19.90 11.06 0.96
N ALA B 215 -19.32 11.08 -0.25
CA ALA B 215 -19.10 12.32 -0.98
C ALA B 215 -20.43 13.00 -1.34
N LEU B 216 -21.52 12.23 -1.41
CA LEU B 216 -22.83 12.79 -1.69
C LEU B 216 -23.31 13.67 -0.54
N ASP B 217 -22.73 13.47 0.65
CA ASP B 217 -22.94 14.36 1.79
C ASP B 217 -24.41 14.34 2.18
N ALA B 218 -25.03 13.16 2.11
CA ALA B 218 -26.46 13.00 2.32
C ALA B 218 -26.75 12.21 3.60
N GLY B 219 -25.72 12.05 4.45
CA GLY B 219 -25.87 11.35 5.72
C GLY B 219 -26.12 9.86 5.55
N ILE B 220 -25.73 9.31 4.39
CA ILE B 220 -25.95 7.91 4.07
C ILE B 220 -24.99 7.07 4.90
N GLN B 221 -25.53 6.02 5.53
CA GLN B 221 -24.75 5.05 6.28
C GLN B 221 -24.39 3.90 5.33
N VAL B 222 -23.09 3.77 5.00
CA VAL B 222 -22.67 2.80 4.00
C VAL B 222 -21.70 1.79 4.62
N GLY B 223 -21.86 0.54 4.18
CA GLY B 223 -20.90 -0.52 4.40
C GLY B 223 -21.12 -1.62 3.36
N TRP B 224 -20.67 -2.84 3.67
CA TRP B 224 -20.99 -4.00 2.85
C TRP B 224 -21.44 -5.16 3.72
N THR B 225 -21.76 -6.30 3.09
CA THR B 225 -22.37 -7.43 3.79
C THR B 225 -21.46 -8.64 3.69
N ILE B 226 -21.50 -9.49 4.71
CA ILE B 226 -20.58 -10.62 4.86
C ILE B 226 -21.36 -11.93 4.82
N ALA B 227 -20.82 -12.90 4.08
CA ALA B 227 -21.30 -14.28 4.10
C ALA B 227 -20.66 -15.00 5.29
N ASN B 228 -21.31 -14.89 6.45
CA ASN B 228 -20.81 -15.49 7.69
C ASN B 228 -21.00 -16.99 7.61
N GLN B 229 -19.91 -17.74 7.82
CA GLN B 229 -19.90 -19.18 7.63
C GLN B 229 -20.13 -19.91 8.95
N VAL B 230 -19.92 -19.20 10.09
CA VAL B 230 -20.05 -19.81 11.41
C VAL B 230 -19.24 -21.10 11.42
N TYR B 231 -17.93 -20.96 11.19
CA TYR B 231 -16.99 -22.06 11.34
C TYR B 231 -16.82 -22.35 12.83
N GLN B 232 -17.02 -23.62 13.21
CA GLN B 232 -16.92 -24.04 14.59
C GLN B 232 -15.74 -25.00 14.75
N ALA B 233 -14.74 -24.57 15.54
CA ALA B 233 -13.59 -25.39 15.84
C ALA B 233 -13.96 -26.47 16.85
N LEU B 234 -13.80 -27.74 16.42
CA LEU B 234 -13.87 -28.88 17.32
C LEU B 234 -12.53 -28.98 18.05
N PRO B 235 -12.44 -29.69 19.20
CA PRO B 235 -11.18 -29.73 19.96
C PRO B 235 -10.01 -30.25 19.12
N GLY B 236 -8.91 -29.48 19.13
CA GLY B 236 -7.72 -29.80 18.36
C GLY B 236 -7.55 -28.90 17.14
N ALA B 237 -8.56 -28.07 16.84
CA ALA B 237 -8.63 -27.36 15.57
C ALA B 237 -8.90 -25.87 15.78
N GLU B 238 -8.50 -25.34 16.94
CA GLU B 238 -8.72 -23.93 17.25
C GLU B 238 -7.85 -23.07 16.32
N ASP B 239 -6.66 -23.59 15.98
CA ASP B 239 -5.72 -22.89 15.12
C ASP B 239 -6.10 -23.07 13.65
N VAL B 240 -6.54 -24.28 13.29
CA VAL B 240 -6.87 -24.60 11.91
C VAL B 240 -8.08 -23.78 11.48
N THR B 241 -9.02 -23.55 12.40
CA THR B 241 -10.23 -22.80 12.11
C THR B 241 -9.88 -21.34 11.85
N ALA B 242 -9.06 -20.74 12.73
CA ALA B 242 -8.59 -19.38 12.55
C ALA B 242 -7.96 -19.19 11.17
N ALA B 243 -7.13 -20.17 10.77
CA ALA B 243 -6.38 -20.11 9.53
C ALA B 243 -7.30 -20.28 8.32
N TYR B 244 -8.24 -21.24 8.42
CA TYR B 244 -9.21 -21.50 7.36
C TYR B 244 -10.14 -20.30 7.20
N ARG B 245 -10.57 -19.73 8.34
CA ARG B 245 -11.61 -18.71 8.36
C ARG B 245 -11.10 -17.39 7.80
N HIS B 246 -9.85 -17.03 8.12
CA HIS B 246 -9.35 -15.67 7.95
C HIS B 246 -9.52 -15.18 6.51
N PRO B 247 -8.97 -15.87 5.47
CA PRO B 247 -9.12 -15.39 4.09
C PRO B 247 -10.54 -15.52 3.53
N ARG B 248 -11.38 -16.32 4.20
CA ARG B 248 -12.72 -16.62 3.71
C ARG B 248 -13.77 -15.69 4.31
N GLU B 249 -13.42 -14.99 5.40
CA GLU B 249 -14.42 -14.24 6.15
C GLU B 249 -13.78 -13.01 6.81
N ASP B 250 -12.75 -13.22 7.63
CA ASP B 250 -12.28 -12.20 8.56
C ASP B 250 -11.62 -11.02 7.84
N VAL B 251 -10.89 -11.26 6.74
CA VAL B 251 -10.24 -10.16 6.02
C VAL B 251 -11.28 -9.15 5.56
N PHE B 252 -12.45 -9.65 5.17
CA PHE B 252 -13.52 -8.81 4.66
C PHE B 252 -14.17 -8.02 5.81
N ILE B 253 -14.16 -8.59 7.02
CA ILE B 253 -14.69 -7.92 8.19
C ILE B 253 -13.70 -6.86 8.66
N GLU B 254 -12.39 -7.19 8.62
CA GLU B 254 -11.34 -6.26 9.03
C GLU B 254 -11.41 -5.00 8.16
N ALA B 255 -11.63 -5.18 6.85
CA ALA B 255 -11.65 -4.09 5.90
C ALA B 255 -12.88 -3.21 6.11
N ALA B 256 -13.85 -3.68 6.90
CA ALA B 256 -15.08 -2.95 7.15
C ALA B 256 -14.99 -2.09 8.42
N ARG B 257 -13.83 -2.11 9.09
CA ARG B 257 -13.72 -1.57 10.44
C ARG B 257 -13.89 -0.05 10.45
N GLY B 258 -13.85 0.60 9.27
CA GLY B 258 -14.03 2.04 9.18
C GLY B 258 -15.32 2.42 8.44
N ASP B 259 -16.31 1.53 8.46
CA ASP B 259 -17.58 1.74 7.77
C ASP B 259 -18.63 2.20 8.78
N ASP B 260 -19.80 2.63 8.27
CA ASP B 260 -20.86 3.15 9.10
C ASP B 260 -21.69 2.01 9.68
N TRP B 261 -21.75 0.87 8.96
CA TRP B 261 -22.39 -0.33 9.43
C TRP B 261 -21.79 -1.54 8.71
N ILE B 262 -22.16 -2.75 9.15
CA ILE B 262 -21.74 -3.97 8.46
C ILE B 262 -22.89 -4.97 8.48
N GLY B 263 -23.06 -5.67 7.35
CA GLY B 263 -24.14 -6.63 7.16
C GLY B 263 -23.72 -8.03 7.59
N VAL B 264 -24.55 -8.64 8.46
CA VAL B 264 -24.38 -10.03 8.86
C VAL B 264 -25.38 -10.86 8.06
N GLN B 265 -24.86 -11.91 7.39
CA GLN B 265 -25.68 -12.77 6.57
C GLN B 265 -25.34 -14.22 6.90
N SER B 266 -26.30 -14.93 7.48
CA SER B 266 -26.06 -16.23 8.10
C SER B 266 -27.22 -17.19 7.79
N TYR B 267 -26.89 -18.48 7.68
CA TYR B 267 -27.85 -19.51 7.35
C TYR B 267 -27.54 -20.80 8.12
N THR B 268 -26.29 -21.28 8.01
CA THR B 268 -25.90 -22.57 8.55
C THR B 268 -24.56 -22.44 9.25
N ARG B 269 -23.99 -23.60 9.64
CA ARG B 269 -22.68 -23.67 10.26
C ARG B 269 -21.87 -24.78 9.60
N THR B 270 -20.55 -24.70 9.72
CA THR B 270 -19.65 -25.75 9.25
C THR B 270 -18.66 -26.09 10.35
N ARG B 271 -18.66 -27.36 10.78
CA ARG B 271 -17.72 -27.85 11.76
C ARG B 271 -16.35 -27.99 11.11
N ILE B 272 -15.29 -27.69 11.88
CA ILE B 272 -13.92 -27.81 11.42
C ILE B 272 -13.12 -28.64 12.42
N GLY B 273 -12.45 -29.68 11.91
CA GLY B 273 -11.58 -30.52 12.71
C GLY B 273 -10.11 -30.27 12.35
N PRO B 274 -9.16 -30.97 13.01
CA PRO B 274 -7.73 -30.80 12.74
C PRO B 274 -7.31 -30.96 11.28
N GLU B 275 -8.16 -31.59 10.47
CA GLU B 275 -7.84 -31.88 9.08
C GLU B 275 -8.62 -30.97 8.14
N GLY B 276 -9.48 -30.10 8.69
CA GLY B 276 -10.21 -29.11 7.90
C GLY B 276 -11.71 -29.17 8.16
N PRO B 277 -12.55 -28.61 7.25
CA PRO B 277 -14.00 -28.62 7.44
C PRO B 277 -14.60 -30.01 7.26
N ILE B 278 -15.47 -30.39 8.18
CA ILE B 278 -16.14 -31.68 8.15
C ILE B 278 -17.52 -31.49 7.51
N PRO B 279 -17.97 -32.42 6.63
CA PRO B 279 -19.35 -32.40 6.15
C PRO B 279 -20.34 -32.57 7.30
N ALA B 280 -21.52 -31.96 7.18
CA ALA B 280 -22.60 -32.20 8.12
C ALA B 280 -22.89 -33.71 8.15
N ALA B 281 -23.23 -34.21 9.34
CA ALA B 281 -23.37 -35.65 9.55
C ALA B 281 -24.56 -36.18 8.74
N ASP B 282 -24.52 -37.49 8.46
CA ASP B 282 -25.48 -38.12 7.57
C ASP B 282 -26.92 -37.88 8.03
N ASP B 283 -27.13 -37.79 9.35
CA ASP B 283 -28.47 -37.84 9.91
C ASP B 283 -29.01 -36.45 10.27
N VAL B 284 -28.27 -35.37 10.02
CA VAL B 284 -28.74 -34.05 10.42
C VAL B 284 -29.93 -33.67 9.54
N GLU B 285 -30.81 -32.83 10.09
CA GLU B 285 -31.91 -32.26 9.34
C GLU B 285 -31.36 -31.24 8.35
N ARG B 286 -31.92 -31.26 7.14
CA ARG B 286 -31.39 -30.46 6.04
C ARG B 286 -32.47 -29.53 5.49
N THR B 287 -32.01 -28.54 4.74
CA THR B 287 -32.87 -27.61 4.02
C THR B 287 -32.88 -28.04 2.55
N LEU B 288 -33.53 -27.25 1.69
CA LEU B 288 -33.61 -27.58 0.28
C LEU B 288 -32.31 -27.21 -0.45
N THR B 289 -31.37 -26.55 0.26
CA THR B 289 -30.05 -26.28 -0.29
C THR B 289 -29.06 -27.37 0.12
N THR B 290 -29.55 -28.42 0.80
CA THR B 290 -28.74 -29.52 1.31
C THR B 290 -27.89 -29.09 2.51
N TRP B 291 -27.98 -27.82 2.93
CA TRP B 291 -27.27 -27.39 4.12
C TRP B 291 -27.93 -28.00 5.35
N GLU B 292 -27.20 -27.96 6.47
CA GLU B 292 -27.73 -28.37 7.76
C GLU B 292 -28.70 -27.32 8.28
N TYR B 293 -29.84 -27.78 8.81
CA TYR B 293 -30.80 -26.94 9.50
C TYR B 293 -30.16 -26.46 10.81
N TYR B 294 -30.10 -25.14 11.01
CA TYR B 294 -29.40 -24.58 12.16
C TYR B 294 -29.88 -23.16 12.43
N PRO B 295 -31.04 -22.98 13.11
CA PRO B 295 -31.60 -21.65 13.37
C PRO B 295 -30.75 -20.66 14.17
N THR B 296 -29.71 -21.16 14.87
CA THR B 296 -28.95 -20.34 15.82
C THR B 296 -27.65 -19.83 15.18
N ALA B 297 -27.45 -20.13 13.90
CA ALA B 297 -26.31 -19.65 13.13
C ALA B 297 -26.07 -18.16 13.37
N VAL B 298 -27.14 -17.36 13.26
CA VAL B 298 -27.04 -15.91 13.22
C VAL B 298 -26.45 -15.37 14.53
N GLY B 299 -26.64 -16.10 15.63
CA GLY B 299 -26.07 -15.70 16.92
C GLY B 299 -24.55 -15.64 16.89
N GLU B 300 -23.92 -16.73 16.41
CA GLU B 300 -22.48 -16.84 16.36
C GLU B 300 -21.91 -15.89 15.30
N ALA B 301 -22.71 -15.61 14.26
CA ALA B 301 -22.30 -14.72 13.19
C ALA B 301 -22.23 -13.27 13.69
N LEU B 302 -23.29 -12.83 14.38
CA LEU B 302 -23.32 -11.52 15.00
C LEU B 302 -22.15 -11.37 15.96
N ARG B 303 -21.94 -12.39 16.80
CA ARG B 303 -20.98 -12.33 17.89
C ARG B 303 -19.55 -12.35 17.36
N HIS B 304 -19.29 -13.13 16.31
CA HIS B 304 -17.97 -13.17 15.70
C HIS B 304 -17.69 -11.87 14.96
N THR B 305 -18.71 -11.34 14.28
CA THR B 305 -18.57 -10.11 13.51
C THR B 305 -18.29 -8.95 14.46
N ALA B 306 -18.93 -8.96 15.63
CA ALA B 306 -18.75 -7.90 16.62
C ALA B 306 -17.31 -7.88 17.13
N ALA B 307 -16.74 -9.07 17.34
CA ALA B 307 -15.41 -9.21 17.90
C ALA B 307 -14.35 -8.61 16.97
N VAL B 308 -14.54 -8.81 15.66
CA VAL B 308 -13.55 -8.44 14.68
C VAL B 308 -13.77 -6.99 14.23
N VAL B 309 -15.03 -6.60 14.02
CA VAL B 309 -15.34 -5.30 13.43
C VAL B 309 -15.24 -4.20 14.49
N GLY B 310 -15.33 -4.58 15.78
CA GLY B 310 -15.30 -3.61 16.86
C GLY B 310 -16.67 -2.95 17.08
N ASP B 311 -16.71 -1.61 16.97
CA ASP B 311 -17.85 -0.82 17.36
C ASP B 311 -18.79 -0.54 16.18
N VAL B 312 -18.43 -0.98 14.98
CA VAL B 312 -19.24 -0.72 13.79
C VAL B 312 -20.61 -1.39 13.98
N PRO B 313 -21.73 -0.64 13.92
CA PRO B 313 -23.06 -1.22 14.06
C PRO B 313 -23.33 -2.41 13.14
N LEU B 314 -23.99 -3.44 13.69
CA LEU B 314 -24.32 -4.65 12.96
C LEU B 314 -25.76 -4.56 12.48
N ILE B 315 -26.01 -5.04 11.26
CA ILE B 315 -27.36 -5.26 10.75
C ILE B 315 -27.40 -6.63 10.09
N VAL B 316 -28.32 -7.49 10.54
CA VAL B 316 -28.60 -8.74 9.84
C VAL B 316 -29.30 -8.37 8.53
N THR B 317 -28.62 -8.62 7.41
CA THR B 317 -29.12 -8.21 6.10
C THR B 317 -29.69 -9.41 5.35
N GLU B 318 -29.29 -10.62 5.75
CA GLU B 318 -29.86 -11.85 5.22
C GLU B 318 -29.90 -12.92 6.30
N ASN B 319 -30.99 -13.70 6.32
CA ASN B 319 -31.19 -14.77 7.28
C ASN B 319 -32.51 -15.46 6.96
N GLY B 320 -32.45 -16.79 6.73
CA GLY B 320 -33.65 -17.55 6.42
C GLY B 320 -33.34 -19.01 6.08
N ILE B 321 -34.29 -19.65 5.39
CA ILE B 321 -34.27 -21.10 5.19
C ILE B 321 -35.02 -21.44 3.91
N ALA B 322 -34.43 -22.36 3.12
CA ALA B 322 -35.06 -22.89 1.93
C ALA B 322 -35.85 -24.15 2.28
N THR B 323 -37.18 -24.04 2.27
CA THR B 323 -38.04 -25.16 2.62
C THR B 323 -39.40 -24.99 1.93
N ALA B 324 -40.10 -26.11 1.74
CA ALA B 324 -41.48 -26.12 1.29
C ALA B 324 -42.41 -26.18 2.50
N ASP B 325 -41.82 -26.37 3.69
CA ASP B 325 -42.56 -26.47 4.94
C ASP B 325 -42.41 -25.15 5.69
N ASP B 326 -43.45 -24.31 5.63
CA ASP B 326 -43.42 -22.97 6.20
C ASP B 326 -43.43 -23.03 7.72
N SER B 327 -43.96 -24.12 8.30
CA SER B 327 -43.95 -24.31 9.74
C SER B 327 -42.52 -24.38 10.26
N ARG B 328 -41.65 -25.03 9.47
CA ARG B 328 -40.26 -25.19 9.85
C ARG B 328 -39.52 -23.86 9.67
N ARG B 329 -40.03 -23.02 8.76
CA ARG B 329 -39.51 -21.67 8.60
C ARG B 329 -39.84 -20.85 9.85
N VAL B 330 -41.06 -21.00 10.37
CA VAL B 330 -41.45 -20.34 11.60
C VAL B 330 -40.52 -20.81 12.72
N ASP B 331 -40.20 -22.10 12.74
CA ASP B 331 -39.27 -22.67 13.72
C ASP B 331 -37.89 -22.04 13.56
N TYR B 332 -37.41 -21.94 12.31
CA TYR B 332 -36.08 -21.41 12.05
C TYR B 332 -35.99 -19.98 12.59
N TYR B 333 -37.02 -19.17 12.32
CA TYR B 333 -37.00 -17.76 12.67
C TYR B 333 -37.18 -17.56 14.18
N ALA B 334 -37.82 -18.52 14.85
CA ALA B 334 -38.00 -18.46 16.29
C ALA B 334 -36.64 -18.56 16.98
N GLY B 335 -35.82 -19.51 16.52
CA GLY B 335 -34.46 -19.69 17.02
C GLY B 335 -33.56 -18.52 16.66
N ALA B 336 -33.72 -17.99 15.44
CA ALA B 336 -32.90 -16.89 14.95
C ALA B 336 -33.14 -15.64 15.80
N LEU B 337 -34.41 -15.23 15.94
CA LEU B 337 -34.76 -14.01 16.64
C LEU B 337 -34.40 -14.11 18.12
N ASP B 338 -34.42 -15.34 18.67
CA ASP B 338 -33.99 -15.58 20.04
C ASP B 338 -32.53 -15.18 20.19
N GLU B 339 -31.69 -15.62 19.24
CA GLU B 339 -30.27 -15.30 19.25
C GLU B 339 -30.06 -13.80 19.05
N VAL B 340 -30.90 -13.18 18.19
CA VAL B 340 -30.82 -11.76 17.93
C VAL B 340 -31.14 -11.01 19.22
N ALA B 341 -32.23 -11.41 19.88
CA ALA B 341 -32.63 -10.82 21.16
C ALA B 341 -31.54 -11.02 22.20
N SER B 342 -30.91 -12.20 22.18
CA SER B 342 -29.88 -12.56 23.15
C SER B 342 -28.65 -11.66 22.99
N ALA B 343 -28.28 -11.37 21.73
CA ALA B 343 -27.14 -10.51 21.43
C ALA B 343 -27.42 -9.08 21.87
N LEU B 344 -28.65 -8.60 21.60
CA LEU B 344 -29.06 -7.27 22.01
C LEU B 344 -29.01 -7.12 23.53
N ALA B 345 -29.37 -8.20 24.25
CA ALA B 345 -29.38 -8.18 25.70
C ALA B 345 -27.96 -8.23 26.24
N ASP B 346 -27.03 -8.79 25.47
CA ASP B 346 -25.63 -8.90 25.86
C ASP B 346 -24.85 -7.64 25.49
N GLY B 347 -25.49 -6.70 24.79
CA GLY B 347 -24.94 -5.37 24.58
C GLY B 347 -24.40 -5.11 23.18
N LEU B 348 -24.61 -6.05 22.24
CA LEU B 348 -24.15 -5.88 20.87
C LEU B 348 -25.00 -4.81 20.18
N ASP B 349 -24.33 -3.97 19.39
CA ASP B 349 -24.97 -2.85 18.72
C ASP B 349 -25.55 -3.32 17.38
N ILE B 350 -26.73 -3.94 17.46
CA ILE B 350 -27.44 -4.43 16.29
C ILE B 350 -28.60 -3.47 16.02
N ARG B 351 -28.72 -3.03 14.75
CA ARG B 351 -29.64 -1.96 14.40
C ARG B 351 -30.61 -2.38 13.30
N GLY B 352 -30.66 -3.67 12.97
CA GLY B 352 -31.62 -4.13 11.97
C GLY B 352 -31.64 -5.65 11.81
N TYR B 353 -32.79 -6.13 11.33
CA TYR B 353 -32.96 -7.52 10.97
C TYR B 353 -33.76 -7.59 9.66
N LEU B 354 -33.18 -8.25 8.65
CA LEU B 354 -33.80 -8.38 7.35
C LEU B 354 -33.78 -9.84 6.91
N ALA B 355 -34.96 -10.44 6.79
CA ALA B 355 -35.09 -11.84 6.43
C ALA B 355 -34.77 -12.02 4.95
N TRP B 356 -34.09 -13.14 4.63
CA TRP B 356 -33.96 -13.59 3.26
C TRP B 356 -34.88 -14.80 3.06
N SER B 357 -35.83 -14.72 2.12
CA SER B 357 -36.04 -13.59 1.23
C SER B 357 -37.50 -13.14 1.31
N ALA B 358 -37.76 -11.92 0.85
CA ALA B 358 -39.12 -11.41 0.75
C ALA B 358 -39.93 -12.32 -0.18
N LEU B 359 -39.31 -12.73 -1.30
CA LEU B 359 -39.96 -13.56 -2.31
C LEU B 359 -39.18 -14.87 -2.47
N ASP B 360 -39.90 -15.93 -2.87
CA ASP B 360 -39.29 -17.05 -3.57
C ASP B 360 -38.60 -16.49 -4.81
N ASN B 361 -37.42 -17.02 -5.13
CA ASN B 361 -36.60 -16.40 -6.16
C ASN B 361 -35.63 -17.40 -6.78
N TYR B 362 -34.92 -16.94 -7.81
CA TYR B 362 -33.93 -17.72 -8.52
C TYR B 362 -32.72 -17.95 -7.61
N GLU B 363 -32.59 -19.18 -7.10
CA GLU B 363 -31.49 -19.53 -6.21
C GLU B 363 -30.28 -19.91 -7.06
N TRP B 364 -29.78 -18.94 -7.83
CA TRP B 364 -28.54 -19.07 -8.57
C TRP B 364 -28.42 -20.44 -9.23
N GLY B 365 -29.45 -20.83 -10.00
CA GLY B 365 -29.41 -22.02 -10.80
C GLY B 365 -30.66 -22.91 -10.67
N THR B 366 -31.50 -22.65 -9.67
CA THR B 366 -32.72 -23.42 -9.49
C THR B 366 -33.81 -22.57 -8.85
N TYR B 367 -35.07 -22.96 -9.10
CA TYR B 367 -36.24 -22.32 -8.52
C TYR B 367 -36.84 -23.21 -7.43
N LYS B 368 -36.25 -24.38 -7.23
CA LYS B 368 -36.78 -25.39 -6.32
C LYS B 368 -36.50 -24.98 -4.87
N ALA B 369 -35.39 -24.25 -4.65
CA ALA B 369 -34.97 -23.87 -3.32
C ALA B 369 -35.70 -22.60 -2.88
N THR B 370 -36.84 -22.77 -2.21
CA THR B 370 -37.77 -21.69 -1.93
C THR B 370 -37.47 -21.06 -0.58
N PHE B 371 -36.95 -19.82 -0.61
CA PHE B 371 -36.55 -19.10 0.60
C PHE B 371 -37.60 -18.07 1.02
N GLY B 372 -38.69 -17.95 0.25
CA GLY B 372 -39.56 -16.79 0.32
C GLY B 372 -40.40 -16.74 1.59
N LEU B 373 -40.59 -15.52 2.11
CA LEU B 373 -41.70 -15.20 3.00
C LEU B 373 -42.98 -15.17 2.19
N ILE B 374 -42.85 -14.83 0.89
CA ILE B 374 -43.98 -14.69 -0.02
C ILE B 374 -43.78 -15.65 -1.18
N ALA B 375 -44.79 -16.52 -1.41
CA ALA B 375 -44.73 -17.53 -2.46
C ALA B 375 -45.00 -16.89 -3.82
N ILE B 376 -44.39 -17.46 -4.87
CA ILE B 376 -44.48 -16.95 -6.23
C ILE B 376 -44.93 -18.07 -7.16
N ASP B 377 -46.06 -17.85 -7.83
CA ASP B 377 -46.46 -18.68 -8.96
C ASP B 377 -45.63 -18.24 -10.17
N TRP B 378 -44.81 -19.15 -10.69
CA TRP B 378 -43.83 -18.83 -11.72
C TRP B 378 -44.50 -18.54 -13.06
N GLU B 379 -45.75 -19.00 -13.21
CA GLU B 379 -46.49 -18.82 -14.45
C GLU B 379 -47.27 -17.51 -14.40
N THR B 380 -47.98 -17.24 -13.31
CA THR B 380 -48.87 -16.10 -13.22
C THR B 380 -48.22 -14.91 -12.51
N PHE B 381 -47.18 -15.17 -11.70
CA PHE B 381 -46.49 -14.16 -10.91
C PHE B 381 -47.36 -13.67 -9.76
N GLU B 382 -48.32 -14.50 -9.31
CA GLU B 382 -49.13 -14.17 -8.16
C GLU B 382 -48.29 -14.29 -6.89
N ARG B 383 -48.38 -13.29 -6.01
CA ARG B 383 -47.73 -13.35 -4.70
C ARG B 383 -48.73 -13.94 -3.70
N THR B 384 -48.23 -14.83 -2.82
CA THR B 384 -49.04 -15.31 -1.71
C THR B 384 -48.19 -15.26 -0.44
N PRO B 385 -48.51 -14.38 0.53
CA PRO B 385 -47.77 -14.32 1.78
C PRO B 385 -47.98 -15.61 2.58
N ARG B 386 -46.87 -16.21 3.04
CA ARG B 386 -46.94 -17.39 3.88
C ARG B 386 -47.21 -16.95 5.31
N ASP B 387 -47.63 -17.91 6.15
CA ASP B 387 -47.88 -17.66 7.56
C ASP B 387 -46.64 -17.05 8.23
N SER B 388 -45.46 -17.51 7.81
CA SER B 388 -44.20 -16.98 8.33
C SER B 388 -44.14 -15.47 8.17
N ALA B 389 -44.59 -14.98 7.01
CA ALA B 389 -44.56 -13.56 6.69
C ALA B 389 -45.58 -12.79 7.51
N LYS B 390 -46.74 -13.41 7.78
CA LYS B 390 -47.79 -12.78 8.57
C LYS B 390 -47.31 -12.58 10.00
N TRP B 391 -46.54 -13.56 10.52
CA TRP B 391 -46.01 -13.49 11.87
C TRP B 391 -44.88 -12.47 11.95
N LEU B 392 -43.83 -12.66 11.14
CA LEU B 392 -42.66 -11.80 11.18
C LEU B 392 -43.05 -10.34 10.97
N GLY B 393 -43.90 -10.09 9.98
CA GLY B 393 -44.33 -8.74 9.62
C GLY B 393 -45.06 -8.02 10.75
N SER B 394 -45.82 -8.77 11.56
CA SER B 394 -46.61 -8.21 12.65
C SER B 394 -45.69 -7.64 13.73
N LEU B 395 -44.46 -8.16 13.81
CA LEU B 395 -43.47 -7.73 14.78
C LEU B 395 -42.95 -6.33 14.48
N GLY B 396 -43.17 -5.85 13.25
CA GLY B 396 -42.88 -4.46 12.90
C GLY B 396 -43.80 -3.48 13.62
N ARG B 397 -44.96 -3.96 14.09
CA ARG B 397 -45.90 -3.15 14.85
C ARG B 397 -45.67 -3.33 16.35
N THR B 398 -45.50 -4.58 16.80
CA THR B 398 -45.33 -4.87 18.21
C THR B 398 -43.96 -4.37 18.67
N ARG B 399 -42.97 -4.45 17.77
CA ARG B 399 -41.62 -3.97 18.01
C ARG B 399 -40.98 -4.76 19.15
N GLU B 400 -41.26 -6.08 19.20
CA GLU B 400 -40.69 -6.96 20.21
C GLU B 400 -40.16 -8.23 19.56
N LEU B 401 -38.96 -8.66 19.97
CA LEU B 401 -38.38 -9.94 19.58
C LEU B 401 -38.77 -10.99 20.61
N PRO B 402 -39.41 -12.12 20.21
CA PRO B 402 -39.73 -13.19 21.16
C PRO B 402 -38.56 -14.17 21.29
N ARG B 403 -38.69 -15.13 22.22
CA ARG B 403 -37.58 -15.96 22.64
C ARG B 403 -37.90 -17.44 22.32
N THR C 11 -16.86 58.01 -15.97
CA THR C 11 -15.61 58.06 -15.14
C THR C 11 -14.60 57.05 -15.72
N PRO C 12 -14.27 57.12 -17.04
CA PRO C 12 -13.58 56.03 -17.74
C PRO C 12 -12.06 56.19 -17.81
N VAL C 13 -11.37 55.04 -17.88
CA VAL C 13 -9.93 54.96 -17.66
C VAL C 13 -9.24 54.58 -18.97
N PRO C 14 -8.31 55.44 -19.48
CA PRO C 14 -7.45 55.07 -20.61
C PRO C 14 -6.55 53.86 -20.35
N PHE C 15 -6.19 53.16 -21.44
CA PHE C 15 -5.15 52.13 -21.38
C PHE C 15 -3.81 52.78 -21.01
N PRO C 16 -3.04 52.20 -20.06
CA PRO C 16 -1.61 52.49 -19.98
C PRO C 16 -0.91 52.11 -21.29
N GLU C 17 0.22 52.78 -21.55
CA GLU C 17 1.08 52.51 -22.69
C GLU C 17 1.42 51.01 -22.76
N GLY C 18 1.28 50.42 -23.95
CA GLY C 18 1.70 49.05 -24.19
C GLY C 18 0.87 48.01 -23.44
N PHE C 19 -0.30 48.44 -22.95
CA PHE C 19 -1.21 47.58 -22.19
C PHE C 19 -1.66 46.42 -23.07
N LEU C 20 -1.48 45.19 -22.57
CA LEU C 20 -1.91 44.00 -23.28
C LEU C 20 -3.43 43.99 -23.35
N TRP C 21 -3.97 43.65 -24.52
CA TRP C 21 -5.40 43.57 -24.72
C TRP C 21 -5.72 42.46 -25.73
N GLY C 22 -6.33 41.37 -25.23
CA GLY C 22 -6.58 40.22 -26.08
C GLY C 22 -7.44 39.15 -25.42
N ALA C 23 -7.13 37.88 -25.74
CA ALA C 23 -7.85 36.74 -25.21
C ALA C 23 -6.88 35.56 -25.10
N SER C 24 -7.32 34.50 -24.42
CA SER C 24 -6.43 33.40 -24.03
C SER C 24 -7.02 32.05 -24.45
N THR C 25 -6.13 31.12 -24.79
CA THR C 25 -6.50 29.73 -25.04
C THR C 25 -5.49 28.80 -24.37
N ALA C 26 -5.77 27.50 -24.40
CA ALA C 26 -4.84 26.48 -23.94
C ALA C 26 -4.78 25.35 -24.97
N ALA C 27 -3.59 24.78 -25.17
CA ALA C 27 -3.31 23.90 -26.28
C ALA C 27 -4.26 22.70 -26.29
N HIS C 28 -4.39 22.02 -25.14
CA HIS C 28 -5.21 20.82 -25.06
C HIS C 28 -6.68 21.15 -25.33
N GLN C 29 -7.10 22.36 -24.98
CA GLN C 29 -8.51 22.71 -25.01
C GLN C 29 -8.97 23.09 -26.42
N ILE C 30 -8.05 23.51 -27.29
CA ILE C 30 -8.43 23.98 -28.62
C ILE C 30 -7.80 23.13 -29.74
N GLU C 31 -6.63 22.53 -29.52
CA GLU C 31 -5.81 22.06 -30.63
C GLU C 31 -6.42 20.84 -31.30
N GLY C 32 -6.84 19.85 -30.51
CA GLY C 32 -7.27 18.57 -31.05
C GLY C 32 -6.10 17.63 -31.30
N ASN C 33 -6.36 16.33 -31.16
CA ASN C 33 -5.38 15.29 -31.45
C ASN C 33 -4.10 15.53 -30.65
N ASN C 34 -4.26 15.80 -29.35
CA ASN C 34 -3.14 15.95 -28.43
C ASN C 34 -2.94 14.61 -27.72
N THR C 35 -2.43 13.63 -28.47
CA THR C 35 -2.65 12.22 -28.14
C THR C 35 -1.53 11.65 -27.28
N ASP C 36 -0.49 12.43 -26.97
CA ASP C 36 0.60 11.95 -26.15
C ASP C 36 0.56 12.61 -24.76
N SER C 37 -0.58 13.24 -24.44
CA SER C 37 -0.78 13.89 -23.15
C SER C 37 -1.31 12.87 -22.13
N ASP C 38 -1.30 13.28 -20.85
CA ASP C 38 -1.88 12.47 -19.80
C ASP C 38 -3.40 12.46 -19.94
N TRP C 39 -3.98 13.59 -20.34
CA TRP C 39 -5.43 13.73 -20.42
C TRP C 39 -6.00 12.83 -21.53
N TRP C 40 -5.31 12.73 -22.66
CA TRP C 40 -5.78 11.87 -23.75
C TRP C 40 -5.95 10.44 -23.24
N VAL C 41 -5.06 10.01 -22.34
CA VAL C 41 -5.13 8.68 -21.74
C VAL C 41 -6.29 8.62 -20.75
N LYS C 42 -6.43 9.66 -19.91
CA LYS C 42 -7.46 9.68 -18.88
C LYS C 42 -8.84 9.75 -19.51
N GLU C 43 -8.94 10.36 -20.70
CA GLU C 43 -10.22 10.56 -21.37
C GLU C 43 -10.76 9.24 -21.93
N HIS C 44 -9.87 8.26 -22.14
CA HIS C 44 -10.26 6.99 -22.74
C HIS C 44 -9.99 5.82 -21.80
N ALA C 45 -9.52 6.11 -20.57
CA ALA C 45 -9.17 5.07 -19.62
C ALA C 45 -10.42 4.44 -19.03
N ALA C 46 -10.28 3.18 -18.60
CA ALA C 46 -11.39 2.40 -18.08
C ALA C 46 -11.99 3.07 -16.84
N GLY C 47 -13.27 3.44 -16.95
CA GLY C 47 -14.00 4.00 -15.82
C GLY C 47 -13.61 5.44 -15.51
N THR C 48 -13.22 6.20 -16.55
CA THR C 48 -13.00 7.63 -16.41
C THR C 48 -14.32 8.33 -16.08
N HIS C 49 -14.26 9.34 -15.21
CA HIS C 49 -15.42 10.17 -14.90
C HIS C 49 -15.49 11.34 -15.87
N ILE C 50 -14.45 11.51 -16.70
CA ILE C 50 -14.43 12.54 -17.73
C ILE C 50 -15.60 12.28 -18.68
N ALA C 51 -16.53 13.23 -18.75
CA ALA C 51 -17.82 13.02 -19.40
C ALA C 51 -17.65 12.75 -20.89
N GLU C 52 -16.87 13.60 -21.58
CA GLU C 52 -16.60 13.40 -22.99
C GLU C 52 -15.12 13.63 -23.28
N PRO C 53 -14.54 12.88 -24.25
CA PRO C 53 -13.13 13.05 -24.62
C PRO C 53 -12.89 14.31 -25.44
N SER C 54 -11.62 14.69 -25.59
CA SER C 54 -11.24 15.93 -26.23
C SER C 54 -11.32 15.81 -27.75
N LEU C 55 -10.78 14.71 -28.29
CA LEU C 55 -10.79 14.45 -29.73
C LEU C 55 -10.17 15.63 -30.48
N ASP C 56 -10.98 16.33 -31.28
CA ASP C 56 -10.49 17.29 -32.26
C ASP C 56 -10.55 18.72 -31.72
N ALA C 57 -11.30 18.92 -30.62
CA ALA C 57 -11.52 20.25 -30.08
C ALA C 57 -11.88 21.22 -31.19
N CYS C 58 -11.08 22.30 -31.35
CA CYS C 58 -11.32 23.31 -32.37
C CYS C 58 -10.40 23.10 -33.57
N ASP C 59 -9.53 22.09 -33.50
CA ASP C 59 -8.54 21.81 -34.52
C ASP C 59 -7.66 23.04 -34.76
N SER C 60 -7.28 23.72 -33.67
CA SER C 60 -6.43 24.90 -33.78
C SER C 60 -4.98 24.50 -34.09
N TYR C 61 -4.68 23.19 -34.01
CA TYR C 61 -3.40 22.68 -34.49
C TYR C 61 -3.21 23.10 -35.94
N HIS C 62 -4.29 22.98 -36.73
CA HIS C 62 -4.28 23.38 -38.14
C HIS C 62 -4.74 24.84 -38.30
N ARG C 63 -5.63 25.30 -37.40
CA ARG C 63 -6.48 26.44 -37.70
C ARG C 63 -6.16 27.64 -36.80
N TRP C 64 -4.97 27.68 -36.20
CA TRP C 64 -4.55 28.83 -35.40
C TRP C 64 -4.38 30.07 -36.28
N PRO C 65 -3.98 29.95 -37.57
CA PRO C 65 -3.88 31.14 -38.43
C PRO C 65 -5.21 31.90 -38.51
N GLU C 66 -6.30 31.13 -38.61
CA GLU C 66 -7.65 31.69 -38.66
C GLU C 66 -8.03 32.27 -37.29
N ASP C 67 -7.67 31.56 -36.22
CA ASP C 67 -7.89 32.04 -34.86
C ASP C 67 -7.30 33.44 -34.72
N MET C 68 -6.06 33.61 -35.19
CA MET C 68 -5.31 34.85 -35.02
C MET C 68 -5.83 35.92 -35.97
N ASP C 69 -6.13 35.54 -37.22
CA ASP C 69 -6.71 36.46 -38.19
C ASP C 69 -7.97 37.10 -37.63
N LEU C 70 -8.78 36.28 -36.94
CA LEU C 70 -10.08 36.70 -36.43
C LEU C 70 -9.87 37.68 -35.28
N LEU C 71 -8.95 37.36 -34.36
CA LEU C 71 -8.64 38.22 -33.22
C LEU C 71 -8.10 39.57 -33.70
N ALA C 72 -7.16 39.53 -34.66
CA ALA C 72 -6.56 40.75 -35.20
C ALA C 72 -7.64 41.60 -35.89
N SER C 73 -8.48 40.94 -36.69
CA SER C 73 -9.58 41.59 -37.38
C SER C 73 -10.51 42.30 -36.39
N LEU C 74 -10.78 41.66 -35.25
CA LEU C 74 -11.73 42.17 -34.27
C LEU C 74 -11.20 43.44 -33.60
N GLY C 75 -9.87 43.53 -33.47
CA GLY C 75 -9.23 44.73 -32.90
C GLY C 75 -8.22 44.39 -31.82
N PHE C 76 -8.30 43.17 -31.27
CA PHE C 76 -7.37 42.70 -30.24
C PHE C 76 -5.93 42.81 -30.73
N THR C 77 -5.02 43.08 -29.78
CA THR C 77 -3.62 43.34 -30.09
C THR C 77 -2.71 42.24 -29.54
N ASP C 78 -3.27 41.33 -28.73
CA ASP C 78 -2.48 40.33 -28.02
C ASP C 78 -3.19 38.98 -28.06
N TYR C 79 -2.41 37.89 -28.02
CA TYR C 79 -2.97 36.56 -27.95
C TYR C 79 -2.11 35.70 -26.99
N ARG C 80 -2.76 35.17 -25.96
CA ARG C 80 -2.12 34.24 -25.03
C ARG C 80 -2.50 32.81 -25.43
N PHE C 81 -1.49 32.01 -25.78
CA PHE C 81 -1.69 30.61 -26.14
C PHE C 81 -0.61 29.77 -25.47
N SER C 82 -0.89 28.46 -25.31
CA SER C 82 0.05 27.55 -24.67
C SER C 82 0.78 26.72 -25.72
N VAL C 83 1.98 26.26 -25.32
CA VAL C 83 2.80 25.36 -26.13
C VAL C 83 2.90 24.05 -25.37
N GLU C 84 2.77 22.92 -26.08
CA GLU C 84 2.49 21.64 -25.44
C GLU C 84 3.76 20.78 -25.37
N TRP C 85 4.12 20.42 -24.13
CA TRP C 85 5.26 19.58 -23.81
C TRP C 85 5.06 18.17 -24.39
N ALA C 86 3.85 17.64 -24.21
CA ALA C 86 3.47 16.32 -24.70
C ALA C 86 3.80 16.15 -26.19
N ARG C 87 3.72 17.25 -26.96
CA ARG C 87 4.03 17.21 -28.38
C ARG C 87 5.53 17.36 -28.60
N ILE C 88 6.17 18.25 -27.83
CA ILE C 88 7.57 18.59 -28.02
C ILE C 88 8.45 17.46 -27.49
N GLU C 89 8.02 16.80 -26.42
CA GLU C 89 8.74 15.67 -25.85
C GLU C 89 7.78 14.49 -25.72
N PRO C 90 7.32 13.90 -26.85
CA PRO C 90 6.33 12.82 -26.82
C PRO C 90 6.84 11.54 -26.16
N VAL C 91 8.15 11.34 -26.20
CA VAL C 91 8.82 10.26 -25.50
C VAL C 91 9.99 10.88 -24.73
N GLU C 92 10.22 10.38 -23.50
CA GLU C 92 11.21 11.00 -22.61
C GLU C 92 12.56 11.10 -23.31
N GLY C 93 13.04 12.33 -23.48
CA GLY C 93 14.39 12.58 -23.98
C GLY C 93 14.47 12.67 -25.50
N HIS C 94 13.34 12.52 -26.19
CA HIS C 94 13.30 12.66 -27.64
C HIS C 94 12.53 13.91 -28.02
N PHE C 95 13.26 15.01 -28.20
CA PHE C 95 12.68 16.32 -28.48
C PHE C 95 12.38 16.44 -29.97
N SER C 96 11.18 16.96 -30.27
CA SER C 96 10.71 17.09 -31.64
C SER C 96 11.03 18.50 -32.16
N ARG C 97 12.03 18.58 -33.04
CA ARG C 97 12.34 19.83 -33.73
C ARG C 97 11.17 20.23 -34.63
N ALA C 98 10.39 19.24 -35.09
CA ALA C 98 9.24 19.48 -35.93
C ALA C 98 8.19 20.29 -35.18
N GLN C 99 7.91 19.87 -33.94
CA GLN C 99 6.86 20.46 -33.12
C GLN C 99 7.34 21.80 -32.58
N LEU C 100 8.65 21.92 -32.32
CA LEU C 100 9.23 23.19 -31.90
C LEU C 100 9.05 24.22 -33.01
N ALA C 101 9.33 23.81 -34.26
CA ALA C 101 9.15 24.67 -35.42
C ALA C 101 7.66 25.02 -35.58
N HIS C 102 6.78 24.06 -35.27
CA HIS C 102 5.35 24.28 -35.33
C HIS C 102 4.96 25.47 -34.45
N TYR C 103 5.45 25.46 -33.21
CA TYR C 103 5.06 26.47 -32.23
C TYR C 103 5.85 27.77 -32.48
N ARG C 104 7.02 27.66 -33.12
CA ARG C 104 7.78 28.83 -33.54
C ARG C 104 6.98 29.60 -34.60
N ARG C 105 6.31 28.88 -35.51
CA ARG C 105 5.53 29.52 -36.56
C ARG C 105 4.29 30.19 -35.96
N MET C 106 3.80 29.66 -34.84
CA MET C 106 2.69 30.28 -34.12
C MET C 106 3.12 31.66 -33.62
N VAL C 107 4.35 31.74 -33.08
CA VAL C 107 4.88 32.99 -32.55
C VAL C 107 5.05 33.98 -33.71
N GLU C 108 5.73 33.55 -34.78
CA GLU C 108 5.96 34.38 -35.95
C GLU C 108 4.63 34.83 -36.55
N GLY C 109 3.69 33.88 -36.67
CA GLY C 109 2.40 34.14 -37.29
C GLY C 109 1.58 35.18 -36.52
N ALA C 110 1.71 35.18 -35.19
CA ALA C 110 1.08 36.18 -34.34
C ALA C 110 1.58 37.58 -34.71
N ILE C 111 2.91 37.72 -34.75
CA ILE C 111 3.57 38.98 -35.00
C ILE C 111 3.20 39.46 -36.41
N GLU C 112 3.32 38.54 -37.37
CA GLU C 112 2.96 38.72 -38.76
C GLU C 112 1.53 39.25 -38.91
N ARG C 113 0.65 38.98 -37.94
CA ARG C 113 -0.76 39.34 -38.02
C ARG C 113 -1.10 40.52 -37.11
N GLY C 114 -0.08 41.17 -36.53
CA GLY C 114 -0.27 42.33 -35.69
C GLY C 114 -0.75 41.99 -34.28
N LEU C 115 -0.37 40.78 -33.81
CA LEU C 115 -0.67 40.33 -32.47
C LEU C 115 0.63 40.13 -31.70
N ARG C 116 0.64 40.53 -30.42
CA ARG C 116 1.73 40.19 -29.53
C ARG C 116 1.46 38.82 -28.91
N PRO C 117 2.33 37.81 -29.13
CA PRO C 117 2.14 36.48 -28.57
C PRO C 117 2.66 36.34 -27.13
N MET C 118 1.76 36.11 -26.18
CA MET C 118 2.14 35.65 -24.85
C MET C 118 2.11 34.13 -24.84
N VAL C 119 3.22 33.51 -24.43
CA VAL C 119 3.39 32.07 -24.51
C VAL C 119 3.32 31.47 -23.11
N THR C 120 2.37 30.55 -22.91
CA THR C 120 2.33 29.70 -21.73
C THR C 120 3.05 28.40 -22.06
N LEU C 121 4.00 28.00 -21.22
CA LEU C 121 4.84 26.84 -21.49
C LEU C 121 4.18 25.56 -20.97
N HIS C 122 3.35 25.68 -19.94
CA HIS C 122 2.67 24.53 -19.37
C HIS C 122 1.29 24.93 -18.87
N HIS C 123 0.27 24.28 -19.43
CA HIS C 123 -1.12 24.53 -19.07
C HIS C 123 -1.79 23.20 -18.75
N PHE C 124 -1.39 22.63 -17.60
CA PHE C 124 -2.01 21.48 -16.96
C PHE C 124 -1.47 20.17 -17.54
N THR C 125 -1.68 19.93 -18.83
CA THR C 125 -1.35 18.65 -19.44
C THR C 125 0.17 18.42 -19.40
N VAL C 126 0.55 17.14 -19.36
CA VAL C 126 1.94 16.73 -19.31
C VAL C 126 2.12 15.58 -20.30
N PRO C 127 3.35 15.25 -20.76
CA PRO C 127 3.60 13.97 -21.41
C PRO C 127 3.10 12.80 -20.56
N GLN C 128 2.53 11.80 -21.20
CA GLN C 128 2.00 10.63 -20.53
C GLN C 128 3.12 9.90 -19.78
N TRP C 129 4.33 9.90 -20.37
CA TRP C 129 5.48 9.26 -19.73
C TRP C 129 5.84 9.99 -18.43
N PHE C 130 5.61 11.31 -18.39
CA PHE C 130 5.86 12.11 -17.20
C PHE C 130 4.87 11.74 -16.10
N GLU C 131 3.60 11.55 -16.48
CA GLU C 131 2.58 11.07 -15.55
C GLU C 131 2.96 9.67 -15.05
N ALA C 132 3.38 8.79 -15.98
CA ALA C 132 3.64 7.40 -15.67
C ALA C 132 4.83 7.25 -14.72
N ARG C 133 5.80 8.18 -14.81
CA ARG C 133 6.95 8.19 -13.91
C ARG C 133 6.53 8.37 -12.47
N GLY C 134 5.49 9.20 -12.25
CA GLY C 134 5.11 9.63 -10.91
C GLY C 134 4.75 11.11 -10.85
N GLY C 135 4.97 11.85 -11.96
CA GLY C 135 4.46 13.20 -12.11
C GLY C 135 5.38 14.25 -11.48
N TRP C 136 4.75 15.29 -10.92
CA TRP C 136 5.46 16.44 -10.36
C TRP C 136 6.24 16.07 -9.12
N THR C 137 5.82 14.97 -8.47
CA THR C 137 6.30 14.58 -7.15
C THR C 137 7.52 13.67 -7.27
N ALA C 138 7.73 13.06 -8.44
CA ALA C 138 8.80 12.10 -8.63
C ALA C 138 10.16 12.79 -8.68
N GLU C 139 11.21 12.02 -8.37
CA GLU C 139 12.58 12.49 -8.45
C GLU C 139 12.89 12.83 -9.91
N GLY C 140 13.44 14.03 -10.14
CA GLY C 140 13.88 14.46 -11.46
C GLY C 140 12.85 15.31 -12.19
N ALA C 141 11.66 15.49 -11.60
CA ALA C 141 10.55 16.16 -12.27
C ALA C 141 10.89 17.62 -12.55
N VAL C 142 11.62 18.27 -11.62
CA VAL C 142 12.00 19.66 -11.76
C VAL C 142 13.01 19.81 -12.91
N GLU C 143 13.95 18.87 -13.01
CA GLU C 143 14.97 18.89 -14.04
C GLU C 143 14.34 18.68 -15.41
N LEU C 144 13.42 17.72 -15.49
CA LEU C 144 12.73 17.38 -16.73
C LEU C 144 11.99 18.60 -17.27
N PHE C 145 11.28 19.31 -16.38
CA PHE C 145 10.55 20.50 -16.79
C PHE C 145 11.53 21.61 -17.18
N ALA C 146 12.63 21.74 -16.41
CA ALA C 146 13.66 22.72 -16.70
C ALA C 146 14.25 22.48 -18.10
N ARG C 147 14.39 21.21 -18.47
CA ARG C 147 14.97 20.85 -19.77
C ARG C 147 13.97 21.20 -20.89
N TYR C 148 12.69 20.86 -20.68
CA TYR C 148 11.65 21.20 -21.63
C TYR C 148 11.66 22.71 -21.89
N VAL C 149 11.74 23.51 -20.82
CA VAL C 149 11.70 24.95 -20.96
C VAL C 149 12.91 25.44 -21.76
N ALA C 150 14.08 24.84 -21.52
CA ALA C 150 15.29 25.19 -22.24
C ALA C 150 15.17 24.80 -23.72
N ALA C 151 14.46 23.70 -23.99
CA ALA C 151 14.28 23.22 -25.35
C ALA C 151 13.38 24.17 -26.15
N CYS C 152 12.52 24.92 -25.44
CA CYS C 152 11.60 25.85 -26.08
C CYS C 152 12.29 27.16 -26.48
N ALA C 153 13.61 27.25 -26.26
CA ALA C 153 14.39 28.44 -26.59
C ALA C 153 14.06 28.94 -28.00
N PRO C 154 14.22 28.12 -29.07
CA PRO C 154 13.90 28.55 -30.43
C PRO C 154 12.47 29.06 -30.65
N VAL C 155 11.54 28.71 -29.75
CA VAL C 155 10.17 29.19 -29.86
C VAL C 155 10.10 30.62 -29.33
N ILE C 156 10.81 30.91 -28.24
CA ILE C 156 10.53 32.11 -27.45
C ILE C 156 11.72 33.08 -27.43
N SER C 157 12.84 32.73 -28.09
CA SER C 157 14.05 33.54 -28.00
C SER C 157 13.85 34.90 -28.66
N GLU C 158 13.10 34.94 -29.76
CA GLU C 158 12.81 36.20 -30.43
C GLU C 158 11.30 36.30 -30.66
N GLY C 159 10.73 37.46 -30.30
CA GLY C 159 9.36 37.80 -30.66
C GLY C 159 8.39 37.78 -29.47
N VAL C 160 8.79 37.18 -28.35
CA VAL C 160 7.89 37.04 -27.21
C VAL C 160 8.42 37.89 -26.06
N SER C 161 7.52 38.70 -25.49
CA SER C 161 7.84 39.62 -24.41
C SER C 161 7.44 39.04 -23.06
N HIS C 162 6.34 38.28 -23.02
CA HIS C 162 5.83 37.70 -21.79
C HIS C 162 5.75 36.18 -21.93
N VAL C 163 6.23 35.47 -20.89
CA VAL C 163 6.15 34.01 -20.83
C VAL C 163 5.55 33.61 -19.49
N CYS C 164 4.54 32.75 -19.53
CA CYS C 164 4.05 32.05 -18.35
C CYS C 164 4.70 30.68 -18.30
N THR C 165 5.26 30.32 -17.14
CA THR C 165 5.93 29.04 -16.96
C THR C 165 4.89 27.96 -16.75
N ILE C 166 4.20 28.04 -15.60
CA ILE C 166 3.19 27.07 -15.19
C ILE C 166 1.87 27.81 -14.96
N ASN C 167 0.79 27.32 -15.60
CA ASN C 167 -0.52 27.91 -15.44
C ASN C 167 -1.18 27.32 -14.19
N GLU C 168 -1.64 28.20 -13.29
CA GLU C 168 -2.39 27.83 -12.10
C GLU C 168 -1.72 26.66 -11.38
N PRO C 169 -0.47 26.83 -10.89
CA PRO C 169 0.18 25.82 -10.05
C PRO C 169 -0.64 25.41 -8.82
N ASN C 170 -1.50 26.33 -8.34
CA ASN C 170 -2.32 26.05 -7.18
C ASN C 170 -3.40 25.03 -7.52
N MET C 171 -3.85 25.02 -8.78
CA MET C 171 -4.87 24.07 -9.21
C MET C 171 -4.24 22.70 -9.47
N ILE C 172 -2.97 22.68 -9.93
CA ILE C 172 -2.24 21.43 -10.05
C ILE C 172 -2.15 20.77 -8.67
N ALA C 173 -1.85 21.58 -7.65
CA ALA C 173 -1.60 21.09 -6.30
C ALA C 173 -2.89 20.59 -5.66
N VAL C 174 -3.99 21.30 -5.88
CA VAL C 174 -5.30 20.92 -5.37
C VAL C 174 -5.69 19.57 -5.97
N MET C 175 -5.47 19.41 -7.28
CA MET C 175 -5.84 18.19 -7.99
C MET C 175 -4.91 17.04 -7.57
N ALA C 176 -3.62 17.35 -7.39
CA ALA C 176 -2.65 16.39 -6.90
C ALA C 176 -3.10 15.85 -5.54
N GLY C 177 -3.80 16.68 -4.76
CA GLY C 177 -4.37 16.26 -3.50
C GLY C 177 -5.48 15.23 -3.67
N GLN C 178 -6.45 15.55 -4.53
CA GLN C 178 -7.56 14.66 -4.85
C GLN C 178 -7.03 13.30 -5.31
N ALA C 179 -6.03 13.34 -6.19
CA ALA C 179 -5.50 12.13 -6.83
C ALA C 179 -4.86 11.20 -5.80
N LYS C 180 -4.09 11.77 -4.86
CA LYS C 180 -3.38 10.96 -3.88
C LYS C 180 -4.35 10.33 -2.88
N ARG C 181 -5.53 10.96 -2.69
CA ARG C 181 -6.52 10.46 -1.76
C ARG C 181 -7.50 9.50 -2.44
N GLY C 182 -7.45 9.42 -3.78
CA GLY C 182 -8.39 8.61 -4.53
C GLY C 182 -9.79 9.21 -4.59
N ASP C 183 -9.91 10.50 -4.23
CA ASP C 183 -11.19 11.21 -4.27
C ASP C 183 -11.46 11.61 -5.72
N ASN C 184 -12.72 11.45 -6.15
CA ASN C 184 -13.11 11.74 -7.52
C ASN C 184 -14.07 12.93 -7.58
N SER C 185 -14.53 13.41 -6.42
CA SER C 185 -15.46 14.53 -6.37
C SER C 185 -14.84 15.70 -5.61
N PHE C 186 -15.16 16.90 -6.09
CA PHE C 186 -14.60 18.16 -5.63
C PHE C 186 -15.72 18.86 -4.85
N PRO C 187 -15.46 19.41 -3.63
CA PRO C 187 -16.55 19.72 -2.69
C PRO C 187 -17.55 20.76 -3.19
N PRO C 188 -18.70 20.94 -2.50
CA PRO C 188 -19.71 21.92 -2.89
C PRO C 188 -19.15 23.33 -3.03
N ALA C 189 -18.41 23.78 -2.00
CA ALA C 189 -17.69 25.03 -2.02
C ALA C 189 -16.24 24.80 -1.60
N GLY C 190 -15.35 25.65 -2.10
CA GLY C 190 -13.94 25.59 -1.74
C GLY C 190 -13.17 24.57 -2.57
N LEU C 191 -11.89 24.40 -2.24
CA LEU C 191 -10.98 23.56 -2.98
C LEU C 191 -10.51 22.40 -2.10
N PRO C 192 -10.30 21.21 -2.68
CA PRO C 192 -9.59 20.12 -1.99
C PRO C 192 -8.28 20.60 -1.36
N THR C 193 -7.97 20.06 -0.18
CA THR C 193 -6.72 20.34 0.51
C THR C 193 -5.55 20.04 -0.44
N PRO C 194 -4.75 21.05 -0.82
CA PRO C 194 -3.60 20.84 -1.71
C PRO C 194 -2.57 19.87 -1.13
N ASP C 195 -1.83 19.21 -2.03
CA ASP C 195 -0.72 18.34 -1.65
C ASP C 195 0.53 19.19 -1.49
N ASP C 196 1.15 19.11 -0.30
CA ASP C 196 2.28 19.96 0.06
C ASP C 196 3.50 19.63 -0.79
N GLU C 197 3.64 18.36 -1.18
CA GLU C 197 4.82 17.90 -1.90
C GLU C 197 4.75 18.37 -3.35
N THR C 198 3.53 18.46 -3.89
CA THR C 198 3.30 19.00 -5.23
C THR C 198 3.53 20.51 -5.23
N THR C 199 3.07 21.17 -4.16
CA THR C 199 3.22 22.61 -3.99
C THR C 199 4.70 23.00 -4.10
N ALA C 200 5.55 22.30 -3.32
CA ALA C 200 6.98 22.56 -3.33
C ALA C 200 7.58 22.28 -4.70
N ALA C 201 7.10 21.22 -5.36
CA ALA C 201 7.65 20.76 -6.63
C ALA C 201 7.45 21.81 -7.73
N VAL C 202 6.23 22.35 -7.84
CA VAL C 202 5.90 23.28 -8.91
C VAL C 202 6.59 24.62 -8.69
N ILE C 203 6.75 25.02 -7.41
CA ILE C 203 7.45 26.24 -7.07
C ILE C 203 8.91 26.14 -7.49
N ALA C 204 9.53 24.99 -7.21
CA ALA C 204 10.91 24.73 -7.59
C ALA C 204 11.04 24.66 -9.11
N ALA C 205 10.07 24.00 -9.76
CA ALA C 205 10.02 23.91 -11.21
C ALA C 205 9.88 25.32 -11.81
N HIS C 206 9.04 26.14 -11.17
CA HIS C 206 8.78 27.50 -11.63
C HIS C 206 10.07 28.32 -11.60
N HIS C 207 10.77 28.31 -10.47
CA HIS C 207 11.99 29.09 -10.31
C HIS C 207 13.06 28.60 -11.27
N ALA C 208 13.18 27.26 -11.41
CA ALA C 208 14.09 26.66 -12.37
C ALA C 208 13.79 27.19 -13.77
N ALA C 209 12.50 27.26 -14.12
CA ALA C 209 12.07 27.69 -15.44
C ALA C 209 12.37 29.17 -15.65
N VAL C 210 12.11 30.01 -14.63
CA VAL C 210 12.36 31.44 -14.71
C VAL C 210 13.82 31.68 -15.08
N LYS C 211 14.73 30.94 -14.43
CA LYS C 211 16.16 31.08 -14.66
C LYS C 211 16.50 30.71 -16.10
N GLU C 212 15.86 29.65 -16.62
CA GLU C 212 16.14 29.13 -17.95
C GLU C 212 15.67 30.12 -19.02
N VAL C 213 14.58 30.84 -18.72
CA VAL C 213 14.01 31.82 -19.63
C VAL C 213 14.88 33.08 -19.65
N ARG C 214 15.21 33.57 -18.44
CA ARG C 214 16.03 34.77 -18.27
C ARG C 214 17.41 34.59 -18.90
N ALA C 215 17.94 33.36 -18.86
CA ALA C 215 19.30 33.08 -19.30
C ALA C 215 19.43 33.14 -20.83
N LEU C 216 18.31 33.26 -21.55
CA LEU C 216 18.36 33.46 -22.99
C LEU C 216 18.76 34.90 -23.29
N ASP C 217 18.58 35.78 -22.30
CA ASP C 217 19.05 37.15 -22.36
C ASP C 217 18.34 37.86 -23.50
N ALA C 218 17.01 37.66 -23.56
CA ALA C 218 16.19 38.16 -24.66
C ALA C 218 15.19 39.21 -24.15
N GLY C 219 15.35 39.62 -22.89
CA GLY C 219 14.49 40.64 -22.30
C GLY C 219 13.08 40.12 -21.99
N ILE C 220 12.93 38.80 -21.89
CA ILE C 220 11.64 38.16 -21.70
C ILE C 220 11.16 38.43 -20.27
N GLN C 221 9.88 38.76 -20.14
CA GLN C 221 9.22 38.95 -18.86
C GLN C 221 8.53 37.63 -18.49
N VAL C 222 8.99 36.99 -17.41
CA VAL C 222 8.52 35.65 -17.07
C VAL C 222 7.87 35.67 -15.68
N GLY C 223 6.71 35.01 -15.60
CA GLY C 223 5.97 34.82 -14.36
C GLY C 223 5.07 33.59 -14.46
N TRP C 224 4.13 33.45 -13.53
CA TRP C 224 3.10 32.43 -13.66
C TRP C 224 1.75 33.00 -13.21
N THR C 225 0.69 32.20 -13.37
CA THR C 225 -0.68 32.69 -13.27
C THR C 225 -1.37 31.99 -12.09
N ILE C 226 -2.33 32.69 -11.46
CA ILE C 226 -2.98 32.19 -10.27
C ILE C 226 -4.47 32.00 -10.53
N ALA C 227 -4.99 30.84 -10.13
CA ALA C 227 -6.43 30.64 -9.98
C ALA C 227 -6.90 31.38 -8.72
N ASN C 228 -7.23 32.66 -8.89
CA ASN C 228 -7.73 33.50 -7.82
C ASN C 228 -9.16 33.07 -7.47
N GLN C 229 -9.41 32.76 -6.19
CA GLN C 229 -10.67 32.20 -5.77
C GLN C 229 -11.61 33.29 -5.23
N VAL C 230 -11.05 34.47 -4.91
CA VAL C 230 -11.79 35.53 -4.24
C VAL C 230 -12.58 34.92 -3.08
N TYR C 231 -11.86 34.38 -2.09
CA TYR C 231 -12.49 33.96 -0.85
C TYR C 231 -12.88 35.20 -0.06
N GLN C 232 -14.06 35.14 0.58
CA GLN C 232 -14.60 36.26 1.33
C GLN C 232 -14.99 35.79 2.73
N ALA C 233 -14.42 36.43 3.75
CA ALA C 233 -14.74 36.11 5.14
C ALA C 233 -16.10 36.69 5.50
N LEU C 234 -16.96 35.86 6.11
CA LEU C 234 -18.13 36.37 6.80
C LEU C 234 -17.66 37.09 8.06
N PRO C 235 -18.44 38.07 8.59
CA PRO C 235 -18.03 38.87 9.75
C PRO C 235 -16.88 38.38 10.62
N GLY C 236 -17.04 37.19 11.23
CA GLY C 236 -16.08 36.70 12.21
C GLY C 236 -15.44 35.38 11.81
N ALA C 237 -14.91 35.33 10.58
CA ALA C 237 -14.30 34.12 10.04
C ALA C 237 -13.04 34.47 9.26
N GLU C 238 -12.30 35.48 9.73
CA GLU C 238 -11.12 35.97 9.03
C GLU C 238 -9.96 35.00 9.26
N ASP C 239 -9.85 34.48 10.49
CA ASP C 239 -8.84 33.49 10.83
C ASP C 239 -9.01 32.25 9.95
N VAL C 240 -10.27 31.84 9.72
CA VAL C 240 -10.55 30.66 8.92
C VAL C 240 -10.24 31.00 7.45
N THR C 241 -10.84 32.10 6.97
CA THR C 241 -10.68 32.53 5.59
C THR C 241 -9.20 32.61 5.21
N ALA C 242 -8.37 33.09 6.15
CA ALA C 242 -6.95 33.28 5.90
C ALA C 242 -6.23 31.94 5.87
N ALA C 243 -6.54 31.07 6.83
CA ALA C 243 -5.91 29.76 6.92
C ALA C 243 -6.37 28.85 5.79
N TYR C 244 -7.59 29.11 5.26
CA TYR C 244 -8.12 28.33 4.16
C TYR C 244 -7.50 28.80 2.85
N ARG C 245 -7.15 30.09 2.75
CA ARG C 245 -6.73 30.68 1.49
C ARG C 245 -5.25 30.46 1.23
N HIS C 246 -4.42 30.54 2.28
CA HIS C 246 -2.96 30.61 2.11
C HIS C 246 -2.44 29.40 1.31
N PRO C 247 -2.73 28.14 1.70
CA PRO C 247 -2.24 26.98 0.95
C PRO C 247 -2.79 26.85 -0.47
N ARG C 248 -3.92 27.53 -0.74
CA ARG C 248 -4.66 27.34 -1.97
C ARG C 248 -4.42 28.48 -2.96
N GLU C 249 -3.65 29.52 -2.57
CA GLU C 249 -3.48 30.68 -3.43
C GLU C 249 -2.26 31.51 -3.02
N ASP C 250 -2.28 32.02 -1.78
CA ASP C 250 -1.33 33.03 -1.34
C ASP C 250 0.10 32.53 -1.43
N VAL C 251 0.35 31.27 -1.04
CA VAL C 251 1.69 30.71 -1.07
C VAL C 251 2.25 30.84 -2.49
N PHE C 252 1.39 30.64 -3.49
CA PHE C 252 1.79 30.67 -4.89
C PHE C 252 2.05 32.11 -5.34
N ILE C 253 1.33 33.07 -4.76
CA ILE C 253 1.57 34.48 -5.01
C ILE C 253 2.89 34.87 -4.35
N GLU C 254 3.14 34.35 -3.14
CA GLU C 254 4.35 34.65 -2.38
C GLU C 254 5.59 34.21 -3.13
N ALA C 255 5.51 33.04 -3.77
CA ALA C 255 6.64 32.47 -4.50
C ALA C 255 6.94 33.26 -5.79
N ALA C 256 6.08 34.23 -6.12
CA ALA C 256 6.18 34.98 -7.36
C ALA C 256 6.69 36.40 -7.13
N ARG C 257 7.12 36.72 -5.89
CA ARG C 257 7.50 38.07 -5.52
C ARG C 257 8.78 38.51 -6.24
N GLY C 258 9.49 37.55 -6.86
CA GLY C 258 10.72 37.86 -7.58
C GLY C 258 10.54 37.86 -9.10
N ASP C 259 9.30 37.68 -9.58
CA ASP C 259 9.05 37.49 -11.00
C ASP C 259 8.83 38.84 -11.68
N ASP C 260 8.86 38.83 -13.02
CA ASP C 260 8.74 40.04 -13.83
C ASP C 260 7.29 40.51 -13.90
N TRP C 261 6.35 39.55 -13.78
CA TRP C 261 4.93 39.85 -13.72
C TRP C 261 4.22 38.69 -13.02
N ILE C 262 2.92 38.86 -12.75
CA ILE C 262 2.11 37.75 -12.24
C ILE C 262 0.75 37.79 -12.92
N GLY C 263 0.21 36.59 -13.19
CA GLY C 263 -1.03 36.44 -13.91
C GLY C 263 -2.22 36.31 -12.96
N VAL C 264 -3.24 37.16 -13.18
CA VAL C 264 -4.48 37.11 -12.42
C VAL C 264 -5.54 36.40 -13.26
N GLN C 265 -6.15 35.35 -12.68
CA GLN C 265 -7.17 34.57 -13.36
C GLN C 265 -8.37 34.44 -12.44
N SER C 266 -9.49 35.08 -12.82
CA SER C 266 -10.61 35.28 -11.93
C SER C 266 -11.93 35.04 -12.66
N TYR C 267 -12.89 34.44 -11.94
CA TYR C 267 -14.20 34.10 -12.50
C TYR C 267 -15.32 34.38 -11.49
N THR C 268 -15.15 33.88 -10.27
CA THR C 268 -16.23 33.88 -9.29
C THR C 268 -15.68 34.08 -7.88
N ARG C 269 -16.57 33.96 -6.89
CA ARG C 269 -16.22 34.15 -5.49
C ARG C 269 -16.67 32.93 -4.69
N THR C 270 -16.25 32.89 -3.42
CA THR C 270 -16.68 31.85 -2.48
C THR C 270 -16.57 32.41 -1.07
N ARG C 271 -17.69 32.43 -0.34
CA ARG C 271 -17.74 33.01 1.00
C ARG C 271 -17.42 31.92 2.03
N ILE C 272 -16.56 32.26 3.00
CA ILE C 272 -16.17 31.36 4.07
C ILE C 272 -16.81 31.82 5.38
N GLY C 273 -17.41 30.86 6.10
CA GLY C 273 -17.90 31.06 7.45
C GLY C 273 -17.10 30.25 8.46
N PRO C 274 -17.54 30.17 9.75
CA PRO C 274 -16.77 29.49 10.79
C PRO C 274 -16.49 28.00 10.53
N GLU C 275 -17.40 27.34 9.79
CA GLU C 275 -17.26 25.93 9.50
C GLU C 275 -16.26 25.74 8.36
N GLY C 276 -16.29 26.66 7.39
CA GLY C 276 -15.44 26.59 6.21
C GLY C 276 -16.09 27.32 5.03
N PRO C 277 -15.77 26.95 3.77
CA PRO C 277 -16.40 27.58 2.61
C PRO C 277 -17.90 27.26 2.54
N ILE C 278 -18.67 28.25 2.10
CA ILE C 278 -20.12 28.14 2.03
C ILE C 278 -20.52 28.27 0.56
N PRO C 279 -21.42 27.40 0.03
CA PRO C 279 -21.90 27.54 -1.34
C PRO C 279 -22.91 28.67 -1.45
N ALA C 280 -23.16 29.13 -2.69
CA ALA C 280 -24.21 30.09 -2.95
C ALA C 280 -25.56 29.41 -2.80
N ALA C 281 -26.59 30.19 -2.48
CA ALA C 281 -27.95 29.68 -2.38
C ALA C 281 -28.58 29.67 -3.78
N ASP C 282 -29.85 29.25 -3.85
CA ASP C 282 -30.59 29.21 -5.11
C ASP C 282 -31.12 30.61 -5.44
N ASP C 283 -30.98 31.56 -4.50
CA ASP C 283 -31.35 32.94 -4.74
C ASP C 283 -30.15 33.69 -5.32
N VAL C 284 -29.31 33.00 -6.09
CA VAL C 284 -28.20 33.62 -6.79
C VAL C 284 -28.04 32.96 -8.15
N GLU C 285 -27.97 33.79 -9.19
CA GLU C 285 -27.82 33.35 -10.57
C GLU C 285 -26.50 32.58 -10.73
N ARG C 286 -26.53 31.57 -11.61
CA ARG C 286 -25.36 30.71 -11.84
C ARG C 286 -24.92 30.81 -13.29
N THR C 287 -23.76 30.20 -13.58
CA THR C 287 -23.23 30.05 -14.93
C THR C 287 -23.35 28.58 -15.34
N LEU C 288 -22.85 28.23 -16.53
CA LEU C 288 -22.93 26.87 -17.04
C LEU C 288 -21.90 25.96 -16.35
N THR C 289 -21.00 26.54 -15.54
CA THR C 289 -20.10 25.77 -14.69
C THR C 289 -20.68 25.65 -13.28
N THR C 290 -21.89 26.17 -13.07
CA THR C 290 -22.61 26.10 -11.80
C THR C 290 -22.02 27.07 -10.77
N TRP C 291 -21.10 27.94 -11.19
CA TRP C 291 -20.56 28.96 -10.29
C TRP C 291 -21.55 30.10 -10.14
N GLU C 292 -21.30 30.96 -9.16
CA GLU C 292 -22.08 32.18 -9.00
C GLU C 292 -21.69 33.17 -10.10
N TYR C 293 -22.71 33.79 -10.70
CA TYR C 293 -22.51 34.93 -11.58
C TYR C 293 -21.96 36.08 -10.77
N TYR C 294 -20.74 36.51 -11.08
CA TYR C 294 -20.06 37.52 -10.28
C TYR C 294 -19.06 38.28 -11.14
N PRO C 295 -19.52 39.32 -11.87
CA PRO C 295 -18.66 40.10 -12.77
C PRO C 295 -17.50 40.85 -12.10
N THR C 296 -17.64 41.17 -10.80
CA THR C 296 -16.69 42.03 -10.12
C THR C 296 -15.61 41.21 -9.41
N ALA C 297 -15.47 39.93 -9.78
CA ALA C 297 -14.52 39.04 -9.12
C ALA C 297 -13.09 39.50 -9.36
N VAL C 298 -12.82 39.99 -10.59
CA VAL C 298 -11.47 40.31 -11.01
C VAL C 298 -10.94 41.50 -10.21
N GLY C 299 -11.85 42.33 -9.68
CA GLY C 299 -11.49 43.46 -8.84
C GLY C 299 -10.78 43.02 -7.56
N GLU C 300 -11.39 42.07 -6.84
CA GLU C 300 -10.86 41.58 -5.57
C GLU C 300 -9.66 40.67 -5.81
N ALA C 301 -9.68 39.92 -6.91
CA ALA C 301 -8.57 39.06 -7.30
C ALA C 301 -7.32 39.89 -7.50
N LEU C 302 -7.48 41.04 -8.15
CA LEU C 302 -6.38 41.94 -8.46
C LEU C 302 -5.83 42.59 -7.19
N ARG C 303 -6.72 43.24 -6.42
CA ARG C 303 -6.32 44.01 -5.26
C ARG C 303 -5.65 43.11 -4.23
N HIS C 304 -6.20 41.91 -4.03
CA HIS C 304 -5.62 40.96 -3.09
C HIS C 304 -4.26 40.46 -3.60
N THR C 305 -4.13 40.29 -4.93
CA THR C 305 -2.91 39.80 -5.52
C THR C 305 -1.79 40.82 -5.31
N ALA C 306 -2.09 42.10 -5.57
CA ALA C 306 -1.16 43.19 -5.37
C ALA C 306 -0.64 43.21 -3.94
N ALA C 307 -1.55 43.04 -2.98
CA ALA C 307 -1.23 43.08 -1.57
C ALA C 307 -0.17 42.05 -1.21
N VAL C 308 -0.34 40.82 -1.70
CA VAL C 308 0.55 39.71 -1.37
C VAL C 308 1.86 39.86 -2.14
N VAL C 309 1.75 40.20 -3.44
CA VAL C 309 2.86 40.08 -4.36
C VAL C 309 3.80 41.28 -4.21
N GLY C 310 3.23 42.44 -3.86
CA GLY C 310 4.01 43.65 -3.64
C GLY C 310 4.10 44.52 -4.91
N ASP C 311 5.32 44.61 -5.46
CA ASP C 311 5.66 45.55 -6.52
C ASP C 311 5.30 44.96 -7.88
N VAL C 312 5.34 43.63 -7.99
CA VAL C 312 5.36 42.93 -9.26
C VAL C 312 4.14 43.32 -10.09
N PRO C 313 4.33 43.69 -11.37
CA PRO C 313 3.21 44.04 -12.26
C PRO C 313 2.21 42.91 -12.46
N LEU C 314 0.94 43.31 -12.62
CA LEU C 314 -0.19 42.40 -12.68
C LEU C 314 -0.72 42.35 -14.12
N ILE C 315 -1.16 41.16 -14.56
CA ILE C 315 -1.84 40.99 -15.83
C ILE C 315 -2.98 40.00 -15.63
N VAL C 316 -4.21 40.40 -15.99
CA VAL C 316 -5.33 39.48 -16.02
C VAL C 316 -5.15 38.60 -17.26
N THR C 317 -4.84 37.32 -17.03
CA THR C 317 -4.51 36.39 -18.10
C THR C 317 -5.71 35.53 -18.44
N GLU C 318 -6.70 35.47 -17.52
CA GLU C 318 -7.96 34.82 -17.77
C GLU C 318 -9.07 35.54 -16.99
N ASN C 319 -10.21 35.73 -17.66
CA ASN C 319 -11.39 36.35 -17.07
C ASN C 319 -12.54 36.19 -18.05
N GLY C 320 -13.64 35.54 -17.62
CA GLY C 320 -14.77 35.30 -18.49
C GLY C 320 -15.88 34.51 -17.81
N ILE C 321 -16.71 33.83 -18.62
CA ILE C 321 -17.95 33.23 -18.14
C ILE C 321 -18.42 32.17 -19.12
N ALA C 322 -18.94 31.07 -18.57
CA ALA C 322 -19.57 30.01 -19.35
C ALA C 322 -21.07 30.31 -19.47
N THR C 323 -21.54 30.55 -20.70
CA THR C 323 -22.93 30.89 -20.95
C THR C 323 -23.28 30.64 -22.41
N ALA C 324 -24.58 30.44 -22.68
CA ALA C 324 -25.12 30.36 -24.03
C ALA C 324 -25.69 31.70 -24.44
N ASP C 325 -25.89 32.59 -23.46
CA ASP C 325 -26.47 33.91 -23.66
C ASP C 325 -25.35 34.94 -23.70
N ASP C 326 -25.02 35.43 -24.90
CA ASP C 326 -23.89 36.30 -25.09
C ASP C 326 -24.18 37.70 -24.53
N SER C 327 -25.45 38.11 -24.57
CA SER C 327 -25.87 39.36 -23.95
C SER C 327 -25.43 39.38 -22.48
N ARG C 328 -25.53 38.23 -21.81
CA ARG C 328 -25.17 38.11 -20.41
C ARG C 328 -23.65 38.10 -20.25
N ARG C 329 -22.93 37.62 -21.27
CA ARG C 329 -21.48 37.67 -21.26
C ARG C 329 -21.00 39.12 -21.34
N VAL C 330 -21.63 39.90 -22.23
CA VAL C 330 -21.32 41.31 -22.35
C VAL C 330 -21.49 42.00 -21.00
N ASP C 331 -22.53 41.60 -20.25
CA ASP C 331 -22.79 42.16 -18.93
C ASP C 331 -21.65 41.81 -17.97
N TYR C 332 -21.16 40.56 -18.04
CA TYR C 332 -20.10 40.11 -17.16
C TYR C 332 -18.84 40.96 -17.37
N TYR C 333 -18.50 41.22 -18.64
CA TYR C 333 -17.26 41.90 -18.98
C TYR C 333 -17.36 43.39 -18.66
N ALA C 334 -18.55 43.97 -18.79
CA ALA C 334 -18.76 45.37 -18.44
C ALA C 334 -18.49 45.57 -16.95
N GLY C 335 -18.97 44.62 -16.14
CA GLY C 335 -18.73 44.62 -14.71
C GLY C 335 -17.27 44.37 -14.36
N ALA C 336 -16.61 43.48 -15.13
CA ALA C 336 -15.22 43.13 -14.90
C ALA C 336 -14.30 44.28 -15.32
N LEU C 337 -14.52 44.82 -16.53
CA LEU C 337 -13.69 45.90 -17.04
C LEU C 337 -13.91 47.17 -16.21
N ASP C 338 -15.07 47.29 -15.55
CA ASP C 338 -15.32 48.37 -14.61
C ASP C 338 -14.38 48.23 -13.42
N GLU C 339 -14.20 46.99 -12.94
CA GLU C 339 -13.35 46.70 -11.80
C GLU C 339 -11.88 46.89 -12.17
N VAL C 340 -11.49 46.49 -13.39
CA VAL C 340 -10.12 46.67 -13.85
C VAL C 340 -9.83 48.18 -13.95
N ALA C 341 -10.81 48.93 -14.44
CA ALA C 341 -10.70 50.39 -14.53
C ALA C 341 -10.47 50.98 -13.14
N SER C 342 -11.30 50.57 -12.18
CA SER C 342 -11.23 51.06 -10.81
C SER C 342 -9.89 50.73 -10.17
N ALA C 343 -9.34 49.54 -10.48
CA ALA C 343 -8.08 49.10 -9.92
C ALA C 343 -6.95 50.01 -10.38
N LEU C 344 -6.87 50.25 -11.70
CA LEU C 344 -5.86 51.12 -12.29
C LEU C 344 -5.91 52.51 -11.64
N ALA C 345 -7.13 53.05 -11.49
CA ALA C 345 -7.34 54.37 -10.92
C ALA C 345 -6.76 54.43 -9.51
N ASP C 346 -6.96 53.36 -8.73
CA ASP C 346 -6.50 53.29 -7.36
C ASP C 346 -5.01 52.98 -7.29
N GLY C 347 -4.35 52.97 -8.47
CA GLY C 347 -2.89 52.95 -8.53
C GLY C 347 -2.29 51.54 -8.56
N LEU C 348 -3.10 50.53 -8.86
CA LEU C 348 -2.58 49.18 -9.08
C LEU C 348 -1.83 49.14 -10.40
N ASP C 349 -0.67 48.45 -10.40
CA ASP C 349 0.16 48.36 -11.59
C ASP C 349 -0.25 47.13 -12.40
N ILE C 350 -1.25 47.31 -13.27
CA ILE C 350 -1.80 46.23 -14.07
C ILE C 350 -1.49 46.53 -15.54
N ARG C 351 -0.80 45.59 -16.20
CA ARG C 351 -0.15 45.83 -17.47
C ARG C 351 -0.91 45.17 -18.63
N GLY C 352 -2.08 44.56 -18.36
CA GLY C 352 -2.87 44.01 -19.45
C GLY C 352 -4.13 43.26 -19.01
N TYR C 353 -4.92 42.88 -20.02
CA TYR C 353 -6.18 42.16 -19.85
C TYR C 353 -6.33 41.16 -21.00
N LEU C 354 -6.62 39.90 -20.65
CA LEU C 354 -6.83 38.84 -21.64
C LEU C 354 -8.05 38.03 -21.22
N ALA C 355 -9.11 38.07 -22.04
CA ALA C 355 -10.35 37.39 -21.73
C ALA C 355 -10.16 35.88 -21.88
N TRP C 356 -10.86 35.11 -21.05
CA TRP C 356 -11.02 33.68 -21.28
C TRP C 356 -12.41 33.44 -21.84
N SER C 357 -12.55 32.89 -23.06
CA SER C 357 -11.48 32.44 -23.93
C SER C 357 -11.69 33.04 -25.31
N ALA C 358 -10.68 32.94 -26.19
CA ALA C 358 -10.84 33.38 -27.56
C ALA C 358 -11.92 32.54 -28.24
N LEU C 359 -11.81 31.22 -28.07
CA LEU C 359 -12.72 30.25 -28.69
C LEU C 359 -13.51 29.52 -27.62
N ASP C 360 -14.68 28.99 -28.00
CA ASP C 360 -15.30 27.89 -27.28
C ASP C 360 -14.33 26.70 -27.36
N ASN C 361 -14.21 25.95 -26.26
CA ASN C 361 -13.14 24.96 -26.15
C ASN C 361 -13.55 23.81 -25.23
N TYR C 362 -12.67 22.79 -25.17
CA TYR C 362 -12.82 21.66 -24.27
C TYR C 362 -12.65 22.13 -22.84
N GLU C 363 -13.77 22.18 -22.09
CA GLU C 363 -13.76 22.60 -20.70
C GLU C 363 -13.44 21.40 -19.82
N TRP C 364 -12.25 20.81 -20.07
CA TRP C 364 -11.73 19.71 -19.28
C TRP C 364 -12.81 18.69 -18.95
N GLY C 365 -13.48 18.19 -20.00
CA GLY C 365 -14.42 17.10 -19.87
C GLY C 365 -15.78 17.36 -20.52
N THR C 366 -16.04 18.62 -20.93
CA THR C 366 -17.31 18.95 -21.55
C THR C 366 -17.13 20.11 -22.53
N TYR C 367 -18.02 20.16 -23.53
CA TYR C 367 -18.03 21.23 -24.53
C TYR C 367 -19.27 22.11 -24.36
N LYS C 368 -20.12 21.79 -23.36
CA LYS C 368 -21.37 22.50 -23.14
C LYS C 368 -21.10 23.84 -22.45
N ALA C 369 -20.01 23.92 -21.68
CA ALA C 369 -19.62 25.14 -21.00
C ALA C 369 -18.82 26.02 -21.96
N THR C 370 -19.52 26.88 -22.71
CA THR C 370 -18.94 27.70 -23.75
C THR C 370 -18.44 29.02 -23.16
N PHE C 371 -17.11 29.19 -23.11
CA PHE C 371 -16.48 30.38 -22.57
C PHE C 371 -16.08 31.35 -23.67
N GLY C 372 -16.29 30.96 -24.94
CA GLY C 372 -15.64 31.62 -26.06
C GLY C 372 -16.21 33.01 -26.35
N LEU C 373 -15.32 33.90 -26.79
CA LEU C 373 -15.72 35.10 -27.51
C LEU C 373 -16.17 34.71 -28.91
N ILE C 374 -15.57 33.62 -29.42
CA ILE C 374 -15.81 33.12 -30.76
C ILE C 374 -16.43 31.71 -30.65
N ALA C 375 -17.60 31.51 -31.28
CA ALA C 375 -18.28 30.23 -31.27
C ALA C 375 -17.57 29.26 -32.21
N ILE C 376 -17.69 27.95 -31.92
CA ILE C 376 -17.12 26.91 -32.75
C ILE C 376 -18.18 25.85 -33.04
N ASP C 377 -18.39 25.55 -34.33
CA ASP C 377 -19.10 24.36 -34.75
C ASP C 377 -18.14 23.18 -34.63
N TRP C 378 -18.54 22.16 -33.86
CA TRP C 378 -17.65 21.07 -33.50
C TRP C 378 -17.47 20.09 -34.66
N GLU C 379 -18.37 20.15 -35.66
CA GLU C 379 -18.25 19.31 -36.84
C GLU C 379 -17.38 19.98 -37.90
N THR C 380 -17.67 21.26 -38.19
CA THR C 380 -17.08 21.95 -39.33
C THR C 380 -15.81 22.72 -38.95
N PHE C 381 -15.71 23.13 -37.67
CA PHE C 381 -14.60 23.92 -37.16
C PHE C 381 -14.67 25.36 -37.65
N GLU C 382 -15.87 25.81 -38.07
CA GLU C 382 -16.06 27.19 -38.48
C GLU C 382 -16.13 28.07 -37.23
N ARG C 383 -15.40 29.18 -37.24
CA ARG C 383 -15.47 30.16 -36.16
C ARG C 383 -16.66 31.09 -36.45
N THR C 384 -17.20 31.69 -35.38
CA THR C 384 -18.22 32.72 -35.50
C THR C 384 -18.09 33.67 -34.30
N PRO C 385 -17.59 34.92 -34.49
CA PRO C 385 -17.44 35.85 -33.37
C PRO C 385 -18.79 36.31 -32.85
N ARG C 386 -18.97 36.22 -31.52
CA ARG C 386 -20.17 36.71 -30.86
C ARG C 386 -20.11 38.23 -30.78
N ASP C 387 -21.21 38.83 -30.31
CA ASP C 387 -21.28 40.28 -30.13
C ASP C 387 -20.26 40.73 -29.10
N SER C 388 -20.05 39.91 -28.07
CA SER C 388 -19.05 40.17 -27.04
C SER C 388 -17.68 40.41 -27.67
N ALA C 389 -17.33 39.58 -28.66
CA ALA C 389 -16.00 39.57 -29.24
C ALA C 389 -15.76 40.84 -30.05
N LYS C 390 -16.80 41.32 -30.74
CA LYS C 390 -16.69 42.51 -31.58
C LYS C 390 -16.53 43.74 -30.69
N TRP C 391 -17.18 43.73 -29.53
CA TRP C 391 -17.12 44.86 -28.60
C TRP C 391 -15.76 44.91 -27.90
N LEU C 392 -15.34 43.78 -27.32
CA LEU C 392 -14.05 43.71 -26.62
C LEU C 392 -12.93 43.97 -27.62
N GLY C 393 -13.05 43.40 -28.83
CA GLY C 393 -12.10 43.66 -29.90
C GLY C 393 -11.91 45.15 -30.17
N SER C 394 -13.03 45.89 -30.21
CA SER C 394 -13.04 47.29 -30.58
C SER C 394 -12.30 48.13 -29.54
N LEU C 395 -12.34 47.71 -28.27
CA LEU C 395 -11.62 48.38 -27.20
C LEU C 395 -10.12 48.32 -27.45
N GLY C 396 -9.67 47.31 -28.19
CA GLY C 396 -8.28 47.24 -28.66
C GLY C 396 -7.88 48.48 -29.47
N ARG C 397 -8.86 49.10 -30.15
CA ARG C 397 -8.64 50.31 -30.92
C ARG C 397 -9.00 51.55 -30.10
N THR C 398 -10.05 51.45 -29.27
CA THR C 398 -10.54 52.57 -28.48
C THR C 398 -9.55 52.91 -27.36
N ARG C 399 -8.91 51.88 -26.80
CA ARG C 399 -7.95 52.04 -25.70
C ARG C 399 -8.58 52.84 -24.56
N GLU C 400 -9.77 52.41 -24.12
CA GLU C 400 -10.47 53.07 -23.03
C GLU C 400 -11.48 52.08 -22.43
N LEU C 401 -11.40 51.91 -21.10
CA LEU C 401 -12.24 50.97 -20.39
C LEU C 401 -13.51 51.69 -19.92
N PRO C 402 -14.72 51.16 -20.20
CA PRO C 402 -15.96 51.80 -19.77
C PRO C 402 -16.28 51.48 -18.31
N ARG C 403 -17.34 52.10 -17.78
CA ARG C 403 -17.73 51.91 -16.40
C ARG C 403 -19.14 51.29 -16.35
N THR D 11 35.99 -51.11 -9.93
CA THR D 11 35.28 -49.82 -9.68
C THR D 11 35.34 -48.95 -10.94
N PRO D 12 36.41 -48.16 -11.21
CA PRO D 12 36.36 -47.09 -12.23
C PRO D 12 35.53 -47.36 -13.49
N VAL D 13 34.73 -46.35 -13.85
CA VAL D 13 33.75 -46.40 -14.92
C VAL D 13 34.19 -45.42 -16.01
N PRO D 14 34.23 -45.79 -17.31
CA PRO D 14 34.68 -44.89 -18.36
C PRO D 14 33.68 -43.78 -18.67
N PHE D 15 34.20 -42.62 -19.09
CA PHE D 15 33.37 -41.52 -19.57
C PHE D 15 32.66 -41.96 -20.85
N PRO D 16 31.38 -41.56 -21.05
CA PRO D 16 30.80 -41.53 -22.40
C PRO D 16 31.65 -40.66 -23.33
N GLU D 17 31.44 -40.82 -24.63
CA GLU D 17 32.15 -40.04 -25.64
C GLU D 17 31.61 -38.62 -25.63
N GLY D 18 32.53 -37.63 -25.60
CA GLY D 18 32.17 -36.22 -25.63
C GLY D 18 31.54 -35.73 -24.33
N PHE D 19 31.90 -36.39 -23.22
CA PHE D 19 31.36 -36.10 -21.89
C PHE D 19 31.99 -34.81 -21.37
N LEU D 20 31.15 -33.85 -20.93
CA LEU D 20 31.67 -32.61 -20.36
C LEU D 20 32.34 -32.93 -19.03
N TRP D 21 33.53 -32.35 -18.82
CA TRP D 21 34.27 -32.54 -17.59
C TRP D 21 35.03 -31.26 -17.25
N GLY D 22 34.56 -30.55 -16.21
CA GLY D 22 35.14 -29.26 -15.87
C GLY D 22 34.61 -28.70 -14.56
N ALA D 23 34.46 -27.37 -14.54
CA ALA D 23 34.03 -26.63 -13.35
C ALA D 23 33.22 -25.41 -13.79
N SER D 24 32.59 -24.74 -12.82
CA SER D 24 31.62 -23.70 -13.09
C SER D 24 31.90 -22.46 -12.26
N THR D 25 31.65 -21.29 -12.86
CA THR D 25 31.68 -20.01 -12.16
C THR D 25 30.48 -19.17 -12.58
N ALA D 26 30.23 -18.08 -11.84
CA ALA D 26 29.25 -17.08 -12.21
C ALA D 26 29.91 -15.69 -12.12
N ALA D 27 29.52 -14.81 -13.04
CA ALA D 27 30.24 -13.58 -13.30
C ALA D 27 30.33 -12.72 -12.03
N HIS D 28 29.17 -12.40 -11.43
CA HIS D 28 29.15 -11.56 -10.25
C HIS D 28 30.05 -12.14 -9.17
N GLN D 29 30.18 -13.46 -9.14
CA GLN D 29 30.85 -14.15 -8.04
C GLN D 29 32.37 -14.12 -8.19
N ILE D 30 32.91 -13.87 -9.40
CA ILE D 30 34.35 -13.94 -9.61
C ILE D 30 34.93 -12.70 -10.28
N GLU D 31 34.14 -11.97 -11.07
CA GLU D 31 34.68 -10.95 -11.96
C GLU D 31 35.21 -9.75 -11.18
N GLY D 32 34.46 -9.32 -10.16
CA GLY D 32 34.75 -8.07 -9.48
C GLY D 32 34.22 -6.87 -10.25
N ASN D 33 33.88 -5.80 -9.51
CA ASN D 33 33.49 -4.52 -10.09
C ASN D 33 32.33 -4.72 -11.07
N ASN D 34 31.29 -5.43 -10.62
CA ASN D 34 30.08 -5.59 -11.40
C ASN D 34 29.07 -4.55 -10.93
N THR D 35 29.33 -3.28 -11.26
CA THR D 35 28.82 -2.16 -10.50
C THR D 35 27.47 -1.66 -11.01
N ASP D 36 26.93 -2.27 -12.08
CA ASP D 36 25.63 -1.88 -12.59
C ASP D 36 24.61 -3.00 -12.35
N SER D 37 24.97 -3.97 -11.52
CA SER D 37 24.07 -5.05 -11.13
C SER D 37 23.17 -4.59 -9.98
N ASP D 38 22.05 -5.29 -9.83
CA ASP D 38 21.16 -5.12 -8.69
C ASP D 38 21.91 -5.40 -7.39
N TRP D 39 22.81 -6.40 -7.43
CA TRP D 39 23.49 -6.86 -6.23
C TRP D 39 24.48 -5.81 -5.72
N TRP D 40 25.13 -5.09 -6.65
CA TRP D 40 26.03 -4.03 -6.25
C TRP D 40 25.28 -2.98 -5.44
N VAL D 41 24.10 -2.56 -5.92
CA VAL D 41 23.29 -1.58 -5.20
C VAL D 41 22.85 -2.20 -3.87
N LYS D 42 22.37 -3.45 -3.90
CA LYS D 42 21.89 -4.14 -2.71
C LYS D 42 22.99 -4.24 -1.66
N GLU D 43 24.23 -4.48 -2.11
CA GLU D 43 25.36 -4.71 -1.21
C GLU D 43 25.71 -3.46 -0.40
N HIS D 44 25.32 -2.28 -0.89
CA HIS D 44 25.72 -1.02 -0.27
C HIS D 44 24.50 -0.17 0.10
N ALA D 45 23.29 -0.73 -0.01
CA ALA D 45 22.08 -0.01 0.34
C ALA D 45 21.98 0.09 1.87
N ALA D 46 21.26 1.10 2.34
CA ALA D 46 21.05 1.31 3.76
C ALA D 46 20.30 0.11 4.36
N GLY D 47 20.89 -0.48 5.41
CA GLY D 47 20.26 -1.56 6.14
C GLY D 47 20.33 -2.90 5.40
N THR D 48 21.22 -3.00 4.39
CA THR D 48 21.44 -4.25 3.70
C THR D 48 21.86 -5.32 4.71
N HIS D 49 21.26 -6.51 4.61
CA HIS D 49 21.61 -7.63 5.46
C HIS D 49 22.75 -8.43 4.83
N ILE D 50 23.23 -7.98 3.65
CA ILE D 50 24.31 -8.67 2.97
C ILE D 50 25.59 -8.39 3.74
N ALA D 51 26.20 -9.47 4.26
CA ALA D 51 27.22 -9.37 5.29
C ALA D 51 28.40 -8.53 4.79
N GLU D 52 28.98 -8.93 3.65
CA GLU D 52 30.10 -8.22 3.06
C GLU D 52 29.84 -8.01 1.58
N PRO D 53 30.33 -6.91 0.98
CA PRO D 53 30.11 -6.62 -0.43
C PRO D 53 31.08 -7.37 -1.34
N SER D 54 30.75 -7.39 -2.64
CA SER D 54 31.49 -8.17 -3.62
C SER D 54 32.82 -7.48 -3.96
N LEU D 55 32.75 -6.17 -4.24
CA LEU D 55 33.92 -5.39 -4.60
C LEU D 55 34.69 -6.11 -5.72
N ASP D 56 35.91 -6.58 -5.42
CA ASP D 56 36.85 -7.03 -6.44
C ASP D 56 36.67 -8.52 -6.75
N ALA D 57 36.04 -9.29 -5.85
CA ALA D 57 35.94 -10.73 -6.02
C ALA D 57 37.33 -11.30 -6.40
N CYS D 58 37.40 -12.10 -7.47
CA CYS D 58 38.65 -12.72 -7.89
C CYS D 58 39.31 -11.92 -9.02
N ASP D 59 38.72 -10.77 -9.38
CA ASP D 59 39.15 -9.98 -10.52
C ASP D 59 39.31 -10.86 -11.76
N SER D 60 38.34 -11.77 -11.96
CA SER D 60 38.33 -12.63 -13.13
C SER D 60 37.93 -11.83 -14.37
N TYR D 61 37.45 -10.60 -14.16
CA TYR D 61 37.23 -9.68 -15.26
C TYR D 61 38.54 -9.52 -16.04
N HIS D 62 39.66 -9.42 -15.31
CA HIS D 62 40.98 -9.29 -15.93
C HIS D 62 41.68 -10.66 -16.04
N ARG D 63 41.37 -11.58 -15.11
CA ARG D 63 42.24 -12.72 -14.85
C ARG D 63 41.61 -14.04 -15.29
N TRP D 64 40.61 -13.99 -16.19
CA TRP D 64 40.00 -15.20 -16.70
C TRP D 64 41.00 -16.00 -17.55
N PRO D 65 41.99 -15.38 -18.25
CA PRO D 65 43.01 -16.15 -18.95
C PRO D 65 43.77 -17.11 -18.03
N GLU D 66 44.02 -16.68 -16.79
CA GLU D 66 44.73 -17.49 -15.82
C GLU D 66 43.83 -18.61 -15.30
N ASP D 67 42.58 -18.26 -15.01
CA ASP D 67 41.56 -19.24 -14.61
C ASP D 67 41.57 -20.40 -15.61
N MET D 68 41.51 -20.05 -16.90
CA MET D 68 41.34 -21.02 -17.97
C MET D 68 42.65 -21.78 -18.18
N ASP D 69 43.79 -21.09 -18.05
CA ASP D 69 45.10 -21.72 -18.12
C ASP D 69 45.20 -22.85 -17.11
N LEU D 70 44.74 -22.59 -15.88
CA LEU D 70 44.89 -23.53 -14.78
C LEU D 70 43.93 -24.70 -14.95
N LEU D 71 42.67 -24.43 -15.30
CA LEU D 71 41.70 -25.48 -15.56
C LEU D 71 42.25 -26.42 -16.64
N ALA D 72 42.87 -25.84 -17.68
CA ALA D 72 43.41 -26.59 -18.80
C ALA D 72 44.56 -27.49 -18.33
N SER D 73 45.57 -26.89 -17.68
CA SER D 73 46.78 -27.60 -17.32
C SER D 73 46.50 -28.67 -16.26
N LEU D 74 45.45 -28.46 -15.46
CA LEU D 74 45.02 -29.43 -14.47
C LEU D 74 44.44 -30.67 -15.16
N GLY D 75 43.80 -30.46 -16.32
CA GLY D 75 43.32 -31.57 -17.14
C GLY D 75 41.85 -31.44 -17.53
N PHE D 76 41.13 -30.48 -16.94
CA PHE D 76 39.73 -30.25 -17.28
C PHE D 76 39.62 -29.89 -18.76
N THR D 77 38.49 -30.25 -19.38
CA THR D 77 38.27 -30.02 -20.81
C THR D 77 37.08 -29.09 -21.06
N ASP D 78 36.39 -28.65 -19.99
CA ASP D 78 35.24 -27.79 -20.15
C ASP D 78 35.25 -26.71 -19.08
N TYR D 79 34.53 -25.62 -19.35
CA TYR D 79 34.41 -24.52 -18.41
C TYR D 79 33.05 -23.85 -18.61
N ARG D 80 32.21 -23.91 -17.57
CA ARG D 80 30.95 -23.19 -17.55
C ARG D 80 31.18 -21.84 -16.85
N PHE D 81 30.97 -20.76 -17.59
CA PHE D 81 31.04 -19.42 -17.04
C PHE D 81 29.80 -18.65 -17.47
N SER D 82 29.56 -17.50 -16.82
CA SER D 82 28.37 -16.71 -17.10
C SER D 82 28.76 -15.45 -17.88
N VAL D 83 27.77 -14.94 -18.63
CA VAL D 83 27.86 -13.70 -19.37
C VAL D 83 26.88 -12.72 -18.70
N GLU D 84 27.29 -11.46 -18.51
CA GLU D 84 26.65 -10.60 -17.54
C GLU D 84 25.85 -9.50 -18.23
N TRP D 85 24.55 -9.45 -17.91
CA TRP D 85 23.58 -8.56 -18.53
C TRP D 85 23.81 -7.12 -18.08
N ALA D 86 24.11 -6.95 -16.77
CA ALA D 86 24.40 -5.65 -16.20
C ALA D 86 25.47 -4.91 -17.00
N ARG D 87 26.48 -5.65 -17.48
CA ARG D 87 27.56 -5.05 -18.25
C ARG D 87 27.12 -4.80 -19.70
N ILE D 88 26.43 -5.77 -20.29
CA ILE D 88 26.14 -5.76 -21.71
C ILE D 88 25.07 -4.73 -22.03
N GLU D 89 24.14 -4.52 -21.09
CA GLU D 89 23.12 -3.49 -21.23
C GLU D 89 23.05 -2.70 -19.93
N PRO D 90 24.03 -1.81 -19.64
CA PRO D 90 24.12 -1.14 -18.35
C PRO D 90 23.08 -0.04 -18.15
N VAL D 91 22.53 0.46 -19.27
CA VAL D 91 21.34 1.30 -19.27
C VAL D 91 20.38 0.71 -20.31
N GLU D 92 19.08 0.80 -20.05
CA GLU D 92 18.08 0.17 -20.89
C GLU D 92 18.21 0.68 -22.33
N GLY D 93 18.43 -0.26 -23.25
CA GLY D 93 18.45 0.03 -24.68
C GLY D 93 19.83 0.38 -25.21
N HIS D 94 20.84 0.38 -24.32
CA HIS D 94 22.19 0.78 -24.69
C HIS D 94 23.12 -0.41 -24.53
N PHE D 95 23.21 -1.23 -25.59
CA PHE D 95 24.04 -2.41 -25.59
C PHE D 95 25.51 -2.00 -25.80
N SER D 96 26.37 -2.51 -24.92
CA SER D 96 27.81 -2.29 -25.02
C SER D 96 28.41 -3.33 -25.95
N ARG D 97 28.89 -2.87 -27.11
CA ARG D 97 29.67 -3.71 -28.01
C ARG D 97 30.98 -4.11 -27.32
N ALA D 98 31.51 -3.20 -26.49
CA ALA D 98 32.74 -3.42 -25.78
C ALA D 98 32.62 -4.64 -24.86
N GLN D 99 31.49 -4.74 -24.13
CA GLN D 99 31.30 -5.83 -23.19
C GLN D 99 30.94 -7.12 -23.92
N LEU D 100 30.30 -7.00 -25.10
CA LEU D 100 30.02 -8.15 -25.93
C LEU D 100 31.32 -8.73 -26.48
N ALA D 101 32.23 -7.84 -26.89
CA ALA D 101 33.53 -8.24 -27.40
C ALA D 101 34.35 -8.89 -26.29
N HIS D 102 34.23 -8.36 -25.07
CA HIS D 102 34.84 -8.93 -23.88
C HIS D 102 34.48 -10.41 -23.76
N TYR D 103 33.18 -10.71 -23.83
CA TYR D 103 32.68 -12.05 -23.55
C TYR D 103 32.90 -12.97 -24.74
N ARG D 104 33.03 -12.39 -25.95
CA ARG D 104 33.39 -13.16 -27.12
C ARG D 104 34.82 -13.71 -26.94
N ARG D 105 35.70 -12.88 -26.38
CA ARG D 105 37.11 -13.26 -26.22
C ARG D 105 37.26 -14.34 -25.14
N MET D 106 36.31 -14.38 -24.19
CA MET D 106 36.30 -15.44 -23.19
C MET D 106 36.02 -16.78 -23.86
N VAL D 107 35.04 -16.79 -24.77
CA VAL D 107 34.67 -17.99 -25.50
C VAL D 107 35.84 -18.46 -26.34
N GLU D 108 36.44 -17.51 -27.08
CA GLU D 108 37.58 -17.80 -27.94
C GLU D 108 38.80 -18.17 -27.08
N GLY D 109 38.89 -17.55 -25.90
CA GLY D 109 39.93 -17.86 -24.94
C GLY D 109 39.85 -19.29 -24.46
N ALA D 110 38.62 -19.76 -24.17
CA ALA D 110 38.40 -21.14 -23.79
C ALA D 110 38.85 -22.08 -24.91
N ILE D 111 38.49 -21.73 -26.15
CA ILE D 111 38.75 -22.57 -27.30
C ILE D 111 40.26 -22.68 -27.56
N GLU D 112 40.98 -21.56 -27.47
CA GLU D 112 42.44 -21.55 -27.64
C GLU D 112 43.08 -22.55 -26.68
N ARG D 113 42.61 -22.55 -25.43
CA ARG D 113 43.25 -23.29 -24.35
C ARG D 113 42.73 -24.73 -24.28
N GLY D 114 41.88 -25.11 -25.24
CA GLY D 114 41.39 -26.47 -25.33
C GLY D 114 40.28 -26.77 -24.32
N LEU D 115 39.51 -25.74 -23.97
CA LEU D 115 38.32 -25.90 -23.15
C LEU D 115 37.09 -25.69 -24.03
N ARG D 116 36.04 -26.51 -23.81
CA ARG D 116 34.76 -26.29 -24.45
C ARG D 116 33.92 -25.38 -23.55
N PRO D 117 33.57 -24.16 -23.99
CA PRO D 117 32.77 -23.24 -23.18
C PRO D 117 31.29 -23.62 -23.14
N MET D 118 30.74 -23.71 -21.92
CA MET D 118 29.30 -23.65 -21.71
C MET D 118 28.99 -22.26 -21.14
N VAL D 119 28.14 -21.50 -21.84
CA VAL D 119 27.89 -20.12 -21.49
C VAL D 119 26.53 -20.00 -20.81
N THR D 120 26.54 -19.43 -19.60
CA THR D 120 25.33 -19.08 -18.88
C THR D 120 24.99 -17.63 -19.20
N LEU D 121 23.79 -17.39 -19.74
CA LEU D 121 23.41 -16.06 -20.20
C LEU D 121 22.94 -15.21 -19.02
N HIS D 122 22.37 -15.85 -18.00
CA HIS D 122 21.88 -15.15 -16.83
C HIS D 122 22.12 -15.98 -15.57
N HIS D 123 22.74 -15.36 -14.57
CA HIS D 123 23.05 -16.02 -13.31
C HIS D 123 22.69 -15.08 -12.16
N PHE D 124 21.39 -14.98 -11.90
CA PHE D 124 20.79 -14.26 -10.79
C PHE D 124 20.84 -12.75 -11.01
N THR D 125 22.04 -12.19 -11.19
CA THR D 125 22.17 -10.75 -11.28
C THR D 125 21.45 -10.22 -12.51
N VAL D 126 20.83 -9.05 -12.35
CA VAL D 126 20.16 -8.33 -13.41
C VAL D 126 20.76 -6.92 -13.47
N PRO D 127 20.55 -6.17 -14.57
CA PRO D 127 20.87 -4.74 -14.57
C PRO D 127 20.02 -4.02 -13.51
N GLN D 128 20.60 -3.00 -12.87
CA GLN D 128 19.92 -2.27 -11.82
C GLN D 128 18.64 -1.63 -12.37
N TRP D 129 18.69 -1.16 -13.63
CA TRP D 129 17.54 -0.54 -14.25
C TRP D 129 16.40 -1.54 -14.41
N PHE D 130 16.74 -2.82 -14.61
CA PHE D 130 15.74 -3.88 -14.74
C PHE D 130 15.07 -4.13 -13.39
N GLU D 131 15.82 -3.98 -12.30
CA GLU D 131 15.30 -4.10 -10.94
C GLU D 131 14.42 -2.90 -10.61
N ALA D 132 14.88 -1.69 -10.94
CA ALA D 132 14.18 -0.45 -10.60
C ALA D 132 12.84 -0.41 -11.32
N ARG D 133 12.83 -1.01 -12.50
CA ARG D 133 11.70 -1.10 -13.42
C ARG D 133 10.56 -1.91 -12.81
N GLY D 134 10.91 -2.84 -11.91
CA GLY D 134 9.93 -3.72 -11.28
C GLY D 134 10.36 -5.19 -11.34
N GLY D 135 11.42 -5.50 -12.09
CA GLY D 135 12.01 -6.82 -12.10
C GLY D 135 11.32 -7.76 -13.08
N TRP D 136 11.24 -9.04 -12.70
CA TRP D 136 10.84 -10.11 -13.61
C TRP D 136 9.34 -10.09 -13.90
N THR D 137 8.54 -9.62 -12.93
CA THR D 137 7.09 -9.66 -13.07
C THR D 137 6.56 -8.41 -13.77
N ALA D 138 7.41 -7.39 -13.93
CA ALA D 138 7.00 -6.14 -14.54
C ALA D 138 6.70 -6.36 -16.03
N GLU D 139 5.81 -5.51 -16.56
CA GLU D 139 5.41 -5.60 -17.96
C GLU D 139 6.64 -5.41 -18.85
N GLY D 140 6.82 -6.32 -19.82
CA GLY D 140 7.87 -6.21 -20.81
C GLY D 140 9.15 -6.92 -20.42
N ALA D 141 9.16 -7.56 -19.24
CA ALA D 141 10.36 -8.21 -18.70
C ALA D 141 10.85 -9.30 -19.66
N VAL D 142 9.91 -10.10 -20.18
CA VAL D 142 10.22 -11.22 -21.06
C VAL D 142 10.92 -10.71 -22.32
N GLU D 143 10.38 -9.64 -22.91
CA GLU D 143 10.89 -9.09 -24.16
C GLU D 143 12.28 -8.49 -23.93
N LEU D 144 12.47 -7.85 -22.77
CA LEU D 144 13.74 -7.24 -22.41
C LEU D 144 14.82 -8.32 -22.32
N PHE D 145 14.45 -9.48 -21.74
CA PHE D 145 15.40 -10.57 -21.59
C PHE D 145 15.68 -11.23 -22.94
N ALA D 146 14.63 -11.42 -23.74
CA ALA D 146 14.75 -12.03 -25.06
C ALA D 146 15.67 -11.19 -25.95
N ARG D 147 15.53 -9.86 -25.88
CA ARG D 147 16.34 -8.96 -26.68
C ARG D 147 17.80 -9.07 -26.26
N TYR D 148 18.06 -9.19 -24.95
CA TYR D 148 19.40 -9.36 -24.42
C TYR D 148 20.01 -10.65 -24.97
N VAL D 149 19.21 -11.72 -24.98
CA VAL D 149 19.69 -13.02 -25.45
C VAL D 149 20.04 -12.92 -26.94
N ALA D 150 19.19 -12.24 -27.70
CA ALA D 150 19.45 -11.99 -29.12
C ALA D 150 20.75 -11.21 -29.27
N ALA D 151 20.96 -10.21 -28.40
CA ALA D 151 22.13 -9.35 -28.46
C ALA D 151 23.41 -10.14 -28.15
N CYS D 152 23.28 -11.29 -27.48
CA CYS D 152 24.41 -12.13 -27.11
C CYS D 152 24.86 -13.02 -28.27
N ALA D 153 24.22 -12.89 -29.44
CA ALA D 153 24.45 -13.78 -30.57
C ALA D 153 25.93 -13.83 -30.96
N PRO D 154 26.62 -12.68 -31.17
CA PRO D 154 28.03 -12.72 -31.58
C PRO D 154 28.96 -13.42 -30.58
N VAL D 155 28.49 -13.57 -29.34
CA VAL D 155 29.25 -14.26 -28.30
C VAL D 155 29.15 -15.77 -28.51
N ILE D 156 27.96 -16.27 -28.87
CA ILE D 156 27.65 -17.69 -28.77
C ILE D 156 27.46 -18.35 -30.14
N SER D 157 27.43 -17.58 -31.23
CA SER D 157 27.01 -18.08 -32.52
C SER D 157 28.07 -18.99 -33.16
N GLU D 158 29.13 -19.31 -32.40
CA GLU D 158 30.28 -20.02 -32.93
C GLU D 158 31.12 -20.53 -31.77
N GLY D 159 31.47 -21.82 -31.77
CA GLY D 159 32.39 -22.40 -30.80
C GLY D 159 31.70 -22.91 -29.53
N VAL D 160 30.40 -22.61 -29.36
CA VAL D 160 29.68 -22.92 -28.13
C VAL D 160 28.65 -24.01 -28.43
N SER D 161 28.69 -25.09 -27.64
CA SER D 161 27.81 -26.23 -27.84
C SER D 161 26.63 -26.21 -26.87
N HIS D 162 26.86 -25.73 -25.64
CA HIS D 162 25.82 -25.68 -24.63
C HIS D 162 25.64 -24.23 -24.14
N VAL D 163 24.39 -23.76 -24.15
CA VAL D 163 24.04 -22.48 -23.57
C VAL D 163 23.04 -22.72 -22.44
N CYS D 164 23.23 -22.03 -21.32
CA CYS D 164 22.25 -21.98 -20.26
C CYS D 164 21.60 -20.60 -20.26
N THR D 165 20.26 -20.58 -20.35
CA THR D 165 19.51 -19.33 -20.45
C THR D 165 19.48 -18.66 -19.08
N ILE D 166 18.87 -19.34 -18.10
CA ILE D 166 18.67 -18.80 -16.77
C ILE D 166 19.09 -19.85 -15.73
N ASN D 167 20.02 -19.47 -14.86
CA ASN D 167 20.50 -20.34 -13.80
C ASN D 167 19.48 -20.39 -12.65
N GLU D 168 19.12 -21.61 -12.24
CA GLU D 168 18.30 -21.86 -11.06
C GLU D 168 17.11 -20.91 -10.98
N PRO D 169 16.08 -21.08 -11.85
CA PRO D 169 14.91 -20.21 -11.83
C PRO D 169 14.00 -20.42 -10.63
N ASN D 170 14.07 -21.61 -10.01
CA ASN D 170 13.30 -21.87 -8.79
C ASN D 170 13.80 -20.95 -7.67
N MET D 171 15.12 -20.73 -7.61
CA MET D 171 15.70 -19.87 -6.59
C MET D 171 15.32 -18.42 -6.84
N ILE D 172 15.12 -18.05 -8.12
CA ILE D 172 14.64 -16.71 -8.45
C ILE D 172 13.22 -16.54 -7.94
N ALA D 173 12.35 -17.53 -8.20
CA ALA D 173 10.96 -17.48 -7.79
C ALA D 173 10.85 -17.43 -6.26
N VAL D 174 11.70 -18.22 -5.60
CA VAL D 174 11.72 -18.33 -4.15
C VAL D 174 12.08 -16.98 -3.53
N MET D 175 13.16 -16.36 -4.02
CA MET D 175 13.65 -15.11 -3.44
C MET D 175 12.66 -13.97 -3.70
N ALA D 176 11.97 -14.01 -4.85
CA ALA D 176 10.95 -13.03 -5.16
C ALA D 176 9.79 -13.17 -4.17
N GLY D 177 9.52 -14.41 -3.76
CA GLY D 177 8.61 -14.69 -2.67
C GLY D 177 8.97 -13.91 -1.41
N GLN D 178 10.25 -13.96 -1.01
CA GLN D 178 10.74 -13.25 0.15
C GLN D 178 10.54 -11.74 -0.02
N ALA D 179 10.92 -11.22 -1.19
CA ALA D 179 10.96 -9.78 -1.42
C ALA D 179 9.57 -9.20 -1.47
N LYS D 180 8.59 -10.00 -1.91
CA LYS D 180 7.21 -9.57 -2.00
C LYS D 180 6.64 -9.38 -0.59
N ARG D 181 7.05 -10.24 0.34
CA ARG D 181 6.48 -10.28 1.68
C ARG D 181 7.25 -9.36 2.64
N GLY D 182 8.53 -9.13 2.37
CA GLY D 182 9.41 -8.46 3.30
C GLY D 182 9.91 -9.40 4.40
N ASP D 183 10.15 -10.66 4.02
CA ASP D 183 10.81 -11.61 4.89
C ASP D 183 12.29 -11.65 4.53
N ASN D 184 13.14 -11.30 5.51
CA ASN D 184 14.58 -11.25 5.30
C ASN D 184 15.23 -12.55 5.72
N SER D 185 14.50 -13.38 6.48
CA SER D 185 15.06 -14.58 7.08
C SER D 185 14.54 -15.82 6.36
N PHE D 186 15.47 -16.66 5.89
CA PHE D 186 15.13 -17.99 5.39
C PHE D 186 14.53 -18.83 6.50
N PRO D 187 13.76 -19.90 6.17
CA PRO D 187 13.21 -20.79 7.20
C PRO D 187 14.31 -21.75 7.67
N PRO D 188 14.14 -22.40 8.84
CA PRO D 188 15.22 -23.22 9.41
C PRO D 188 15.63 -24.34 8.46
N ALA D 189 14.64 -24.89 7.73
CA ALA D 189 14.89 -25.74 6.58
C ALA D 189 13.79 -25.53 5.54
N GLY D 190 14.06 -25.99 4.31
CA GLY D 190 13.17 -25.78 3.19
C GLY D 190 13.43 -24.44 2.51
N LEU D 191 12.57 -24.11 1.53
CA LEU D 191 12.63 -22.82 0.86
C LEU D 191 11.32 -22.07 1.11
N PRO D 192 11.36 -20.72 1.16
CA PRO D 192 10.14 -19.92 1.27
C PRO D 192 9.22 -20.15 0.07
N THR D 193 7.95 -19.77 0.23
CA THR D 193 6.94 -19.96 -0.80
C THR D 193 7.32 -19.17 -2.04
N PRO D 194 7.55 -19.83 -3.20
CA PRO D 194 7.81 -19.12 -4.45
C PRO D 194 6.68 -18.19 -4.87
N ASP D 195 7.04 -17.12 -5.58
CA ASP D 195 6.07 -16.20 -6.17
C ASP D 195 5.65 -16.76 -7.52
N ASP D 196 4.33 -16.97 -7.70
CA ASP D 196 3.81 -17.68 -8.85
C ASP D 196 3.90 -16.81 -10.10
N GLU D 197 3.87 -15.47 -9.94
CA GLU D 197 3.99 -14.57 -11.08
C GLU D 197 5.42 -14.59 -11.61
N THR D 198 6.39 -14.65 -10.69
CA THR D 198 7.79 -14.73 -11.06
C THR D 198 8.06 -16.06 -11.75
N THR D 199 7.50 -17.14 -11.18
CA THR D 199 7.58 -18.47 -11.76
C THR D 199 7.17 -18.42 -13.23
N ALA D 200 6.01 -17.80 -13.51
CA ALA D 200 5.46 -17.76 -14.85
C ALA D 200 6.33 -16.90 -15.77
N ALA D 201 6.86 -15.80 -15.24
CA ALA D 201 7.65 -14.87 -16.02
C ALA D 201 8.97 -15.51 -16.45
N VAL D 202 9.63 -16.22 -15.52
CA VAL D 202 10.92 -16.82 -15.81
C VAL D 202 10.74 -17.98 -16.79
N ILE D 203 9.65 -18.74 -16.65
CA ILE D 203 9.35 -19.83 -17.57
C ILE D 203 9.18 -19.25 -18.99
N ALA D 204 8.40 -18.17 -19.10
CA ALA D 204 8.13 -17.54 -20.39
C ALA D 204 9.43 -16.98 -20.98
N ALA D 205 10.22 -16.29 -20.15
CA ALA D 205 11.46 -15.69 -20.58
C ALA D 205 12.45 -16.76 -21.05
N HIS D 206 12.39 -17.94 -20.41
CA HIS D 206 13.22 -19.07 -20.77
C HIS D 206 12.85 -19.58 -22.17
N HIS D 207 11.55 -19.74 -22.43
CA HIS D 207 11.08 -20.27 -23.71
C HIS D 207 11.42 -19.31 -24.84
N ALA D 208 11.30 -18.00 -24.56
CA ALA D 208 11.67 -16.96 -25.51
C ALA D 208 13.16 -17.02 -25.80
N ALA D 209 13.96 -17.26 -24.75
CA ALA D 209 15.42 -17.29 -24.88
C ALA D 209 15.86 -18.50 -25.71
N VAL D 210 15.28 -19.66 -25.40
CA VAL D 210 15.55 -20.90 -26.13
C VAL D 210 15.29 -20.67 -27.61
N LYS D 211 14.16 -20.01 -27.92
CA LYS D 211 13.78 -19.71 -29.30
C LYS D 211 14.85 -18.84 -29.95
N GLU D 212 15.28 -17.80 -29.23
CA GLU D 212 16.29 -16.86 -29.74
C GLU D 212 17.59 -17.60 -30.04
N VAL D 213 17.94 -18.60 -29.21
CA VAL D 213 19.22 -19.28 -29.32
C VAL D 213 19.19 -20.31 -30.44
N ARG D 214 18.05 -21.03 -30.59
CA ARG D 214 17.90 -22.01 -31.65
C ARG D 214 17.75 -21.31 -33.00
N ALA D 215 17.31 -20.05 -32.98
CA ALA D 215 17.12 -19.26 -34.19
C ALA D 215 18.47 -18.93 -34.84
N LEU D 216 19.56 -19.04 -34.07
CA LEU D 216 20.90 -18.80 -34.59
C LEU D 216 21.29 -19.91 -35.57
N ASP D 217 20.67 -21.09 -35.42
CA ASP D 217 20.85 -22.19 -36.34
C ASP D 217 22.33 -22.61 -36.35
N ALA D 218 22.99 -22.44 -35.20
CA ALA D 218 24.39 -22.81 -35.04
C ALA D 218 24.50 -24.15 -34.31
N GLY D 219 23.34 -24.83 -34.13
CA GLY D 219 23.31 -26.16 -33.54
C GLY D 219 23.61 -26.14 -32.05
N ILE D 220 23.22 -25.06 -31.36
CA ILE D 220 23.48 -24.90 -29.94
C ILE D 220 22.48 -25.75 -29.16
N GLN D 221 22.99 -26.53 -28.21
CA GLN D 221 22.15 -27.19 -27.22
C GLN D 221 21.83 -26.19 -26.12
N VAL D 222 20.54 -25.91 -25.92
CA VAL D 222 20.10 -24.86 -25.02
C VAL D 222 19.15 -25.45 -23.97
N GLY D 223 19.27 -24.98 -22.73
CA GLY D 223 18.41 -25.39 -21.63
C GLY D 223 18.61 -24.50 -20.41
N TRP D 224 18.09 -24.93 -19.25
CA TRP D 224 18.35 -24.21 -18.02
C TRP D 224 18.63 -25.19 -16.87
N THR D 225 19.10 -24.64 -15.73
CA THR D 225 19.59 -25.44 -14.63
C THR D 225 18.66 -25.29 -13.43
N ILE D 226 18.59 -26.34 -12.62
CA ILE D 226 17.66 -26.42 -11.51
C ILE D 226 18.44 -26.51 -10.20
N ALA D 227 17.99 -25.76 -9.19
CA ALA D 227 18.46 -25.94 -7.82
C ALA D 227 17.74 -27.13 -7.21
N ASN D 228 18.34 -28.32 -7.36
CA ASN D 228 17.77 -29.55 -6.85
C ASN D 228 17.92 -29.57 -5.33
N GLN D 229 16.79 -29.80 -4.63
CA GLN D 229 16.75 -29.73 -3.18
C GLN D 229 16.93 -31.12 -2.57
N VAL D 230 16.69 -32.17 -3.36
CA VAL D 230 16.74 -33.53 -2.87
C VAL D 230 15.84 -33.62 -1.64
N TYR D 231 14.56 -33.26 -1.83
CA TYR D 231 13.56 -33.41 -0.79
C TYR D 231 13.28 -34.91 -0.61
N GLN D 232 13.14 -35.32 0.66
CA GLN D 232 13.01 -36.73 1.01
C GLN D 232 11.80 -36.90 1.93
N ALA D 233 10.89 -37.78 1.49
CA ALA D 233 9.73 -38.13 2.29
C ALA D 233 10.18 -38.98 3.49
N LEU D 234 9.87 -38.49 4.70
CA LEU D 234 9.83 -39.36 5.86
C LEU D 234 8.71 -40.38 5.65
N PRO D 235 8.80 -41.60 6.20
CA PRO D 235 7.76 -42.60 5.99
C PRO D 235 6.36 -42.04 6.29
N GLY D 236 5.55 -41.91 5.24
CA GLY D 236 4.15 -41.51 5.38
C GLY D 236 3.88 -40.06 4.99
N ALA D 237 4.94 -39.31 4.66
CA ALA D 237 4.83 -37.90 4.31
C ALA D 237 5.14 -37.71 2.84
N GLU D 238 4.64 -38.61 2.00
CA GLU D 238 5.05 -38.67 0.60
C GLU D 238 4.20 -37.69 -0.21
N ASP D 239 3.07 -37.26 0.37
CA ASP D 239 2.17 -36.32 -0.27
C ASP D 239 2.51 -34.88 0.13
N VAL D 240 2.78 -34.64 1.42
CA VAL D 240 3.20 -33.33 1.88
C VAL D 240 4.52 -32.96 1.20
N THR D 241 5.36 -33.97 0.95
CA THR D 241 6.61 -33.79 0.23
C THR D 241 6.33 -33.38 -1.21
N ALA D 242 5.40 -34.09 -1.87
CA ALA D 242 5.05 -33.84 -3.26
C ALA D 242 4.54 -32.41 -3.44
N ALA D 243 3.63 -32.00 -2.53
CA ALA D 243 3.02 -30.68 -2.60
C ALA D 243 4.07 -29.59 -2.36
N TYR D 244 5.01 -29.86 -1.45
CA TYR D 244 6.05 -28.89 -1.10
C TYR D 244 7.06 -28.75 -2.24
N ARG D 245 7.33 -29.86 -2.96
CA ARG D 245 8.45 -29.94 -3.88
C ARG D 245 8.09 -29.32 -5.23
N HIS D 246 6.82 -29.44 -5.65
CA HIS D 246 6.42 -29.10 -7.02
C HIS D 246 6.64 -27.63 -7.33
N PRO D 247 6.15 -26.66 -6.51
CA PRO D 247 6.37 -25.25 -6.79
C PRO D 247 7.82 -24.82 -6.61
N ARG D 248 8.59 -25.61 -5.86
CA ARG D 248 9.95 -25.26 -5.47
C ARG D 248 10.98 -25.85 -6.42
N GLU D 249 10.58 -26.80 -7.28
CA GLU D 249 11.54 -27.49 -8.12
C GLU D 249 10.90 -28.03 -9.41
N ASP D 250 9.90 -28.91 -9.26
CA ASP D 250 9.45 -29.77 -10.36
C ASP D 250 8.85 -28.95 -11.49
N VAL D 251 8.09 -27.90 -11.16
CA VAL D 251 7.41 -27.09 -12.16
C VAL D 251 8.42 -26.55 -13.16
N PHE D 252 9.68 -26.36 -12.71
CA PHE D 252 10.74 -25.82 -13.55
C PHE D 252 11.37 -26.92 -14.39
N ILE D 253 11.35 -28.17 -13.89
CA ILE D 253 11.81 -29.32 -14.66
C ILE D 253 10.75 -29.65 -15.72
N GLU D 254 9.48 -29.49 -15.36
CA GLU D 254 8.38 -29.76 -16.27
C GLU D 254 8.42 -28.83 -17.48
N ALA D 255 8.96 -27.62 -17.29
CA ALA D 255 8.99 -26.62 -18.35
C ALA D 255 10.16 -26.87 -19.32
N ALA D 256 11.09 -27.74 -18.93
CA ALA D 256 12.30 -27.97 -19.71
C ALA D 256 12.19 -29.22 -20.59
N ARG D 257 10.98 -29.75 -20.76
CA ARG D 257 10.80 -31.04 -21.40
C ARG D 257 11.02 -30.94 -22.92
N GLY D 258 10.94 -29.71 -23.46
CA GLY D 258 11.22 -29.48 -24.87
C GLY D 258 12.65 -29.00 -25.12
N ASP D 259 13.45 -28.87 -24.06
CA ASP D 259 14.80 -28.34 -24.16
C ASP D 259 15.76 -29.44 -24.63
N ASP D 260 16.98 -29.02 -24.98
CA ASP D 260 17.99 -29.91 -25.54
C ASP D 260 18.79 -30.59 -24.43
N TRP D 261 18.84 -29.94 -23.26
CA TRP D 261 19.44 -30.53 -22.07
C TRP D 261 18.87 -29.83 -20.83
N ILE D 262 19.18 -30.40 -19.65
CA ILE D 262 18.82 -29.76 -18.40
C ILE D 262 19.99 -29.92 -17.42
N GLY D 263 20.19 -28.88 -16.59
CA GLY D 263 21.27 -28.84 -15.64
C GLY D 263 20.82 -29.24 -14.24
N VAL D 264 21.58 -30.16 -13.63
CA VAL D 264 21.32 -30.63 -12.27
C VAL D 264 22.34 -29.97 -11.34
N GLN D 265 21.85 -29.23 -10.35
CA GLN D 265 22.70 -28.52 -9.41
C GLN D 265 22.32 -28.98 -8.00
N SER D 266 23.23 -29.74 -7.36
CA SER D 266 22.92 -30.48 -6.15
C SER D 266 24.08 -30.33 -5.14
N TYR D 267 23.72 -30.17 -3.86
CA TYR D 267 24.70 -29.99 -2.80
C TYR D 267 24.31 -30.81 -1.56
N THR D 268 23.04 -30.71 -1.15
CA THR D 268 22.60 -31.29 0.10
C THR D 268 21.18 -31.83 -0.08
N ARG D 269 20.59 -32.28 1.04
CA ARG D 269 19.23 -32.83 1.03
C ARG D 269 18.45 -32.20 2.18
N THR D 270 17.12 -32.32 2.11
CA THR D 270 16.24 -31.85 3.17
C THR D 270 15.13 -32.87 3.39
N ARG D 271 15.08 -33.42 4.61
CA ARG D 271 14.05 -34.35 5.03
C ARG D 271 12.74 -33.58 5.25
N ILE D 272 11.62 -34.17 4.82
CA ILE D 272 10.31 -33.58 5.04
C ILE D 272 9.44 -34.58 5.82
N GLY D 273 8.84 -34.09 6.92
CA GLY D 273 7.90 -34.84 7.71
C GLY D 273 6.49 -34.27 7.60
N PRO D 274 5.48 -34.88 8.27
CA PRO D 274 4.09 -34.45 8.15
C PRO D 274 3.82 -32.96 8.38
N GLU D 275 4.67 -32.30 9.20
CA GLU D 275 4.51 -30.89 9.49
C GLU D 275 5.32 -30.04 8.51
N GLY D 276 5.99 -30.69 7.55
CA GLY D 276 6.80 -30.00 6.56
C GLY D 276 8.29 -30.29 6.72
N PRO D 277 9.19 -29.46 6.17
CA PRO D 277 10.63 -29.72 6.21
C PRO D 277 11.18 -29.58 7.64
N ILE D 278 12.18 -30.40 7.96
CA ILE D 278 12.75 -30.40 9.29
C ILE D 278 14.26 -30.22 9.20
N PRO D 279 14.88 -29.46 10.13
CA PRO D 279 16.34 -29.28 10.15
C PRO D 279 17.05 -30.60 10.35
N ALA D 280 18.23 -30.74 9.73
CA ALA D 280 19.11 -31.87 10.01
C ALA D 280 19.51 -31.80 11.49
N ALA D 281 19.91 -32.97 12.03
CA ALA D 281 20.14 -33.10 13.46
C ALA D 281 21.30 -32.21 13.90
N ASP D 282 21.41 -32.00 15.21
CA ASP D 282 22.37 -31.06 15.78
C ASP D 282 23.76 -31.70 15.80
N ASP D 283 23.80 -33.02 15.68
CA ASP D 283 25.03 -33.80 15.78
C ASP D 283 25.63 -34.05 14.39
N VAL D 284 24.80 -33.98 13.33
CA VAL D 284 25.21 -34.40 12.01
C VAL D 284 26.16 -33.36 11.42
N GLU D 285 27.15 -33.84 10.65
CA GLU D 285 28.20 -33.01 10.09
C GLU D 285 27.61 -31.94 9.18
N ARG D 286 28.26 -30.77 9.15
CA ARG D 286 27.81 -29.66 8.33
C ARG D 286 28.97 -29.09 7.53
N THR D 287 28.62 -28.24 6.56
CA THR D 287 29.59 -27.53 5.73
C THR D 287 29.66 -26.08 6.20
N LEU D 288 30.40 -25.23 5.48
CA LEU D 288 30.60 -23.85 5.87
C LEU D 288 29.39 -22.99 5.49
N THR D 289 28.44 -23.56 4.71
CA THR D 289 27.19 -22.88 4.42
C THR D 289 26.10 -23.30 5.40
N THR D 290 26.43 -24.18 6.35
CA THR D 290 25.52 -24.60 7.41
C THR D 290 24.75 -25.85 6.98
N TRP D 291 24.82 -26.21 5.69
CA TRP D 291 24.10 -27.34 5.15
C TRP D 291 24.64 -28.64 5.74
N GLU D 292 23.82 -29.70 5.67
CA GLU D 292 24.27 -31.04 6.04
C GLU D 292 25.23 -31.57 4.98
N TYR D 293 26.36 -32.13 5.44
CA TYR D 293 27.30 -32.82 4.58
C TYR D 293 26.61 -34.06 3.99
N TYR D 294 26.44 -34.07 2.66
CA TYR D 294 25.71 -35.14 2.00
C TYR D 294 26.28 -35.36 0.60
N PRO D 295 27.40 -36.11 0.46
CA PRO D 295 28.00 -36.42 -0.84
C PRO D 295 27.09 -37.00 -1.91
N THR D 296 26.05 -37.75 -1.50
CA THR D 296 25.27 -38.56 -2.42
C THR D 296 24.05 -37.79 -2.95
N ALA D 297 23.87 -36.54 -2.50
CA ALA D 297 22.76 -35.70 -2.91
C ALA D 297 22.56 -35.75 -4.42
N VAL D 298 23.67 -35.65 -5.17
CA VAL D 298 23.63 -35.49 -6.62
C VAL D 298 23.00 -36.73 -7.27
N GLY D 299 23.13 -37.89 -6.62
CA GLY D 299 22.53 -39.13 -7.10
C GLY D 299 21.00 -39.04 -7.16
N GLU D 300 20.39 -38.53 -6.08
CA GLU D 300 18.94 -38.40 -6.00
C GLU D 300 18.46 -37.26 -6.88
N ALA D 301 19.28 -36.20 -7.03
CA ALA D 301 18.93 -35.06 -7.87
C ALA D 301 18.83 -35.50 -9.33
N LEU D 302 19.85 -36.25 -9.79
CA LEU D 302 19.89 -36.80 -11.13
C LEU D 302 18.65 -37.64 -11.42
N ARG D 303 18.35 -38.57 -10.51
CA ARG D 303 17.33 -39.59 -10.73
C ARG D 303 15.93 -38.97 -10.67
N HIS D 304 15.73 -38.05 -9.72
CA HIS D 304 14.46 -37.34 -9.63
C HIS D 304 14.25 -36.51 -10.90
N THR D 305 15.31 -35.85 -11.37
CA THR D 305 15.23 -34.95 -12.51
C THR D 305 14.91 -35.74 -13.78
N ALA D 306 15.57 -36.89 -13.97
CA ALA D 306 15.33 -37.73 -15.14
C ALA D 306 13.88 -38.16 -15.21
N ALA D 307 13.31 -38.53 -14.06
CA ALA D 307 11.95 -39.04 -13.98
C ALA D 307 10.95 -37.98 -14.44
N VAL D 308 11.15 -36.73 -14.01
CA VAL D 308 10.20 -35.66 -14.25
C VAL D 308 10.38 -35.12 -15.68
N VAL D 309 11.61 -35.11 -16.19
CA VAL D 309 11.92 -34.37 -17.41
C VAL D 309 11.72 -35.25 -18.65
N GLY D 310 11.94 -36.56 -18.52
CA GLY D 310 11.82 -37.47 -19.64
C GLY D 310 13.18 -37.82 -20.25
N ASP D 311 13.30 -37.70 -21.58
CA ASP D 311 14.47 -38.17 -22.30
C ASP D 311 15.47 -37.03 -22.54
N VAL D 312 15.18 -35.84 -22.00
CA VAL D 312 16.09 -34.71 -22.09
C VAL D 312 17.41 -35.10 -21.43
N PRO D 313 18.57 -34.98 -22.13
CA PRO D 313 19.87 -35.25 -21.52
C PRO D 313 20.15 -34.38 -20.29
N LEU D 314 20.76 -35.00 -19.27
CA LEU D 314 21.10 -34.35 -18.03
C LEU D 314 22.57 -33.95 -18.05
N ILE D 315 22.89 -32.82 -17.42
CA ILE D 315 24.27 -32.44 -17.15
C ILE D 315 24.34 -31.92 -15.72
N VAL D 316 25.30 -32.42 -14.93
CA VAL D 316 25.58 -31.84 -13.63
C VAL D 316 26.36 -30.55 -13.86
N THR D 317 25.67 -29.41 -13.67
CA THR D 317 26.25 -28.11 -13.94
C THR D 317 26.85 -27.52 -12.67
N GLU D 318 26.41 -27.99 -11.50
CA GLU D 318 27.00 -27.61 -10.23
C GLU D 318 26.96 -28.78 -9.25
N ASN D 319 28.04 -28.91 -8.46
CA ASN D 319 28.17 -29.93 -7.44
C ASN D 319 29.44 -29.63 -6.64
N GLY D 320 29.31 -29.46 -5.31
CA GLY D 320 30.47 -29.13 -4.50
C GLY D 320 30.16 -29.00 -3.02
N ILE D 321 31.13 -28.44 -2.29
CA ILE D 321 31.07 -28.31 -0.84
C ILE D 321 31.85 -27.07 -0.41
N ALA D 322 31.29 -26.32 0.54
CA ALA D 322 31.97 -25.22 1.18
C ALA D 322 32.70 -25.73 2.43
N THR D 323 34.03 -25.81 2.35
CA THR D 323 34.84 -26.27 3.48
C THR D 323 36.19 -25.55 3.47
N ALA D 324 36.83 -25.52 4.65
CA ALA D 324 38.19 -25.08 4.80
C ALA D 324 39.14 -26.27 4.71
N ASP D 325 38.56 -27.46 4.50
CA ASP D 325 39.29 -28.73 4.57
C ASP D 325 39.16 -29.42 3.21
N ASP D 326 40.21 -29.31 2.38
CA ASP D 326 40.18 -29.86 1.03
C ASP D 326 40.13 -31.38 1.10
N SER D 327 40.71 -31.95 2.16
CA SER D 327 40.57 -33.37 2.46
C SER D 327 39.11 -33.80 2.36
N ARG D 328 38.23 -33.00 2.96
CA ARG D 328 36.81 -33.33 3.04
C ARG D 328 36.13 -33.06 1.70
N ARG D 329 36.66 -32.12 0.93
CA ARG D 329 36.15 -31.84 -0.42
C ARG D 329 36.36 -33.07 -1.31
N VAL D 330 37.54 -33.69 -1.18
CA VAL D 330 37.86 -34.89 -1.96
C VAL D 330 36.86 -35.98 -1.61
N ASP D 331 36.62 -36.18 -0.31
CA ASP D 331 35.68 -37.19 0.18
C ASP D 331 34.29 -36.94 -0.39
N TYR D 332 33.91 -35.65 -0.49
CA TYR D 332 32.61 -35.28 -1.00
C TYR D 332 32.46 -35.73 -2.45
N TYR D 333 33.50 -35.46 -3.26
CA TYR D 333 33.44 -35.71 -4.70
C TYR D 333 33.50 -37.21 -4.99
N ALA D 334 34.15 -37.97 -4.11
CA ALA D 334 34.22 -39.42 -4.26
C ALA D 334 32.84 -40.03 -4.15
N GLY D 335 32.05 -39.54 -3.17
CA GLY D 335 30.66 -39.96 -3.01
C GLY D 335 29.79 -39.51 -4.17
N ALA D 336 30.03 -38.28 -4.66
CA ALA D 336 29.22 -37.69 -5.70
C ALA D 336 29.46 -38.40 -7.04
N LEU D 337 30.74 -38.56 -7.42
CA LEU D 337 31.10 -39.18 -8.69
C LEU D 337 30.68 -40.64 -8.71
N ASP D 338 30.65 -41.29 -7.53
CA ASP D 338 30.16 -42.66 -7.41
C ASP D 338 28.68 -42.72 -7.77
N GLU D 339 27.90 -41.76 -7.24
CA GLU D 339 26.48 -41.66 -7.54
C GLU D 339 26.25 -41.40 -9.03
N VAL D 340 27.11 -40.57 -9.63
CA VAL D 340 26.99 -40.22 -11.04
C VAL D 340 27.19 -41.48 -11.88
N ALA D 341 28.18 -42.31 -11.50
CA ALA D 341 28.50 -43.53 -12.22
C ALA D 341 27.41 -44.57 -12.02
N SER D 342 26.83 -44.63 -10.81
CA SER D 342 25.68 -45.49 -10.54
C SER D 342 24.49 -45.06 -11.37
N ALA D 343 24.34 -43.74 -11.59
CA ALA D 343 23.25 -43.20 -12.37
C ALA D 343 23.42 -43.55 -13.86
N LEU D 344 24.68 -43.53 -14.33
CA LEU D 344 25.01 -43.87 -15.71
C LEU D 344 24.72 -45.35 -15.98
N ALA D 345 25.18 -46.22 -15.08
CA ALA D 345 25.09 -47.66 -15.28
C ALA D 345 23.63 -48.12 -15.16
N ASP D 346 22.79 -47.34 -14.47
CA ASP D 346 21.36 -47.57 -14.43
C ASP D 346 20.71 -47.01 -15.71
N GLY D 347 21.50 -46.29 -16.51
CA GLY D 347 21.13 -45.97 -17.89
C GLY D 347 20.46 -44.61 -18.04
N LEU D 348 20.77 -43.68 -17.12
CA LEU D 348 20.36 -42.29 -17.29
C LEU D 348 21.25 -41.63 -18.32
N ASP D 349 20.66 -40.76 -19.14
CA ASP D 349 21.36 -40.08 -20.21
C ASP D 349 22.05 -38.85 -19.64
N ILE D 350 23.30 -39.03 -19.18
CA ILE D 350 24.07 -37.98 -18.54
C ILE D 350 25.25 -37.62 -19.45
N ARG D 351 25.39 -36.33 -19.76
CA ARG D 351 26.32 -35.89 -20.79
C ARG D 351 27.46 -35.04 -20.22
N GLY D 352 27.55 -34.89 -18.90
CA GLY D 352 28.61 -34.06 -18.35
C GLY D 352 28.60 -33.90 -16.84
N TYR D 353 29.73 -33.43 -16.30
CA TYR D 353 29.90 -33.12 -14.89
C TYR D 353 30.77 -31.87 -14.74
N LEU D 354 30.25 -30.88 -13.99
CA LEU D 354 30.92 -29.60 -13.81
C LEU D 354 30.88 -29.22 -12.32
N ALA D 355 32.05 -29.20 -11.69
CA ALA D 355 32.16 -28.95 -10.25
C ALA D 355 31.93 -27.47 -9.94
N TRP D 356 31.26 -27.21 -8.81
CA TRP D 356 31.17 -25.87 -8.26
C TRP D 356 32.08 -25.78 -7.03
N SER D 357 33.06 -24.86 -7.03
CA SER D 357 33.36 -23.98 -8.14
C SER D 357 34.83 -24.13 -8.54
N ALA D 358 35.17 -23.60 -9.72
CA ALA D 358 36.55 -23.56 -10.17
C ALA D 358 37.38 -22.72 -9.20
N LEU D 359 36.77 -21.64 -8.69
CA LEU D 359 37.46 -20.70 -7.81
C LEU D 359 36.63 -20.49 -6.54
N ASP D 360 37.31 -20.22 -5.43
CA ASP D 360 36.71 -19.54 -4.30
C ASP D 360 36.13 -18.22 -4.83
N ASN D 361 34.98 -17.81 -4.29
CA ASN D 361 34.23 -16.72 -4.90
C ASN D 361 33.28 -16.09 -3.89
N TYR D 362 32.62 -15.01 -4.32
CA TYR D 362 31.62 -14.33 -3.53
C TYR D 362 30.40 -15.24 -3.39
N GLU D 363 30.20 -15.79 -2.19
CA GLU D 363 29.05 -16.63 -1.91
C GLU D 363 27.89 -15.74 -1.48
N TRP D 364 27.46 -14.86 -2.39
CA TRP D 364 26.23 -14.10 -2.23
C TRP D 364 26.12 -13.53 -0.81
N GLY D 365 27.16 -12.81 -0.40
CA GLY D 365 27.16 -12.10 0.88
C GLY D 365 28.36 -12.43 1.76
N THR D 366 29.18 -13.43 1.37
CA THR D 366 30.32 -13.80 2.19
C THR D 366 31.42 -14.45 1.33
N TYR D 367 32.67 -14.27 1.76
CA TYR D 367 33.83 -14.89 1.14
C TYR D 367 34.35 -16.04 2.01
N LYS D 368 33.73 -16.26 3.17
CA LYS D 368 34.16 -17.30 4.10
C LYS D 368 33.84 -18.69 3.54
N ALA D 369 32.71 -18.80 2.84
CA ALA D 369 32.22 -20.10 2.37
C ALA D 369 32.97 -20.52 1.12
N THR D 370 34.06 -21.27 1.32
CA THR D 370 35.01 -21.55 0.25
C THR D 370 34.61 -22.83 -0.48
N PHE D 371 34.19 -22.68 -1.74
CA PHE D 371 33.69 -23.76 -2.57
C PHE D 371 34.73 -24.22 -3.60
N GLY D 372 35.84 -23.48 -3.71
CA GLY D 372 36.71 -23.56 -4.87
C GLY D 372 37.57 -24.82 -4.89
N LEU D 373 37.84 -25.31 -6.11
CA LEU D 373 38.92 -26.26 -6.36
C LEU D 373 40.25 -25.50 -6.30
N ILE D 374 40.20 -24.21 -6.63
CA ILE D 374 41.38 -23.35 -6.64
C ILE D 374 41.18 -22.25 -5.59
N ALA D 375 42.16 -22.09 -4.70
CA ALA D 375 42.08 -21.11 -3.64
C ALA D 375 42.41 -19.72 -4.18
N ILE D 376 41.77 -18.70 -3.60
CA ILE D 376 41.92 -17.31 -4.05
C ILE D 376 42.35 -16.46 -2.85
N ASP D 377 43.43 -15.69 -3.04
CA ASP D 377 43.83 -14.67 -2.09
C ASP D 377 43.14 -13.36 -2.50
N TRP D 378 42.39 -12.77 -1.57
CA TRP D 378 41.47 -11.69 -1.88
C TRP D 378 42.21 -10.36 -2.02
N GLU D 379 43.49 -10.33 -1.63
CA GLU D 379 44.29 -9.12 -1.68
C GLU D 379 45.18 -9.12 -2.93
N THR D 380 45.79 -10.27 -3.25
CA THR D 380 46.75 -10.34 -4.35
C THR D 380 46.16 -11.00 -5.59
N PHE D 381 45.03 -11.71 -5.43
CA PHE D 381 44.37 -12.43 -6.52
C PHE D 381 45.23 -13.60 -6.99
N GLU D 382 46.02 -14.18 -6.08
CA GLU D 382 46.82 -15.36 -6.40
C GLU D 382 45.90 -16.58 -6.46
N ARG D 383 46.02 -17.36 -7.54
CA ARG D 383 45.35 -18.65 -7.62
C ARG D 383 46.29 -19.70 -7.02
N THR D 384 45.72 -20.68 -6.30
CA THR D 384 46.47 -21.85 -5.87
C THR D 384 45.60 -23.08 -5.98
N PRO D 385 45.85 -23.97 -6.98
CA PRO D 385 45.10 -25.21 -7.12
C PRO D 385 45.25 -26.09 -5.88
N ARG D 386 44.11 -26.49 -5.29
CA ARG D 386 44.11 -27.42 -4.17
C ARG D 386 44.31 -28.84 -4.70
N ASP D 387 44.45 -29.80 -3.79
CA ASP D 387 44.67 -31.19 -4.15
C ASP D 387 43.44 -31.76 -4.87
N SER D 388 42.26 -31.35 -4.42
CA SER D 388 41.00 -31.71 -5.07
C SER D 388 41.04 -31.33 -6.55
N ALA D 389 41.62 -30.17 -6.86
CA ALA D 389 41.69 -29.68 -8.23
C ALA D 389 42.58 -30.59 -9.08
N LYS D 390 43.69 -31.07 -8.51
CA LYS D 390 44.67 -31.86 -9.24
C LYS D 390 44.09 -33.23 -9.57
N TRP D 391 43.40 -33.83 -8.60
CA TRP D 391 42.77 -35.14 -8.78
C TRP D 391 41.65 -35.05 -9.81
N LEU D 392 40.67 -34.16 -9.57
CA LEU D 392 39.53 -34.02 -10.45
C LEU D 392 39.97 -33.66 -11.87
N GLY D 393 40.85 -32.66 -11.98
CA GLY D 393 41.41 -32.25 -13.27
C GLY D 393 41.98 -33.42 -14.05
N SER D 394 42.67 -34.34 -13.36
CA SER D 394 43.36 -35.45 -14.00
C SER D 394 42.37 -36.42 -14.64
N LEU D 395 41.10 -36.40 -14.19
CA LEU D 395 40.08 -37.30 -14.69
C LEU D 395 39.60 -36.87 -16.07
N GLY D 396 39.85 -35.61 -16.43
CA GLY D 396 39.62 -35.14 -17.79
C GLY D 396 40.58 -35.79 -18.78
N ARG D 397 41.69 -36.33 -18.27
CA ARG D 397 42.70 -36.99 -19.08
C ARG D 397 42.45 -38.49 -19.13
N THR D 398 42.30 -39.12 -17.95
CA THR D 398 42.11 -40.56 -17.87
C THR D 398 40.72 -40.94 -18.40
N ARG D 399 39.71 -40.12 -18.07
CA ARG D 399 38.34 -40.32 -18.49
C ARG D 399 37.78 -41.58 -17.83
N GLU D 400 37.98 -41.70 -16.52
CA GLU D 400 37.37 -42.73 -15.69
C GLU D 400 36.68 -42.06 -14.51
N LEU D 401 35.35 -42.21 -14.43
CA LEU D 401 34.60 -41.82 -13.25
C LEU D 401 34.93 -42.77 -12.10
N PRO D 402 35.56 -42.31 -10.99
CA PRO D 402 35.87 -43.18 -9.85
C PRO D 402 34.65 -43.58 -9.04
N ARG D 403 34.82 -44.65 -8.25
CA ARG D 403 33.79 -45.13 -7.33
C ARG D 403 34.41 -45.28 -5.94
C1 PEG E . 32.04 -4.02 32.97
O1 PEG E . 33.12 -3.86 33.87
C2 PEG E . 30.93 -3.06 33.25
O2 PEG E . 29.69 -3.64 32.85
C3 PEG E . 28.83 -3.96 33.94
C4 PEG E . 28.38 -5.40 33.84
O4 PEG E . 28.26 -6.02 35.11
C1 BTB F . 6.96 9.86 31.53
O1 BTB F . 7.09 11.27 31.45
C2 BTB F . 7.70 9.13 30.40
C3 BTB F . 9.05 9.81 30.12
O3 BTB F . 10.09 9.32 30.96
C4 BTB F . 7.94 7.68 30.81
O4 BTB F . 8.26 6.85 29.70
N BTB F . 6.86 9.14 29.12
C5 BTB F . 6.84 10.46 28.40
C6 BTB F . 7.52 10.34 27.06
O6 BTB F . 6.66 9.76 26.10
C7 BTB F . 5.55 8.38 29.20
C8 BTB F . 4.32 9.11 28.71
O8 BTB F . 3.91 10.10 29.64
C1 PGE G . -43.24 -0.39 -11.98
O1 PGE G . -43.82 0.88 -12.18
C2 PGE G . -42.21 -0.70 -13.04
O2 PGE G . -42.78 -0.49 -14.33
C3 PGE G . -41.93 -0.93 -15.38
C4 PGE G . -42.44 -0.41 -16.69
O4 PGE G . -46.50 0.65 -16.94
C6 PGE G . -45.29 1.05 -17.55
C5 PGE G . -44.43 -0.12 -17.96
O3 PGE G . -43.83 -0.71 -16.82
C1 BTB H . -27.86 -15.49 -0.65
O1 BTB H . -29.17 -14.99 -0.48
C2 BTB H . -27.82 -17.00 -0.92
C3 BTB H . -28.94 -17.72 -0.13
O3 BTB H . -28.93 -19.11 -0.42
C4 BTB H . -28.06 -17.21 -2.42
O4 BTB H . -29.36 -16.78 -2.81
N BTB H . -26.44 -17.46 -0.46
C5 BTB H . -26.27 -17.48 1.04
C6 BTB H . -24.86 -17.13 1.46
O6 BTB H . -24.86 -16.24 2.57
C7 BTB H . -25.85 -18.68 -1.10
C8 BTB H . -24.56 -18.38 -1.79
O8 BTB H . -24.52 -17.04 -2.25
OH2 1PE I . -18.51 6.14 -27.68
C12 1PE I . -18.41 5.69 -29.02
C22 1PE I . -17.35 4.65 -29.18
OH3 1PE I . -17.78 3.68 -30.14
C13 1PE I . -17.05 1.53 -29.39
C23 1PE I . -16.81 2.65 -30.36
OH4 1PE I . -16.06 0.51 -29.58
C14 1PE I . -15.24 -0.10 -27.42
C24 1PE I . -14.95 0.63 -28.70
OH5 1PE I . -14.75 0.65 -26.30
C15 1PE I . -15.34 2.08 -24.48
C25 1PE I . -15.61 1.71 -25.91
OH6 1PE I . -15.23 3.50 -24.36
C16 1PE I . -17.16 4.61 -25.25
C26 1PE I . -16.47 4.13 -24.01
OH7 1PE I . -18.24 5.46 -24.97
C1 BTB J . -12.48 27.65 -16.78
O1 BTB J . -13.01 26.66 -15.92
C2 BTB J . -10.97 27.49 -16.99
C3 BTB J . -10.77 26.26 -17.90
O3 BTB J . -11.25 25.08 -17.30
C4 BTB J . -10.42 28.71 -17.74
O4 BTB J . -9.01 28.63 -17.90
N BTB J . -10.15 27.51 -15.68
C5 BTB J . -10.86 27.95 -14.44
C6 BTB J . -10.08 28.99 -13.67
O6 BTB J . -9.41 28.41 -12.55
C7 BTB J . -9.08 26.45 -15.52
C8 BTB J . -8.99 25.79 -14.16
O8 BTB J . -10.06 24.89 -13.95
C1 BTB K . 12.38 6.08 -14.12
O1 BTB K . 12.18 7.37 -13.55
C2 BTB K . 13.12 6.18 -15.48
C3 BTB K . 13.51 4.76 -15.92
O3 BTB K . 13.93 4.72 -17.28
C4 BTB K . 12.11 6.75 -16.49
O4 BTB K . 11.77 8.09 -16.18
N BTB K . 14.34 7.07 -15.31
C5 BTB K . 15.35 6.58 -14.30
C6 BTB K . 15.81 7.66 -13.36
O6 BTB K . 14.74 8.53 -12.99
C7 BTB K . 15.02 7.50 -16.58
C8 BTB K . 15.36 8.97 -16.56
O8 BTB K . 14.36 9.71 -15.90
C1 PGE L . 16.21 8.08 -23.18
O1 PGE L . 16.70 9.08 -24.05
C2 PGE L . 16.04 8.57 -21.78
O2 PGE L . 14.97 7.88 -21.14
C3 PGE L . 15.28 6.54 -20.78
C4 PGE L . 14.23 5.60 -21.33
O4 PGE L . 15.65 3.27 -24.58
C6 PGE L . 14.74 4.15 -23.93
C5 PGE L . 14.24 3.60 -22.61
O3 PGE L . 14.81 4.32 -21.53
C1 BTB M . 11.43 2.29 -18.41
O1 BTB M . 11.68 0.90 -18.57
C2 BTB M . 9.96 2.64 -18.68
C3 BTB M . 9.11 1.97 -17.57
O3 BTB M . 9.00 0.57 -17.77
C4 BTB M . 9.79 4.16 -18.56
O4 BTB M . 10.53 4.85 -19.56
N BTB M . 9.46 2.13 -20.04
C5 BTB M . 10.43 2.26 -21.19
C6 BTB M . 10.61 0.96 -21.93
O6 BTB M . 10.59 -0.14 -21.05
C7 BTB M . 8.08 2.61 -20.41
C8 BTB M . 7.17 1.52 -20.94
O8 BTB M . 7.65 0.23 -20.57
#